data_1CUO
# 
_entry.id   1CUO 
# 
_audit_conform.dict_name       mmcif_pdbx.dic 
_audit_conform.dict_version    5.397 
_audit_conform.dict_location   http://mmcif.pdb.org/dictionaries/ascii/mmcif_pdbx.dic 
# 
loop_
_database_2.database_id 
_database_2.database_code 
_database_2.pdbx_database_accession 
_database_2.pdbx_DOI 
PDB   1CUO         pdb_00001cuo 10.2210/pdb1cuo/pdb 
RCSB  RCSB009552   ?            ?                   
WWPDB D_1000009552 ?            ?                   
# 
loop_
_pdbx_audit_revision_history.ordinal 
_pdbx_audit_revision_history.data_content_type 
_pdbx_audit_revision_history.major_revision 
_pdbx_audit_revision_history.minor_revision 
_pdbx_audit_revision_history.revision_date 
1 'Structure model' 1 0 2000-08-23 
2 'Structure model' 1 1 2008-04-27 
3 'Structure model' 1 2 2011-07-13 
4 'Structure model' 1 3 2024-10-16 
# 
_pdbx_audit_revision_details.ordinal             1 
_pdbx_audit_revision_details.revision_ordinal    1 
_pdbx_audit_revision_details.data_content_type   'Structure model' 
_pdbx_audit_revision_details.provider            repository 
_pdbx_audit_revision_details.type                'Initial release' 
_pdbx_audit_revision_details.description         ? 
_pdbx_audit_revision_details.details             ? 
# 
loop_
_pdbx_audit_revision_group.ordinal 
_pdbx_audit_revision_group.revision_ordinal 
_pdbx_audit_revision_group.data_content_type 
_pdbx_audit_revision_group.group 
1 2 'Structure model' 'Version format compliance' 
2 3 'Structure model' 'Version format compliance' 
3 4 'Structure model' 'Data collection'           
4 4 'Structure model' 'Database references'       
5 4 'Structure model' 'Derived calculations'      
6 4 'Structure model' 'Structure summary'         
# 
loop_
_pdbx_audit_revision_category.ordinal 
_pdbx_audit_revision_category.revision_ordinal 
_pdbx_audit_revision_category.data_content_type 
_pdbx_audit_revision_category.category 
1 4 'Structure model' chem_comp_atom            
2 4 'Structure model' chem_comp_bond            
3 4 'Structure model' database_2                
4 4 'Structure model' pdbx_entry_details        
5 4 'Structure model' pdbx_modification_feature 
6 4 'Structure model' pdbx_struct_conn_angle    
7 4 'Structure model' struct_conn               
8 4 'Structure model' struct_site               
# 
loop_
_pdbx_audit_revision_item.ordinal 
_pdbx_audit_revision_item.revision_ordinal 
_pdbx_audit_revision_item.data_content_type 
_pdbx_audit_revision_item.item 
1  4 'Structure model' '_database_2.pdbx_DOI'                        
2  4 'Structure model' '_database_2.pdbx_database_accession'         
3  4 'Structure model' '_pdbx_struct_conn_angle.ptnr1_auth_comp_id'  
4  4 'Structure model' '_pdbx_struct_conn_angle.ptnr1_auth_seq_id'   
5  4 'Structure model' '_pdbx_struct_conn_angle.ptnr1_label_atom_id' 
6  4 'Structure model' '_pdbx_struct_conn_angle.ptnr1_label_comp_id' 
7  4 'Structure model' '_pdbx_struct_conn_angle.ptnr1_label_seq_id'  
8  4 'Structure model' '_pdbx_struct_conn_angle.ptnr3_auth_comp_id'  
9  4 'Structure model' '_pdbx_struct_conn_angle.ptnr3_auth_seq_id'   
10 4 'Structure model' '_pdbx_struct_conn_angle.ptnr3_label_atom_id' 
11 4 'Structure model' '_pdbx_struct_conn_angle.ptnr3_label_comp_id' 
12 4 'Structure model' '_pdbx_struct_conn_angle.ptnr3_label_seq_id'  
13 4 'Structure model' '_pdbx_struct_conn_angle.value'               
14 4 'Structure model' '_struct_conn.pdbx_dist_value'                
15 4 'Structure model' '_struct_conn.ptnr1_auth_comp_id'             
16 4 'Structure model' '_struct_conn.ptnr1_auth_seq_id'              
17 4 'Structure model' '_struct_conn.ptnr1_label_asym_id'            
18 4 'Structure model' '_struct_conn.ptnr1_label_atom_id'            
19 4 'Structure model' '_struct_conn.ptnr1_label_comp_id'            
20 4 'Structure model' '_struct_conn.ptnr1_label_seq_id'             
21 4 'Structure model' '_struct_conn.ptnr2_auth_comp_id'             
22 4 'Structure model' '_struct_conn.ptnr2_auth_seq_id'              
23 4 'Structure model' '_struct_conn.ptnr2_label_asym_id'            
24 4 'Structure model' '_struct_conn.ptnr2_label_atom_id'            
25 4 'Structure model' '_struct_conn.ptnr2_label_comp_id'            
26 4 'Structure model' '_struct_conn.ptnr2_label_seq_id'             
27 4 'Structure model' '_struct_site.pdbx_auth_asym_id'              
28 4 'Structure model' '_struct_site.pdbx_auth_comp_id'              
29 4 'Structure model' '_struct_site.pdbx_auth_seq_id'               
# 
_pdbx_database_status.status_code                     REL 
_pdbx_database_status.entry_id                        1CUO 
_pdbx_database_status.recvd_initial_deposition_date   1999-08-21 
_pdbx_database_status.deposit_site                    RCSB 
_pdbx_database_status.process_site                    RCSB 
_pdbx_database_status.status_code_sf                  REL 
_pdbx_database_status.status_code_mr                  ? 
_pdbx_database_status.SG_entry                        ? 
_pdbx_database_status.pdb_format_compatible           Y 
_pdbx_database_status.status_code_cs                  ? 
_pdbx_database_status.status_code_nmr_data            ? 
_pdbx_database_status.methods_development_category    ? 
# 
loop_
_audit_author.name 
_audit_author.pdbx_ordinal 
'Inoue, T.'   1 
'Nishio, N.'  2 
'Kai, Y.'     3 
'Suzuki, S.'  4 
'Kataoka, K.' 5 
# 
loop_
_citation.id 
_citation.title 
_citation.journal_abbrev 
_citation.journal_volume 
_citation.page_first 
_citation.page_last 
_citation.year 
_citation.journal_id_ASTM 
_citation.country 
_citation.journal_id_ISSN 
_citation.journal_id_CSD 
_citation.book_publisher 
_citation.pdbx_database_id_PubMed 
_citation.pdbx_database_id_DOI 
primary 'The significance of the flexible loop in the azurin (Az-iso2) from the obligate methylotroph Methylomonas sp. strain J.' 
J.Mol.Biol.                333 117 124 2003 JMOBAK UK 0022-2836 0070 ? 14516747 10.1016/j.jmb.2003.08.002 
1       'Two distinct azurins function in the electron-transport chain of the obligate methylotroph Methylomonas J'               
Biochem.J.                 261 495 499 1989 BIJOAK UK 0264-6021 0043 ? ?        ?                         
2       'Crystallization and preliminary X-ray study of iso-2 azurin from the methylotrophic bacterium, Methylomonas J'           
'Acta Crystallogr.,Sect.D' 55  307 309 1999 ABCRE6 DK 0907-4449 0766 ? ?        10.1107/S0907444998014036 
# 
loop_
_citation_author.citation_id 
_citation_author.name 
_citation_author.ordinal 
_citation_author.identifier_ORCID 
primary 'Inoue, T.'     1  ? 
primary 'Suzuki, S.'    2  ? 
primary 'Nishio, N.'    3  ? 
primary 'Yamaguchi, K.' 4  ? 
primary 'Kataoka, K.'   5  ? 
primary 'Tobari, J.'    6  ? 
primary 'Yong, X.'      7  ? 
primary 'Hamanaka, S.'  8  ? 
primary 'Matsumura, H.' 9  ? 
primary 'Kai, Y.'       10 ? 
1       'Ambler, R.P.'  11 ? 
1       'Tobari, J.'    12 ? 
2       'Inoue, T.'     13 ? 
2       'Nishio, N.'    14 ? 
2       'Kai, Y.'       15 ? 
2       'Suzuki, S.'    16 ? 
2       'Kataoka, K.'   17 ? 
# 
loop_
_entity.id 
_entity.type 
_entity.src_method 
_entity.pdbx_description 
_entity.formula_weight 
_entity.pdbx_number_of_molecules 
_entity.pdbx_ec 
_entity.pdbx_mutation 
_entity.pdbx_fragment 
_entity.details 
1 polymer     nat 'PROTEIN (AZURIN ISO-2)' 13822.544 1  ? ? ? ? 
2 non-polymer syn 'COPPER (II) ION'        63.546    1  ? ? ? ? 
3 water       nat water                    18.015    82 ? ? ? ? 
# 
_entity_poly.entity_id                      1 
_entity_poly.type                           'polypeptide(L)' 
_entity_poly.nstd_linkage                   no 
_entity_poly.nstd_monomer                   no 
_entity_poly.pdbx_seq_one_letter_code       
;ASCETTVTSGDTMTYSTRSISVPASCAEFTVNFEHKGHMPKTGMGHNWVLAKSADVGDVAKEGAHAGADNNFVTPGDKRV
IAFTPIIGGGEKTSVKFKVSALSKDEAYTYFCSYPGHFSMMRGTLKLEE
;
_entity_poly.pdbx_seq_one_letter_code_can   
;ASCETTVTSGDTMTYSTRSISVPASCAEFTVNFEHKGHMPKTGMGHNWVLAKSADVGDVAKEGAHAGADNNFVTPGDKRV
IAFTPIIGGGEKTSVKFKVSALSKDEAYTYFCSYPGHFSMMRGTLKLEE
;
_entity_poly.pdbx_strand_id                 A 
_entity_poly.pdbx_target_identifier         ? 
# 
loop_
_pdbx_entity_nonpoly.entity_id 
_pdbx_entity_nonpoly.name 
_pdbx_entity_nonpoly.comp_id 
2 'COPPER (II) ION' CU  
3 water             HOH 
# 
loop_
_entity_poly_seq.entity_id 
_entity_poly_seq.num 
_entity_poly_seq.mon_id 
_entity_poly_seq.hetero 
1 1   ALA n 
1 2   SER n 
1 3   CYS n 
1 4   GLU n 
1 5   THR n 
1 6   THR n 
1 7   VAL n 
1 8   THR n 
1 9   SER n 
1 10  GLY n 
1 11  ASP n 
1 12  THR n 
1 13  MET n 
1 14  THR n 
1 15  TYR n 
1 16  SER n 
1 17  THR n 
1 18  ARG n 
1 19  SER n 
1 20  ILE n 
1 21  SER n 
1 22  VAL n 
1 23  PRO n 
1 24  ALA n 
1 25  SER n 
1 26  CYS n 
1 27  ALA n 
1 28  GLU n 
1 29  PHE n 
1 30  THR n 
1 31  VAL n 
1 32  ASN n 
1 33  PHE n 
1 34  GLU n 
1 35  HIS n 
1 36  LYS n 
1 37  GLY n 
1 38  HIS n 
1 39  MET n 
1 40  PRO n 
1 41  LYS n 
1 42  THR n 
1 43  GLY n 
1 44  MET n 
1 45  GLY n 
1 46  HIS n 
1 47  ASN n 
1 48  TRP n 
1 49  VAL n 
1 50  LEU n 
1 51  ALA n 
1 52  LYS n 
1 53  SER n 
1 54  ALA n 
1 55  ASP n 
1 56  VAL n 
1 57  GLY n 
1 58  ASP n 
1 59  VAL n 
1 60  ALA n 
1 61  LYS n 
1 62  GLU n 
1 63  GLY n 
1 64  ALA n 
1 65  HIS n 
1 66  ALA n 
1 67  GLY n 
1 68  ALA n 
1 69  ASP n 
1 70  ASN n 
1 71  ASN n 
1 72  PHE n 
1 73  VAL n 
1 74  THR n 
1 75  PRO n 
1 76  GLY n 
1 77  ASP n 
1 78  LYS n 
1 79  ARG n 
1 80  VAL n 
1 81  ILE n 
1 82  ALA n 
1 83  PHE n 
1 84  THR n 
1 85  PRO n 
1 86  ILE n 
1 87  ILE n 
1 88  GLY n 
1 89  GLY n 
1 90  GLY n 
1 91  GLU n 
1 92  LYS n 
1 93  THR n 
1 94  SER n 
1 95  VAL n 
1 96  LYS n 
1 97  PHE n 
1 98  LYS n 
1 99  VAL n 
1 100 SER n 
1 101 ALA n 
1 102 LEU n 
1 103 SER n 
1 104 LYS n 
1 105 ASP n 
1 106 GLU n 
1 107 ALA n 
1 108 TYR n 
1 109 THR n 
1 110 TYR n 
1 111 PHE n 
1 112 CYS n 
1 113 SER n 
1 114 TYR n 
1 115 PRO n 
1 116 GLY n 
1 117 HIS n 
1 118 PHE n 
1 119 SER n 
1 120 MET n 
1 121 MET n 
1 122 ARG n 
1 123 GLY n 
1 124 THR n 
1 125 LEU n 
1 126 LYS n 
1 127 LEU n 
1 128 GLU n 
1 129 GLU n 
# 
_entity_src_nat.entity_id                  1 
_entity_src_nat.pdbx_src_id                1 
_entity_src_nat.pdbx_alt_source_flag       sample 
_entity_src_nat.pdbx_beg_seq_num           ? 
_entity_src_nat.pdbx_end_seq_num           ? 
_entity_src_nat.common_name                ? 
_entity_src_nat.pdbx_organism_scientific   'Methylomonas sp. J' 
_entity_src_nat.pdbx_ncbi_taxonomy_id      32038 
_entity_src_nat.genus                      Methylomonas 
_entity_src_nat.species                    ? 
_entity_src_nat.strain                     ? 
_entity_src_nat.tissue                     ? 
_entity_src_nat.tissue_fraction            ? 
_entity_src_nat.pdbx_secretion             ? 
_entity_src_nat.pdbx_fragment              ? 
_entity_src_nat.pdbx_variant               ? 
_entity_src_nat.pdbx_cell_line             ? 
_entity_src_nat.pdbx_atcc                  ? 
_entity_src_nat.pdbx_cellular_location     ? 
_entity_src_nat.pdbx_organ                 ? 
_entity_src_nat.pdbx_organelle             ? 
_entity_src_nat.pdbx_cell                  ? 
_entity_src_nat.pdbx_plasmid_name          ? 
_entity_src_nat.pdbx_plasmid_details       ? 
_entity_src_nat.details                    ? 
# 
loop_
_chem_comp.id 
_chem_comp.type 
_chem_comp.mon_nstd_flag 
_chem_comp.name 
_chem_comp.pdbx_synonyms 
_chem_comp.formula 
_chem_comp.formula_weight 
ALA 'L-peptide linking' y ALANINE           ? 'C3 H7 N O2'     89.093  
ARG 'L-peptide linking' y ARGININE          ? 'C6 H15 N4 O2 1' 175.209 
ASN 'L-peptide linking' y ASPARAGINE        ? 'C4 H8 N2 O3'    132.118 
ASP 'L-peptide linking' y 'ASPARTIC ACID'   ? 'C4 H7 N O4'     133.103 
CU  non-polymer         . 'COPPER (II) ION' ? 'Cu 2'           63.546  
CYS 'L-peptide linking' y CYSTEINE          ? 'C3 H7 N O2 S'   121.158 
GLU 'L-peptide linking' y 'GLUTAMIC ACID'   ? 'C5 H9 N O4'     147.129 
GLY 'peptide linking'   y GLYCINE           ? 'C2 H5 N O2'     75.067  
HIS 'L-peptide linking' y HISTIDINE         ? 'C6 H10 N3 O2 1' 156.162 
HOH non-polymer         . WATER             ? 'H2 O'           18.015  
ILE 'L-peptide linking' y ISOLEUCINE        ? 'C6 H13 N O2'    131.173 
LEU 'L-peptide linking' y LEUCINE           ? 'C6 H13 N O2'    131.173 
LYS 'L-peptide linking' y LYSINE            ? 'C6 H15 N2 O2 1' 147.195 
MET 'L-peptide linking' y METHIONINE        ? 'C5 H11 N O2 S'  149.211 
PHE 'L-peptide linking' y PHENYLALANINE     ? 'C9 H11 N O2'    165.189 
PRO 'L-peptide linking' y PROLINE           ? 'C5 H9 N O2'     115.130 
SER 'L-peptide linking' y SERINE            ? 'C3 H7 N O3'     105.093 
THR 'L-peptide linking' y THREONINE         ? 'C4 H9 N O3'     119.119 
TRP 'L-peptide linking' y TRYPTOPHAN        ? 'C11 H12 N2 O2'  204.225 
TYR 'L-peptide linking' y TYROSINE          ? 'C9 H11 N O3'    181.189 
VAL 'L-peptide linking' y VALINE            ? 'C5 H11 N O2'    117.146 
# 
loop_
_pdbx_poly_seq_scheme.asym_id 
_pdbx_poly_seq_scheme.entity_id 
_pdbx_poly_seq_scheme.seq_id 
_pdbx_poly_seq_scheme.mon_id 
_pdbx_poly_seq_scheme.ndb_seq_num 
_pdbx_poly_seq_scheme.pdb_seq_num 
_pdbx_poly_seq_scheme.auth_seq_num 
_pdbx_poly_seq_scheme.pdb_mon_id 
_pdbx_poly_seq_scheme.auth_mon_id 
_pdbx_poly_seq_scheme.pdb_strand_id 
_pdbx_poly_seq_scheme.pdb_ins_code 
_pdbx_poly_seq_scheme.hetero 
A 1 1   ALA 1   1   1   ALA ALA A . n 
A 1 2   SER 2   2   2   SER SER A . n 
A 1 3   CYS 3   3   3   CYS CYS A . n 
A 1 4   GLU 4   4   4   GLU GLU A . n 
A 1 5   THR 5   5   5   THR THR A . n 
A 1 6   THR 6   6   6   THR THR A . n 
A 1 7   VAL 7   7   7   VAL VAL A . n 
A 1 8   THR 8   8   8   THR THR A . n 
A 1 9   SER 9   9   9   SER SER A . n 
A 1 10  GLY 10  10  10  GLY GLY A . n 
A 1 11  ASP 11  11  11  ASP ASP A . n 
A 1 12  THR 12  12  12  THR THR A . n 
A 1 13  MET 13  13  13  MET MET A . n 
A 1 14  THR 14  14  14  THR THR A . n 
A 1 15  TYR 15  15  15  TYR TYR A . n 
A 1 16  SER 16  16  16  SER SER A . n 
A 1 17  THR 17  17  17  THR THR A . n 
A 1 18  ARG 18  18  18  ARG ARG A . n 
A 1 19  SER 19  19  19  SER SER A . n 
A 1 20  ILE 20  20  20  ILE ILE A . n 
A 1 21  SER 21  21  21  SER SER A . n 
A 1 22  VAL 22  22  22  VAL VAL A . n 
A 1 23  PRO 23  23  23  PRO PRO A . n 
A 1 24  ALA 24  24  24  ALA ALA A . n 
A 1 25  SER 25  25  25  SER SER A . n 
A 1 26  CYS 26  26  26  CYS CYS A . n 
A 1 27  ALA 27  27  27  ALA ALA A . n 
A 1 28  GLU 28  28  28  GLU GLU A . n 
A 1 29  PHE 29  29  29  PHE PHE A . n 
A 1 30  THR 30  30  30  THR THR A . n 
A 1 31  VAL 31  31  31  VAL VAL A . n 
A 1 32  ASN 32  32  32  ASN ASN A . n 
A 1 33  PHE 33  33  33  PHE PHE A . n 
A 1 34  GLU 34  34  34  GLU GLU A . n 
A 1 35  HIS 35  35  35  HIS HIS A . n 
A 1 36  LYS 36  36  36  LYS LYS A . n 
A 1 37  GLY 37  37  37  GLY GLY A . n 
A 1 38  HIS 38  38  38  HIS HIS A . n 
A 1 39  MET 39  39  39  MET MET A . n 
A 1 40  PRO 40  40  40  PRO PRO A . n 
A 1 41  LYS 41  41  41  LYS LYS A . n 
A 1 42  THR 42  42  42  THR THR A . n 
A 1 43  GLY 43  43  43  GLY GLY A . n 
A 1 44  MET 44  44  44  MET MET A . n 
A 1 45  GLY 45  45  45  GLY GLY A . n 
A 1 46  HIS 46  46  46  HIS HIS A . n 
A 1 47  ASN 47  47  47  ASN ASN A . n 
A 1 48  TRP 48  48  48  TRP TRP A . n 
A 1 49  VAL 49  49  49  VAL VAL A . n 
A 1 50  LEU 50  50  50  LEU LEU A . n 
A 1 51  ALA 51  51  51  ALA ALA A . n 
A 1 52  LYS 52  52  52  LYS LYS A . n 
A 1 53  SER 53  53  53  SER SER A . n 
A 1 54  ALA 54  54  54  ALA ALA A . n 
A 1 55  ASP 55  55  55  ASP ASP A . n 
A 1 56  VAL 56  56  56  VAL VAL A . n 
A 1 57  GLY 57  57  57  GLY GLY A . n 
A 1 58  ASP 58  58  58  ASP ASP A . n 
A 1 59  VAL 59  59  59  VAL VAL A . n 
A 1 60  ALA 60  60  60  ALA ALA A . n 
A 1 61  LYS 61  61  61  LYS LYS A . n 
A 1 62  GLU 62  62  62  GLU GLU A . n 
A 1 63  GLY 63  63  63  GLY GLY A . n 
A 1 64  ALA 64  64  64  ALA ALA A . n 
A 1 65  HIS 65  65  65  HIS HIS A . n 
A 1 66  ALA 66  66  66  ALA ALA A . n 
A 1 67  GLY 67  67  67  GLY GLY A . n 
A 1 68  ALA 68  68  68  ALA ALA A . n 
A 1 69  ASP 69  69  69  ASP ASP A . n 
A 1 70  ASN 70  70  70  ASN ASN A . n 
A 1 71  ASN 71  71  71  ASN ASN A . n 
A 1 72  PHE 72  72  72  PHE PHE A . n 
A 1 73  VAL 73  73  73  VAL VAL A . n 
A 1 74  THR 74  74  74  THR THR A . n 
A 1 75  PRO 75  75  75  PRO PRO A . n 
A 1 76  GLY 76  76  76  GLY GLY A . n 
A 1 77  ASP 77  77  77  ASP ASP A . n 
A 1 78  LYS 78  78  78  LYS LYS A . n 
A 1 79  ARG 79  79  79  ARG ARG A . n 
A 1 80  VAL 80  80  80  VAL VAL A . n 
A 1 81  ILE 81  81  81  ILE ILE A . n 
A 1 82  ALA 82  82  82  ALA ALA A . n 
A 1 83  PHE 83  83  83  PHE PHE A . n 
A 1 84  THR 84  84  84  THR THR A . n 
A 1 85  PRO 85  85  85  PRO PRO A . n 
A 1 86  ILE 86  86  86  ILE ILE A . n 
A 1 87  ILE 87  87  87  ILE ILE A . n 
A 1 88  GLY 88  88  88  GLY GLY A . n 
A 1 89  GLY 89  89  89  GLY GLY A . n 
A 1 90  GLY 90  90  90  GLY GLY A . n 
A 1 91  GLU 91  91  91  GLU GLU A . n 
A 1 92  LYS 92  92  92  LYS LYS A . n 
A 1 93  THR 93  93  93  THR THR A . n 
A 1 94  SER 94  94  94  SER SER A . n 
A 1 95  VAL 95  95  95  VAL VAL A . n 
A 1 96  LYS 96  96  96  LYS LYS A . n 
A 1 97  PHE 97  97  97  PHE PHE A . n 
A 1 98  LYS 98  98  98  LYS LYS A . n 
A 1 99  VAL 99  99  99  VAL VAL A . n 
A 1 100 SER 100 100 100 SER SER A . n 
A 1 101 ALA 101 101 101 ALA ALA A . n 
A 1 102 LEU 102 102 102 LEU LEU A . n 
A 1 103 SER 103 103 103 SER SER A . n 
A 1 104 LYS 104 104 104 LYS LYS A . n 
A 1 105 ASP 105 105 105 ASP ASP A . n 
A 1 106 GLU 106 106 106 GLU GLU A . n 
A 1 107 ALA 107 107 107 ALA ALA A . n 
A 1 108 TYR 108 108 108 TYR TYR A . n 
A 1 109 THR 109 109 109 THR THR A . n 
A 1 110 TYR 110 110 110 TYR TYR A . n 
A 1 111 PHE 111 111 111 PHE PHE A . n 
A 1 112 CYS 112 112 112 CYS CYS A . n 
A 1 113 SER 113 113 113 SER SER A . n 
A 1 114 TYR 114 114 114 TYR TYR A . n 
A 1 115 PRO 115 115 115 PRO PRO A . n 
A 1 116 GLY 116 116 116 GLY GLY A . n 
A 1 117 HIS 117 117 117 HIS HIS A . n 
A 1 118 PHE 118 118 118 PHE PHE A . n 
A 1 119 SER 119 119 119 SER SER A . n 
A 1 120 MET 120 120 120 MET MET A . n 
A 1 121 MET 121 121 121 MET MET A . n 
A 1 122 ARG 122 122 122 ARG ARG A . n 
A 1 123 GLY 123 123 123 GLY GLY A . n 
A 1 124 THR 124 124 124 THR THR A . n 
A 1 125 LEU 125 125 125 LEU LEU A . n 
A 1 126 LYS 126 126 126 LYS LYS A . n 
A 1 127 LEU 127 127 127 LEU LEU A . n 
A 1 128 GLU 128 128 128 GLU GLU A . n 
A 1 129 GLU 129 129 129 GLU GLU A . n 
# 
loop_
_pdbx_nonpoly_scheme.asym_id 
_pdbx_nonpoly_scheme.entity_id 
_pdbx_nonpoly_scheme.mon_id 
_pdbx_nonpoly_scheme.ndb_seq_num 
_pdbx_nonpoly_scheme.pdb_seq_num 
_pdbx_nonpoly_scheme.auth_seq_num 
_pdbx_nonpoly_scheme.pdb_mon_id 
_pdbx_nonpoly_scheme.auth_mon_id 
_pdbx_nonpoly_scheme.pdb_strand_id 
_pdbx_nonpoly_scheme.pdb_ins_code 
B 2 CU  1  130 130 CU  CU  A . 
C 3 HOH 1  131 131 HOH HOH A . 
C 3 HOH 2  132 132 HOH HOH A . 
C 3 HOH 3  133 133 HOH HOH A . 
C 3 HOH 4  134 134 HOH HOH A . 
C 3 HOH 5  135 135 HOH HOH A . 
C 3 HOH 6  136 136 HOH HOH A . 
C 3 HOH 7  137 137 HOH HOH A . 
C 3 HOH 8  138 138 HOH HOH A . 
C 3 HOH 9  139 139 HOH HOH A . 
C 3 HOH 10 140 140 HOH HOH A . 
C 3 HOH 11 141 141 HOH HOH A . 
C 3 HOH 12 142 142 HOH HOH A . 
C 3 HOH 13 143 143 HOH HOH A . 
C 3 HOH 14 144 144 HOH HOH A . 
C 3 HOH 15 145 145 HOH HOH A . 
C 3 HOH 16 146 146 HOH HOH A . 
C 3 HOH 17 147 147 HOH HOH A . 
C 3 HOH 18 148 148 HOH HOH A . 
C 3 HOH 19 149 149 HOH HOH A . 
C 3 HOH 20 150 150 HOH HOH A . 
C 3 HOH 21 151 151 HOH HOH A . 
C 3 HOH 22 152 152 HOH HOH A . 
C 3 HOH 23 153 153 HOH HOH A . 
C 3 HOH 24 154 154 HOH HOH A . 
C 3 HOH 25 155 155 HOH HOH A . 
C 3 HOH 26 156 156 HOH HOH A . 
C 3 HOH 27 157 157 HOH HOH A . 
C 3 HOH 28 158 158 HOH HOH A . 
C 3 HOH 29 159 159 HOH HOH A . 
C 3 HOH 30 160 160 HOH HOH A . 
C 3 HOH 31 161 161 HOH HOH A . 
C 3 HOH 32 162 162 HOH HOH A . 
C 3 HOH 33 163 163 HOH HOH A . 
C 3 HOH 34 164 164 HOH HOH A . 
C 3 HOH 35 165 165 HOH HOH A . 
C 3 HOH 36 166 166 HOH HOH A . 
C 3 HOH 37 167 167 HOH HOH A . 
C 3 HOH 38 168 168 HOH HOH A . 
C 3 HOH 39 169 169 HOH HOH A . 
C 3 HOH 40 170 170 HOH HOH A . 
C 3 HOH 41 171 171 HOH HOH A . 
C 3 HOH 42 172 172 HOH HOH A . 
C 3 HOH 43 173 173 HOH HOH A . 
C 3 HOH 44 174 174 HOH HOH A . 
C 3 HOH 45 175 175 HOH HOH A . 
C 3 HOH 46 176 176 HOH HOH A . 
C 3 HOH 47 177 177 HOH HOH A . 
C 3 HOH 48 178 178 HOH HOH A . 
C 3 HOH 49 179 179 HOH HOH A . 
C 3 HOH 50 180 180 HOH HOH A . 
C 3 HOH 51 181 181 HOH HOH A . 
C 3 HOH 52 182 182 HOH HOH A . 
C 3 HOH 53 183 183 HOH HOH A . 
C 3 HOH 54 184 184 HOH HOH A . 
C 3 HOH 55 185 185 HOH HOH A . 
C 3 HOH 56 186 186 HOH HOH A . 
C 3 HOH 57 187 187 HOH HOH A . 
C 3 HOH 58 188 188 HOH HOH A . 
C 3 HOH 59 189 189 HOH HOH A . 
C 3 HOH 60 190 190 HOH HOH A . 
C 3 HOH 61 191 191 HOH HOH A . 
C 3 HOH 62 192 192 HOH HOH A . 
C 3 HOH 63 193 193 HOH HOH A . 
C 3 HOH 64 194 194 HOH HOH A . 
C 3 HOH 65 195 195 HOH HOH A . 
C 3 HOH 66 196 196 HOH HOH A . 
C 3 HOH 67 197 197 HOH HOH A . 
C 3 HOH 68 198 198 HOH HOH A . 
C 3 HOH 69 199 199 HOH HOH A . 
C 3 HOH 70 200 200 HOH HOH A . 
C 3 HOH 71 201 201 HOH HOH A . 
C 3 HOH 72 202 202 HOH HOH A . 
C 3 HOH 73 203 203 HOH HOH A . 
C 3 HOH 74 204 204 HOH HOH A . 
C 3 HOH 75 205 205 HOH HOH A . 
C 3 HOH 76 206 206 HOH HOH A . 
C 3 HOH 77 207 207 HOH HOH A . 
C 3 HOH 78 208 208 HOH HOH A . 
C 3 HOH 79 209 209 HOH HOH A . 
C 3 HOH 80 210 210 HOH HOH A . 
C 3 HOH 81 211 211 HOH HOH A . 
C 3 HOH 82 212 212 HOH HOH A . 
# 
loop_
_software.name 
_software.classification 
_software.version 
_software.citation_id 
_software.pdbx_ordinal 
DENZO     'data reduction' . ? 1 
SCALEPACK 'data scaling'   . ? 2 
AMoRE     phasing          . ? 3 
REFMAC    refinement       . ? 4 
# 
_cell.entry_id           1CUO 
_cell.length_a           32.960 
_cell.length_b           33.670 
_cell.length_c           47.340 
_cell.angle_alpha        90.00 
_cell.angle_beta         101.35 
_cell.angle_gamma        90.00 
_cell.Z_PDB              2 
_cell.pdbx_unique_axis   ? 
# 
_symmetry.entry_id                         1CUO 
_symmetry.space_group_name_H-M             'P 1 21 1' 
_symmetry.pdbx_full_space_group_name_H-M   ? 
_symmetry.cell_setting                     ? 
_symmetry.Int_Tables_number                4 
_symmetry.space_group_name_Hall            ? 
# 
_exptl.entry_id          1CUO 
_exptl.method            'X-RAY DIFFRACTION' 
_exptl.crystals_number   1 
# 
_exptl_crystal.id                    1 
_exptl_crystal.density_meas          ? 
_exptl_crystal.density_Matthews      1.86 
_exptl_crystal.density_percent_sol   33.98 
_exptl_crystal.description           ? 
_exptl_crystal.F_000                 ? 
_exptl_crystal.preparation           ? 
# 
_exptl_crystal_grow.crystal_id      1 
_exptl_crystal_grow.method          'VAPOR DIFFUSION, HANGING DROP' 
_exptl_crystal_grow.temp            298 
_exptl_crystal_grow.temp_details    ? 
_exptl_crystal_grow.pH              5.0 
_exptl_crystal_grow.pdbx_details    'PEG4000, SODIUM CACODYLATE, pH 5.0, VAPOR DIFFUSION, HANGING DROP, temperature 298K' 
_exptl_crystal_grow.pdbx_pH_range   . 
# 
_diffrn.id                     1 
_diffrn.ambient_temp           298.0 
_diffrn.ambient_temp_details   ? 
_diffrn.crystal_id             1 
# 
_diffrn_detector.diffrn_id              1 
_diffrn_detector.detector               'IMAGE PLATE' 
_diffrn_detector.type                   'RIGAKU RAXIS IIC' 
_diffrn_detector.pdbx_collection_date   1997-12-20 
_diffrn_detector.details                ? 
# 
_diffrn_radiation.diffrn_id                        1 
_diffrn_radiation.wavelength_id                    1 
_diffrn_radiation.pdbx_monochromatic_or_laue_m_l   M 
_diffrn_radiation.monochromator                    ? 
_diffrn_radiation.pdbx_diffrn_protocol             'SINGLE WAVELENGTH' 
_diffrn_radiation.pdbx_scattering_type             x-ray 
# 
_diffrn_radiation_wavelength.id           1 
_diffrn_radiation_wavelength.wavelength   1.54 
_diffrn_radiation_wavelength.wt           1.0 
# 
_diffrn_source.diffrn_id                   1 
_diffrn_source.source                      'ROTATING ANODE' 
_diffrn_source.type                        'RIGAKU RU300' 
_diffrn_source.pdbx_synchrotron_site       ? 
_diffrn_source.pdbx_synchrotron_beamline   ? 
_diffrn_source.pdbx_wavelength             1.54 
_diffrn_source.pdbx_wavelength_list        ? 
# 
_reflns.entry_id                     1CUO 
_reflns.observed_criterion_sigma_I   1.0 
_reflns.observed_criterion_sigma_F   1.0 
_reflns.d_resolution_low             19.7 
_reflns.d_resolution_high            1.6 
_reflns.number_obs                   12059 
_reflns.number_all                   34240 
_reflns.percent_possible_obs         88.2 
_reflns.pdbx_Rmerge_I_obs            0.053 
_reflns.pdbx_Rsym_value              ? 
_reflns.pdbx_netI_over_sigmaI        6.8 
_reflns.B_iso_Wilson_estimate        17.7 
_reflns.pdbx_redundancy              2.8 
_reflns.R_free_details               ? 
_reflns.limit_h_max                  ? 
_reflns.limit_h_min                  ? 
_reflns.limit_k_max                  ? 
_reflns.limit_k_min                  ? 
_reflns.limit_l_max                  ? 
_reflns.limit_l_min                  ? 
_reflns.observed_criterion_F_max     ? 
_reflns.observed_criterion_F_min     ? 
_reflns.pdbx_chi_squared             ? 
_reflns.pdbx_scaling_rejects         ? 
_reflns.pdbx_diffrn_id               1 
_reflns.pdbx_ordinal                 1 
# 
_reflns_shell.d_res_high             1.60 
_reflns_shell.d_res_low              1.63 
_reflns_shell.percent_possible_all   0.739 
_reflns_shell.Rmerge_I_obs           0.192 
_reflns_shell.pdbx_Rsym_value        ? 
_reflns_shell.meanI_over_sigI_obs    ? 
_reflns_shell.pdbx_redundancy        2.1 
_reflns_shell.percent_possible_obs   ? 
_reflns_shell.number_unique_all      ? 
_reflns_shell.number_measured_all    ? 
_reflns_shell.number_measured_obs    ? 
_reflns_shell.number_unique_obs      ? 
_reflns_shell.pdbx_chi_squared       ? 
_reflns_shell.pdbx_diffrn_id         ? 
_reflns_shell.pdbx_ordinal           1 
# 
_refine.entry_id                                 1CUO 
_refine.ls_number_reflns_obs                     11453 
_refine.ls_number_reflns_all                     12058 
_refine.pdbx_ls_sigma_I                          0.0 
_refine.pdbx_ls_sigma_F                          0.0 
_refine.pdbx_data_cutoff_high_absF               ? 
_refine.pdbx_data_cutoff_low_absF                ? 
_refine.pdbx_data_cutoff_high_rms_absF           ? 
_refine.ls_d_res_low                             19.7 
_refine.ls_d_res_high                            1.60 
_refine.ls_percent_reflns_obs                    88.2 
_refine.ls_R_factor_obs                          0.184 
_refine.ls_R_factor_all                          0.189 
_refine.ls_R_factor_R_work                       0.175 
_refine.ls_R_factor_R_free                       0.242 
_refine.ls_R_factor_R_free_error                 ? 
_refine.ls_R_factor_R_free_error_details         ? 
_refine.ls_percent_reflns_R_free                 ? 
_refine.ls_number_reflns_R_free                  589 
_refine.ls_number_parameters                     ? 
_refine.ls_number_restraints                     ? 
_refine.occupancy_min                            ? 
_refine.occupancy_max                            ? 
_refine.B_iso_mean                               ? 
_refine.aniso_B[1][1]                            ? 
_refine.aniso_B[2][2]                            ? 
_refine.aniso_B[3][3]                            ? 
_refine.aniso_B[1][2]                            ? 
_refine.aniso_B[1][3]                            ? 
_refine.aniso_B[2][3]                            ? 
_refine.solvent_model_details                    ? 
_refine.solvent_model_param_ksol                 ? 
_refine.solvent_model_param_bsol                 ? 
_refine.pdbx_ls_cross_valid_method               ? 
_refine.details                                  ? 
_refine.pdbx_starting_model                      ? 
_refine.pdbx_method_to_determine_struct          ? 
_refine.pdbx_isotropic_thermal_model             ? 
_refine.pdbx_stereochemistry_target_values       'Engh & Huber' 
_refine.pdbx_stereochem_target_val_spec_case     ? 
_refine.pdbx_R_Free_selection_details            RANDOM 
_refine.pdbx_overall_ESU_R                       ? 
_refine.pdbx_overall_ESU_R_Free                  ? 
_refine.overall_SU_ML                            ? 
_refine.overall_SU_B                             ? 
_refine.ls_redundancy_reflns_obs                 ? 
_refine.B_iso_min                                ? 
_refine.B_iso_max                                ? 
_refine.correlation_coeff_Fo_to_Fc               ? 
_refine.correlation_coeff_Fo_to_Fc_free          ? 
_refine.pdbx_solvent_vdw_probe_radii             ? 
_refine.pdbx_solvent_ion_probe_radii             ? 
_refine.pdbx_solvent_shrinkage_radii             ? 
_refine.overall_SU_R_Cruickshank_DPI             ? 
_refine.overall_SU_R_free                        ? 
_refine.ls_wR_factor_R_free                      ? 
_refine.ls_wR_factor_R_work                      ? 
_refine.overall_FOM_free_R_set                   ? 
_refine.overall_FOM_work_R_set                   ? 
_refine.pdbx_refine_id                           'X-RAY DIFFRACTION' 
_refine.pdbx_diffrn_id                           1 
_refine.pdbx_TLS_residual_ADP_flag               ? 
_refine.pdbx_overall_phase_error                 ? 
_refine.pdbx_overall_SU_R_free_Cruickshank_DPI   ? 
_refine.pdbx_overall_SU_R_Blow_DPI               ? 
_refine.pdbx_overall_SU_R_free_Blow_DPI          ? 
# 
_refine_hist.pdbx_refine_id                   'X-RAY DIFFRACTION' 
_refine_hist.cycle_id                         LAST 
_refine_hist.pdbx_number_atoms_protein        967 
_refine_hist.pdbx_number_atoms_nucleic_acid   0 
_refine_hist.pdbx_number_atoms_ligand         1 
_refine_hist.number_atoms_solvent             82 
_refine_hist.number_atoms_total               1050 
_refine_hist.d_res_high                       1.60 
_refine_hist.d_res_low                        19.7 
# 
loop_
_refine_ls_restr.type 
_refine_ls_restr.dev_ideal 
_refine_ls_restr.dev_ideal_target 
_refine_ls_restr.weight 
_refine_ls_restr.number 
_refine_ls_restr.pdbx_refine_id 
_refine_ls_restr.pdbx_restraint_function 
p_bond_d            0.011 ? ? ? 'X-RAY DIFFRACTION' ? 
p_angle_d           0.027 ? ? ? 'X-RAY DIFFRACTION' ? 
p_angle_deg         ?     ? ? ? 'X-RAY DIFFRACTION' ? 
p_planar_d          ?     ? ? ? 'X-RAY DIFFRACTION' ? 
p_hb_or_metal_coord ?     ? ? ? 'X-RAY DIFFRACTION' ? 
p_mcbond_it         ?     ? ? ? 'X-RAY DIFFRACTION' ? 
p_mcangle_it        ?     ? ? ? 'X-RAY DIFFRACTION' ? 
p_scbond_it         ?     ? ? ? 'X-RAY DIFFRACTION' ? 
p_scangle_it        ?     ? ? ? 'X-RAY DIFFRACTION' ? 
p_plane_restr       ?     ? ? ? 'X-RAY DIFFRACTION' ? 
p_chiral_restr      ?     ? ? ? 'X-RAY DIFFRACTION' ? 
p_singtor_nbd       ?     ? ? ? 'X-RAY DIFFRACTION' ? 
p_multtor_nbd       ?     ? ? ? 'X-RAY DIFFRACTION' ? 
p_xhyhbond_nbd      ?     ? ? ? 'X-RAY DIFFRACTION' ? 
p_xyhbond_nbd       ?     ? ? ? 'X-RAY DIFFRACTION' ? 
p_planar_tor        ?     ? ? ? 'X-RAY DIFFRACTION' ? 
p_staggered_tor     ?     ? ? ? 'X-RAY DIFFRACTION' ? 
p_orthonormal_tor   ?     ? ? ? 'X-RAY DIFFRACTION' ? 
p_transverse_tor    ?     ? ? ? 'X-RAY DIFFRACTION' ? 
p_special_tor       ?     ? ? ? 'X-RAY DIFFRACTION' ? 
# 
_struct.entry_id                  1CUO 
_struct.title                     'CRYSTAL STRUCTURE ANALYSIS OF ISOMER-2 AZURIN FROM METHYLOMONAS J' 
_struct.pdbx_model_details        ? 
_struct.pdbx_CASP_flag            ? 
_struct.pdbx_model_type_details   ? 
# 
_struct_keywords.entry_id        1CUO 
_struct_keywords.pdbx_keywords   'ELECTRON TRANSPORT' 
_struct_keywords.text            'BETA BARREL, periplasmic, electron transport' 
# 
loop_
_struct_asym.id 
_struct_asym.pdbx_blank_PDB_chainid_flag 
_struct_asym.pdbx_modified 
_struct_asym.entity_id 
_struct_asym.details 
A N N 1 ? 
B N N 2 ? 
C N N 3 ? 
# 
_struct_ref.id                         1 
_struct_ref.db_name                    UNP 
_struct_ref.db_code                    AZUR2_METJ 
_struct_ref.entity_id                  1 
_struct_ref.pdbx_db_accession          P12335 
_struct_ref.pdbx_align_begin           ? 
_struct_ref.pdbx_seq_one_letter_code   ? 
_struct_ref.pdbx_db_isoform            ? 
# 
_struct_ref_seq.align_id                      1 
_struct_ref_seq.ref_id                        1 
_struct_ref_seq.pdbx_PDB_id_code              1CUO 
_struct_ref_seq.pdbx_strand_id                A 
_struct_ref_seq.seq_align_beg                 1 
_struct_ref_seq.pdbx_seq_align_beg_ins_code   ? 
_struct_ref_seq.seq_align_end                 129 
_struct_ref_seq.pdbx_seq_align_end_ins_code   ? 
_struct_ref_seq.pdbx_db_accession             P12335 
_struct_ref_seq.db_align_beg                  1 
_struct_ref_seq.pdbx_db_align_beg_ins_code    ? 
_struct_ref_seq.db_align_end                  129 
_struct_ref_seq.pdbx_db_align_end_ins_code    ? 
_struct_ref_seq.pdbx_auth_seq_align_beg       1 
_struct_ref_seq.pdbx_auth_seq_align_end       129 
# 
_pdbx_struct_assembly.id                   1 
_pdbx_struct_assembly.details              author_defined_assembly 
_pdbx_struct_assembly.method_details       ? 
_pdbx_struct_assembly.oligomeric_details   monomeric 
_pdbx_struct_assembly.oligomeric_count     1 
# 
_pdbx_struct_assembly_gen.assembly_id       1 
_pdbx_struct_assembly_gen.oper_expression   1 
_pdbx_struct_assembly_gen.asym_id_list      A,B,C 
# 
_pdbx_struct_oper_list.id                   1 
_pdbx_struct_oper_list.type                 'identity operation' 
_pdbx_struct_oper_list.name                 1_555 
_pdbx_struct_oper_list.symmetry_operation   x,y,z 
_pdbx_struct_oper_list.matrix[1][1]         1.0000000000 
_pdbx_struct_oper_list.matrix[1][2]         0.0000000000 
_pdbx_struct_oper_list.matrix[1][3]         0.0000000000 
_pdbx_struct_oper_list.vector[1]            0.0000000000 
_pdbx_struct_oper_list.matrix[2][1]         0.0000000000 
_pdbx_struct_oper_list.matrix[2][2]         1.0000000000 
_pdbx_struct_oper_list.matrix[2][3]         0.0000000000 
_pdbx_struct_oper_list.vector[2]            0.0000000000 
_pdbx_struct_oper_list.matrix[3][1]         0.0000000000 
_pdbx_struct_oper_list.matrix[3][2]         0.0000000000 
_pdbx_struct_oper_list.matrix[3][3]         1.0000000000 
_pdbx_struct_oper_list.vector[3]            0.0000000000 
# 
_struct_biol.id                    1 
_struct_biol.pdbx_parent_biol_id   ? 
_struct_biol.details               ? 
# 
loop_
_struct_conf.conf_type_id 
_struct_conf.id 
_struct_conf.pdbx_PDB_helix_id 
_struct_conf.beg_label_comp_id 
_struct_conf.beg_label_asym_id 
_struct_conf.beg_label_seq_id 
_struct_conf.pdbx_beg_PDB_ins_code 
_struct_conf.end_label_comp_id 
_struct_conf.end_label_asym_id 
_struct_conf.end_label_seq_id 
_struct_conf.pdbx_end_PDB_ins_code 
_struct_conf.beg_auth_comp_id 
_struct_conf.beg_auth_asym_id 
_struct_conf.beg_auth_seq_id 
_struct_conf.end_auth_comp_id 
_struct_conf.end_auth_asym_id 
_struct_conf.end_auth_seq_id 
_struct_conf.pdbx_PDB_helix_class 
_struct_conf.details 
_struct_conf.pdbx_PDB_helix_length 
HELX_P HELX_P1 1 PRO A 40  ? GLY A 45  ? PRO A 40  GLY A 45  1 ? 6  
HELX_P HELX_P2 2 ASP A 55  ? HIS A 65  ? ASP A 55  HIS A 65  1 ? 11 
HELX_P HELX_P3 3 ALA A 66  ? ASN A 71  ? ALA A 66  ASN A 71  5 ? 6  
HELX_P HELX_P4 4 SER A 100 ? LEU A 102 ? SER A 100 LEU A 102 5 ? 3  
# 
_struct_conf_type.id          HELX_P 
_struct_conf_type.criteria    ? 
_struct_conf_type.reference   ? 
# 
loop_
_struct_conn.id 
_struct_conn.conn_type_id 
_struct_conn.pdbx_leaving_atom_flag 
_struct_conn.pdbx_PDB_id 
_struct_conn.ptnr1_label_asym_id 
_struct_conn.ptnr1_label_comp_id 
_struct_conn.ptnr1_label_seq_id 
_struct_conn.ptnr1_label_atom_id 
_struct_conn.pdbx_ptnr1_label_alt_id 
_struct_conn.pdbx_ptnr1_PDB_ins_code 
_struct_conn.pdbx_ptnr1_standard_comp_id 
_struct_conn.ptnr1_symmetry 
_struct_conn.ptnr2_label_asym_id 
_struct_conn.ptnr2_label_comp_id 
_struct_conn.ptnr2_label_seq_id 
_struct_conn.ptnr2_label_atom_id 
_struct_conn.pdbx_ptnr2_label_alt_id 
_struct_conn.pdbx_ptnr2_PDB_ins_code 
_struct_conn.ptnr1_auth_asym_id 
_struct_conn.ptnr1_auth_comp_id 
_struct_conn.ptnr1_auth_seq_id 
_struct_conn.ptnr2_auth_asym_id 
_struct_conn.ptnr2_auth_comp_id 
_struct_conn.ptnr2_auth_seq_id 
_struct_conn.ptnr2_symmetry 
_struct_conn.pdbx_ptnr3_label_atom_id 
_struct_conn.pdbx_ptnr3_label_seq_id 
_struct_conn.pdbx_ptnr3_label_comp_id 
_struct_conn.pdbx_ptnr3_label_asym_id 
_struct_conn.pdbx_ptnr3_label_alt_id 
_struct_conn.pdbx_ptnr3_PDB_ins_code 
_struct_conn.details 
_struct_conn.pdbx_dist_value 
_struct_conn.pdbx_value_order 
_struct_conn.pdbx_role 
disulf1 disulf ? ? A CYS 3   SG  ? ? ? 1_555 A CYS 26 SG ? ? A CYS 3   A CYS 26  1_555 ? ? ? ? ? ? ? 2.024 ? ? 
metalc1 metalc ? ? A HIS 46  ND1 ? ? ? 1_555 B CU  .  CU ? ? A HIS 46  A CU  130 1_555 ? ? ? ? ? ? ? 2.074 ? ? 
metalc2 metalc ? ? A CYS 112 SG  ? ? ? 1_555 B CU  .  CU ? ? A CYS 112 A CU  130 1_555 ? ? ? ? ? ? ? 2.033 ? ? 
metalc3 metalc ? ? A HIS 117 ND1 ? ? ? 1_555 B CU  .  CU ? ? A HIS 117 A CU  130 1_555 ? ? ? ? ? ? ? 2.051 ? ? 
# 
loop_
_struct_conn_type.id 
_struct_conn_type.criteria 
_struct_conn_type.reference 
disulf ? ? 
metalc ? ? 
# 
loop_
_pdbx_struct_conn_angle.id 
_pdbx_struct_conn_angle.ptnr1_label_atom_id 
_pdbx_struct_conn_angle.ptnr1_label_alt_id 
_pdbx_struct_conn_angle.ptnr1_label_asym_id 
_pdbx_struct_conn_angle.ptnr1_label_comp_id 
_pdbx_struct_conn_angle.ptnr1_label_seq_id 
_pdbx_struct_conn_angle.ptnr1_auth_atom_id 
_pdbx_struct_conn_angle.ptnr1_auth_asym_id 
_pdbx_struct_conn_angle.ptnr1_auth_comp_id 
_pdbx_struct_conn_angle.ptnr1_auth_seq_id 
_pdbx_struct_conn_angle.ptnr1_PDB_ins_code 
_pdbx_struct_conn_angle.ptnr1_symmetry 
_pdbx_struct_conn_angle.ptnr2_label_atom_id 
_pdbx_struct_conn_angle.ptnr2_label_alt_id 
_pdbx_struct_conn_angle.ptnr2_label_asym_id 
_pdbx_struct_conn_angle.ptnr2_label_comp_id 
_pdbx_struct_conn_angle.ptnr2_label_seq_id 
_pdbx_struct_conn_angle.ptnr2_auth_atom_id 
_pdbx_struct_conn_angle.ptnr2_auth_asym_id 
_pdbx_struct_conn_angle.ptnr2_auth_comp_id 
_pdbx_struct_conn_angle.ptnr2_auth_seq_id 
_pdbx_struct_conn_angle.ptnr2_PDB_ins_code 
_pdbx_struct_conn_angle.ptnr2_symmetry 
_pdbx_struct_conn_angle.ptnr3_label_atom_id 
_pdbx_struct_conn_angle.ptnr3_label_alt_id 
_pdbx_struct_conn_angle.ptnr3_label_asym_id 
_pdbx_struct_conn_angle.ptnr3_label_comp_id 
_pdbx_struct_conn_angle.ptnr3_label_seq_id 
_pdbx_struct_conn_angle.ptnr3_auth_atom_id 
_pdbx_struct_conn_angle.ptnr3_auth_asym_id 
_pdbx_struct_conn_angle.ptnr3_auth_comp_id 
_pdbx_struct_conn_angle.ptnr3_auth_seq_id 
_pdbx_struct_conn_angle.ptnr3_PDB_ins_code 
_pdbx_struct_conn_angle.ptnr3_symmetry 
_pdbx_struct_conn_angle.value 
_pdbx_struct_conn_angle.value_esd 
1 ND1 ? A HIS 46  ? A HIS 46  ? 1_555 CU ? B CU . ? A CU 130 ? 1_555 SG  ? A CYS 112 ? A CYS 112 ? 1_555 137.4 ? 
2 ND1 ? A HIS 46  ? A HIS 46  ? 1_555 CU ? B CU . ? A CU 130 ? 1_555 ND1 ? A HIS 117 ? A HIS 117 ? 1_555 102.9 ? 
3 SG  ? A CYS 112 ? A CYS 112 ? 1_555 CU ? B CU . ? A CU 130 ? 1_555 ND1 ? A HIS 117 ? A HIS 117 ? 1_555 115.7 ? 
# 
_pdbx_modification_feature.ordinal                            1 
_pdbx_modification_feature.label_comp_id                      CYS 
_pdbx_modification_feature.label_asym_id                      A 
_pdbx_modification_feature.label_seq_id                       3 
_pdbx_modification_feature.label_alt_id                       ? 
_pdbx_modification_feature.modified_residue_label_comp_id     CYS 
_pdbx_modification_feature.modified_residue_label_asym_id     A 
_pdbx_modification_feature.modified_residue_label_seq_id      26 
_pdbx_modification_feature.modified_residue_label_alt_id      ? 
_pdbx_modification_feature.auth_comp_id                       CYS 
_pdbx_modification_feature.auth_asym_id                       A 
_pdbx_modification_feature.auth_seq_id                        3 
_pdbx_modification_feature.PDB_ins_code                       ? 
_pdbx_modification_feature.symmetry                           1_555 
_pdbx_modification_feature.modified_residue_auth_comp_id      CYS 
_pdbx_modification_feature.modified_residue_auth_asym_id      A 
_pdbx_modification_feature.modified_residue_auth_seq_id       26 
_pdbx_modification_feature.modified_residue_PDB_ins_code      ? 
_pdbx_modification_feature.modified_residue_symmetry          1_555 
_pdbx_modification_feature.comp_id_linking_atom               SG 
_pdbx_modification_feature.modified_residue_id_linking_atom   SG 
_pdbx_modification_feature.modified_residue_id                . 
_pdbx_modification_feature.ref_pcm_id                         . 
_pdbx_modification_feature.ref_comp_id                        . 
_pdbx_modification_feature.type                               None 
_pdbx_modification_feature.category                           'Disulfide bridge' 
# 
loop_
_struct_sheet.id 
_struct_sheet.type 
_struct_sheet.number_strands 
_struct_sheet.details 
A ? 3 ? 
B ? 5 ? 
# 
loop_
_struct_sheet_order.sheet_id 
_struct_sheet_order.range_id_1 
_struct_sheet_order.range_id_2 
_struct_sheet_order.offset 
_struct_sheet_order.sense 
A 1 2 ? parallel      
A 2 3 ? anti-parallel 
B 1 2 ? parallel      
B 2 3 ? anti-parallel 
B 3 4 ? anti-parallel 
B 4 5 ? anti-parallel 
# 
loop_
_struct_sheet_range.sheet_id 
_struct_sheet_range.id 
_struct_sheet_range.beg_label_comp_id 
_struct_sheet_range.beg_label_asym_id 
_struct_sheet_range.beg_label_seq_id 
_struct_sheet_range.pdbx_beg_PDB_ins_code 
_struct_sheet_range.end_label_comp_id 
_struct_sheet_range.end_label_asym_id 
_struct_sheet_range.end_label_seq_id 
_struct_sheet_range.pdbx_end_PDB_ins_code 
_struct_sheet_range.beg_auth_comp_id 
_struct_sheet_range.beg_auth_asym_id 
_struct_sheet_range.beg_auth_seq_id 
_struct_sheet_range.end_auth_comp_id 
_struct_sheet_range.end_auth_asym_id 
_struct_sheet_range.end_auth_seq_id 
A 1 GLU A 4   ? SER A 9   ? GLU A 4   SER A 9   
A 2 GLU A 28  ? HIS A 35  ? GLU A 28  HIS A 35  
A 3 LYS A 92  ? LYS A 98  ? LYS A 92  LYS A 98  
B 1 SER A 19  ? PRO A 23  ? SER A 19  PRO A 23  
B 2 ARG A 122 ? GLU A 128 ? ARG A 122 GLU A 128 
B 3 TYR A 108 ? PHE A 111 ? TYR A 108 PHE A 111 
B 4 VAL A 49  ? LYS A 52  ? VAL A 49  LYS A 52  
B 5 ALA A 82  ? PHE A 83  ? ALA A 82  PHE A 83  
# 
loop_
_pdbx_struct_sheet_hbond.sheet_id 
_pdbx_struct_sheet_hbond.range_id_1 
_pdbx_struct_sheet_hbond.range_id_2 
_pdbx_struct_sheet_hbond.range_1_label_atom_id 
_pdbx_struct_sheet_hbond.range_1_label_comp_id 
_pdbx_struct_sheet_hbond.range_1_label_asym_id 
_pdbx_struct_sheet_hbond.range_1_label_seq_id 
_pdbx_struct_sheet_hbond.range_1_PDB_ins_code 
_pdbx_struct_sheet_hbond.range_1_auth_atom_id 
_pdbx_struct_sheet_hbond.range_1_auth_comp_id 
_pdbx_struct_sheet_hbond.range_1_auth_asym_id 
_pdbx_struct_sheet_hbond.range_1_auth_seq_id 
_pdbx_struct_sheet_hbond.range_2_label_atom_id 
_pdbx_struct_sheet_hbond.range_2_label_comp_id 
_pdbx_struct_sheet_hbond.range_2_label_asym_id 
_pdbx_struct_sheet_hbond.range_2_label_seq_id 
_pdbx_struct_sheet_hbond.range_2_PDB_ins_code 
_pdbx_struct_sheet_hbond.range_2_auth_atom_id 
_pdbx_struct_sheet_hbond.range_2_auth_comp_id 
_pdbx_struct_sheet_hbond.range_2_auth_asym_id 
_pdbx_struct_sheet_hbond.range_2_auth_seq_id 
A 1 2 N THR A 5   ? N THR A 5   O THR A 30  ? O THR A 30  
A 2 3 N PHE A 33  ? N PHE A 33  O THR A 93  ? O THR A 93  
B 1 2 N ILE A 20  ? N ILE A 20  O THR A 124 ? O THR A 124 
B 2 3 N LEU A 125 ? N LEU A 125 O TYR A 108 ? O TYR A 108 
B 3 4 O PHE A 111 ? O PHE A 111 N VAL A 49  ? N VAL A 49  
B 4 5 N LEU A 50  ? N LEU A 50  O ALA A 82  ? O ALA A 82  
# 
_struct_site.id                   AC1 
_struct_site.pdbx_evidence_code   Software 
_struct_site.pdbx_auth_asym_id    A 
_struct_site.pdbx_auth_comp_id    CU 
_struct_site.pdbx_auth_seq_id     130 
_struct_site.pdbx_auth_ins_code   ? 
_struct_site.pdbx_num_residues    5 
_struct_site.details              'BINDING SITE FOR RESIDUE CU A 130' 
# 
loop_
_struct_site_gen.id 
_struct_site_gen.site_id 
_struct_site_gen.pdbx_num_res 
_struct_site_gen.label_comp_id 
_struct_site_gen.label_asym_id 
_struct_site_gen.label_seq_id 
_struct_site_gen.pdbx_auth_ins_code 
_struct_site_gen.auth_comp_id 
_struct_site_gen.auth_asym_id 
_struct_site_gen.auth_seq_id 
_struct_site_gen.label_atom_id 
_struct_site_gen.label_alt_id 
_struct_site_gen.symmetry 
_struct_site_gen.details 
1 AC1 5 GLY A 45  ? GLY A 45  . ? 1_555 ? 
2 AC1 5 HIS A 46  ? HIS A 46  . ? 1_555 ? 
3 AC1 5 CYS A 112 ? CYS A 112 . ? 1_555 ? 
4 AC1 5 HIS A 117 ? HIS A 117 . ? 1_555 ? 
5 AC1 5 MET A 121 ? MET A 121 . ? 1_555 ? 
# 
_pdbx_entry_details.entry_id                   1CUO 
_pdbx_entry_details.compound_details           ? 
_pdbx_entry_details.source_details             ? 
_pdbx_entry_details.nonpolymer_details         ? 
_pdbx_entry_details.sequence_details           ? 
_pdbx_entry_details.has_ligand_of_interest     ? 
_pdbx_entry_details.has_protein_modification   Y 
# 
loop_
_pdbx_validate_torsion.id 
_pdbx_validate_torsion.PDB_model_num 
_pdbx_validate_torsion.auth_comp_id 
_pdbx_validate_torsion.auth_asym_id 
_pdbx_validate_torsion.auth_seq_id 
_pdbx_validate_torsion.PDB_ins_code 
_pdbx_validate_torsion.label_alt_id 
_pdbx_validate_torsion.phi 
_pdbx_validate_torsion.psi 
1 1 MET A 13 ? ? -109.08 48.47 
2 1 MET A 44 ? ? -140.99 38.81 
# 
loop_
_chem_comp_atom.comp_id 
_chem_comp_atom.atom_id 
_chem_comp_atom.type_symbol 
_chem_comp_atom.pdbx_aromatic_flag 
_chem_comp_atom.pdbx_stereo_config 
_chem_comp_atom.pdbx_ordinal 
ALA N    N  N N 1   
ALA CA   C  N S 2   
ALA C    C  N N 3   
ALA O    O  N N 4   
ALA CB   C  N N 5   
ALA OXT  O  N N 6   
ALA H    H  N N 7   
ALA H2   H  N N 8   
ALA HA   H  N N 9   
ALA HB1  H  N N 10  
ALA HB2  H  N N 11  
ALA HB3  H  N N 12  
ALA HXT  H  N N 13  
ARG N    N  N N 14  
ARG CA   C  N S 15  
ARG C    C  N N 16  
ARG O    O  N N 17  
ARG CB   C  N N 18  
ARG CG   C  N N 19  
ARG CD   C  N N 20  
ARG NE   N  N N 21  
ARG CZ   C  N N 22  
ARG NH1  N  N N 23  
ARG NH2  N  N N 24  
ARG OXT  O  N N 25  
ARG H    H  N N 26  
ARG H2   H  N N 27  
ARG HA   H  N N 28  
ARG HB2  H  N N 29  
ARG HB3  H  N N 30  
ARG HG2  H  N N 31  
ARG HG3  H  N N 32  
ARG HD2  H  N N 33  
ARG HD3  H  N N 34  
ARG HE   H  N N 35  
ARG HH11 H  N N 36  
ARG HH12 H  N N 37  
ARG HH21 H  N N 38  
ARG HH22 H  N N 39  
ARG HXT  H  N N 40  
ASN N    N  N N 41  
ASN CA   C  N S 42  
ASN C    C  N N 43  
ASN O    O  N N 44  
ASN CB   C  N N 45  
ASN CG   C  N N 46  
ASN OD1  O  N N 47  
ASN ND2  N  N N 48  
ASN OXT  O  N N 49  
ASN H    H  N N 50  
ASN H2   H  N N 51  
ASN HA   H  N N 52  
ASN HB2  H  N N 53  
ASN HB3  H  N N 54  
ASN HD21 H  N N 55  
ASN HD22 H  N N 56  
ASN HXT  H  N N 57  
ASP N    N  N N 58  
ASP CA   C  N S 59  
ASP C    C  N N 60  
ASP O    O  N N 61  
ASP CB   C  N N 62  
ASP CG   C  N N 63  
ASP OD1  O  N N 64  
ASP OD2  O  N N 65  
ASP OXT  O  N N 66  
ASP H    H  N N 67  
ASP H2   H  N N 68  
ASP HA   H  N N 69  
ASP HB2  H  N N 70  
ASP HB3  H  N N 71  
ASP HD2  H  N N 72  
ASP HXT  H  N N 73  
CU  CU   CU N N 74  
CYS N    N  N N 75  
CYS CA   C  N R 76  
CYS C    C  N N 77  
CYS O    O  N N 78  
CYS CB   C  N N 79  
CYS SG   S  N N 80  
CYS OXT  O  N N 81  
CYS H    H  N N 82  
CYS H2   H  N N 83  
CYS HA   H  N N 84  
CYS HB2  H  N N 85  
CYS HB3  H  N N 86  
CYS HG   H  N N 87  
CYS HXT  H  N N 88  
GLU N    N  N N 89  
GLU CA   C  N S 90  
GLU C    C  N N 91  
GLU O    O  N N 92  
GLU CB   C  N N 93  
GLU CG   C  N N 94  
GLU CD   C  N N 95  
GLU OE1  O  N N 96  
GLU OE2  O  N N 97  
GLU OXT  O  N N 98  
GLU H    H  N N 99  
GLU H2   H  N N 100 
GLU HA   H  N N 101 
GLU HB2  H  N N 102 
GLU HB3  H  N N 103 
GLU HG2  H  N N 104 
GLU HG3  H  N N 105 
GLU HE2  H  N N 106 
GLU HXT  H  N N 107 
GLY N    N  N N 108 
GLY CA   C  N N 109 
GLY C    C  N N 110 
GLY O    O  N N 111 
GLY OXT  O  N N 112 
GLY H    H  N N 113 
GLY H2   H  N N 114 
GLY HA2  H  N N 115 
GLY HA3  H  N N 116 
GLY HXT  H  N N 117 
HIS N    N  N N 118 
HIS CA   C  N S 119 
HIS C    C  N N 120 
HIS O    O  N N 121 
HIS CB   C  N N 122 
HIS CG   C  Y N 123 
HIS ND1  N  Y N 124 
HIS CD2  C  Y N 125 
HIS CE1  C  Y N 126 
HIS NE2  N  Y N 127 
HIS OXT  O  N N 128 
HIS H    H  N N 129 
HIS H2   H  N N 130 
HIS HA   H  N N 131 
HIS HB2  H  N N 132 
HIS HB3  H  N N 133 
HIS HD1  H  N N 134 
HIS HD2  H  N N 135 
HIS HE1  H  N N 136 
HIS HE2  H  N N 137 
HIS HXT  H  N N 138 
HOH O    O  N N 139 
HOH H1   H  N N 140 
HOH H2   H  N N 141 
ILE N    N  N N 142 
ILE CA   C  N S 143 
ILE C    C  N N 144 
ILE O    O  N N 145 
ILE CB   C  N S 146 
ILE CG1  C  N N 147 
ILE CG2  C  N N 148 
ILE CD1  C  N N 149 
ILE OXT  O  N N 150 
ILE H    H  N N 151 
ILE H2   H  N N 152 
ILE HA   H  N N 153 
ILE HB   H  N N 154 
ILE HG12 H  N N 155 
ILE HG13 H  N N 156 
ILE HG21 H  N N 157 
ILE HG22 H  N N 158 
ILE HG23 H  N N 159 
ILE HD11 H  N N 160 
ILE HD12 H  N N 161 
ILE HD13 H  N N 162 
ILE HXT  H  N N 163 
LEU N    N  N N 164 
LEU CA   C  N S 165 
LEU C    C  N N 166 
LEU O    O  N N 167 
LEU CB   C  N N 168 
LEU CG   C  N N 169 
LEU CD1  C  N N 170 
LEU CD2  C  N N 171 
LEU OXT  O  N N 172 
LEU H    H  N N 173 
LEU H2   H  N N 174 
LEU HA   H  N N 175 
LEU HB2  H  N N 176 
LEU HB3  H  N N 177 
LEU HG   H  N N 178 
LEU HD11 H  N N 179 
LEU HD12 H  N N 180 
LEU HD13 H  N N 181 
LEU HD21 H  N N 182 
LEU HD22 H  N N 183 
LEU HD23 H  N N 184 
LEU HXT  H  N N 185 
LYS N    N  N N 186 
LYS CA   C  N S 187 
LYS C    C  N N 188 
LYS O    O  N N 189 
LYS CB   C  N N 190 
LYS CG   C  N N 191 
LYS CD   C  N N 192 
LYS CE   C  N N 193 
LYS NZ   N  N N 194 
LYS OXT  O  N N 195 
LYS H    H  N N 196 
LYS H2   H  N N 197 
LYS HA   H  N N 198 
LYS HB2  H  N N 199 
LYS HB3  H  N N 200 
LYS HG2  H  N N 201 
LYS HG3  H  N N 202 
LYS HD2  H  N N 203 
LYS HD3  H  N N 204 
LYS HE2  H  N N 205 
LYS HE3  H  N N 206 
LYS HZ1  H  N N 207 
LYS HZ2  H  N N 208 
LYS HZ3  H  N N 209 
LYS HXT  H  N N 210 
MET N    N  N N 211 
MET CA   C  N S 212 
MET C    C  N N 213 
MET O    O  N N 214 
MET CB   C  N N 215 
MET CG   C  N N 216 
MET SD   S  N N 217 
MET CE   C  N N 218 
MET OXT  O  N N 219 
MET H    H  N N 220 
MET H2   H  N N 221 
MET HA   H  N N 222 
MET HB2  H  N N 223 
MET HB3  H  N N 224 
MET HG2  H  N N 225 
MET HG3  H  N N 226 
MET HE1  H  N N 227 
MET HE2  H  N N 228 
MET HE3  H  N N 229 
MET HXT  H  N N 230 
PHE N    N  N N 231 
PHE CA   C  N S 232 
PHE C    C  N N 233 
PHE O    O  N N 234 
PHE CB   C  N N 235 
PHE CG   C  Y N 236 
PHE CD1  C  Y N 237 
PHE CD2  C  Y N 238 
PHE CE1  C  Y N 239 
PHE CE2  C  Y N 240 
PHE CZ   C  Y N 241 
PHE OXT  O  N N 242 
PHE H    H  N N 243 
PHE H2   H  N N 244 
PHE HA   H  N N 245 
PHE HB2  H  N N 246 
PHE HB3  H  N N 247 
PHE HD1  H  N N 248 
PHE HD2  H  N N 249 
PHE HE1  H  N N 250 
PHE HE2  H  N N 251 
PHE HZ   H  N N 252 
PHE HXT  H  N N 253 
PRO N    N  N N 254 
PRO CA   C  N S 255 
PRO C    C  N N 256 
PRO O    O  N N 257 
PRO CB   C  N N 258 
PRO CG   C  N N 259 
PRO CD   C  N N 260 
PRO OXT  O  N N 261 
PRO H    H  N N 262 
PRO HA   H  N N 263 
PRO HB2  H  N N 264 
PRO HB3  H  N N 265 
PRO HG2  H  N N 266 
PRO HG3  H  N N 267 
PRO HD2  H  N N 268 
PRO HD3  H  N N 269 
PRO HXT  H  N N 270 
SER N    N  N N 271 
SER CA   C  N S 272 
SER C    C  N N 273 
SER O    O  N N 274 
SER CB   C  N N 275 
SER OG   O  N N 276 
SER OXT  O  N N 277 
SER H    H  N N 278 
SER H2   H  N N 279 
SER HA   H  N N 280 
SER HB2  H  N N 281 
SER HB3  H  N N 282 
SER HG   H  N N 283 
SER HXT  H  N N 284 
THR N    N  N N 285 
THR CA   C  N S 286 
THR C    C  N N 287 
THR O    O  N N 288 
THR CB   C  N R 289 
THR OG1  O  N N 290 
THR CG2  C  N N 291 
THR OXT  O  N N 292 
THR H    H  N N 293 
THR H2   H  N N 294 
THR HA   H  N N 295 
THR HB   H  N N 296 
THR HG1  H  N N 297 
THR HG21 H  N N 298 
THR HG22 H  N N 299 
THR HG23 H  N N 300 
THR HXT  H  N N 301 
TRP N    N  N N 302 
TRP CA   C  N S 303 
TRP C    C  N N 304 
TRP O    O  N N 305 
TRP CB   C  N N 306 
TRP CG   C  Y N 307 
TRP CD1  C  Y N 308 
TRP CD2  C  Y N 309 
TRP NE1  N  Y N 310 
TRP CE2  C  Y N 311 
TRP CE3  C  Y N 312 
TRP CZ2  C  Y N 313 
TRP CZ3  C  Y N 314 
TRP CH2  C  Y N 315 
TRP OXT  O  N N 316 
TRP H    H  N N 317 
TRP H2   H  N N 318 
TRP HA   H  N N 319 
TRP HB2  H  N N 320 
TRP HB3  H  N N 321 
TRP HD1  H  N N 322 
TRP HE1  H  N N 323 
TRP HE3  H  N N 324 
TRP HZ2  H  N N 325 
TRP HZ3  H  N N 326 
TRP HH2  H  N N 327 
TRP HXT  H  N N 328 
TYR N    N  N N 329 
TYR CA   C  N S 330 
TYR C    C  N N 331 
TYR O    O  N N 332 
TYR CB   C  N N 333 
TYR CG   C  Y N 334 
TYR CD1  C  Y N 335 
TYR CD2  C  Y N 336 
TYR CE1  C  Y N 337 
TYR CE2  C  Y N 338 
TYR CZ   C  Y N 339 
TYR OH   O  N N 340 
TYR OXT  O  N N 341 
TYR H    H  N N 342 
TYR H2   H  N N 343 
TYR HA   H  N N 344 
TYR HB2  H  N N 345 
TYR HB3  H  N N 346 
TYR HD1  H  N N 347 
TYR HD2  H  N N 348 
TYR HE1  H  N N 349 
TYR HE2  H  N N 350 
TYR HH   H  N N 351 
TYR HXT  H  N N 352 
VAL N    N  N N 353 
VAL CA   C  N S 354 
VAL C    C  N N 355 
VAL O    O  N N 356 
VAL CB   C  N N 357 
VAL CG1  C  N N 358 
VAL CG2  C  N N 359 
VAL OXT  O  N N 360 
VAL H    H  N N 361 
VAL H2   H  N N 362 
VAL HA   H  N N 363 
VAL HB   H  N N 364 
VAL HG11 H  N N 365 
VAL HG12 H  N N 366 
VAL HG13 H  N N 367 
VAL HG21 H  N N 368 
VAL HG22 H  N N 369 
VAL HG23 H  N N 370 
VAL HXT  H  N N 371 
# 
loop_
_chem_comp_bond.comp_id 
_chem_comp_bond.atom_id_1 
_chem_comp_bond.atom_id_2 
_chem_comp_bond.value_order 
_chem_comp_bond.pdbx_aromatic_flag 
_chem_comp_bond.pdbx_stereo_config 
_chem_comp_bond.pdbx_ordinal 
ALA N   CA   sing N N 1   
ALA N   H    sing N N 2   
ALA N   H2   sing N N 3   
ALA CA  C    sing N N 4   
ALA CA  CB   sing N N 5   
ALA CA  HA   sing N N 6   
ALA C   O    doub N N 7   
ALA C   OXT  sing N N 8   
ALA CB  HB1  sing N N 9   
ALA CB  HB2  sing N N 10  
ALA CB  HB3  sing N N 11  
ALA OXT HXT  sing N N 12  
ARG N   CA   sing N N 13  
ARG N   H    sing N N 14  
ARG N   H2   sing N N 15  
ARG CA  C    sing N N 16  
ARG CA  CB   sing N N 17  
ARG CA  HA   sing N N 18  
ARG C   O    doub N N 19  
ARG C   OXT  sing N N 20  
ARG CB  CG   sing N N 21  
ARG CB  HB2  sing N N 22  
ARG CB  HB3  sing N N 23  
ARG CG  CD   sing N N 24  
ARG CG  HG2  sing N N 25  
ARG CG  HG3  sing N N 26  
ARG CD  NE   sing N N 27  
ARG CD  HD2  sing N N 28  
ARG CD  HD3  sing N N 29  
ARG NE  CZ   sing N N 30  
ARG NE  HE   sing N N 31  
ARG CZ  NH1  sing N N 32  
ARG CZ  NH2  doub N N 33  
ARG NH1 HH11 sing N N 34  
ARG NH1 HH12 sing N N 35  
ARG NH2 HH21 sing N N 36  
ARG NH2 HH22 sing N N 37  
ARG OXT HXT  sing N N 38  
ASN N   CA   sing N N 39  
ASN N   H    sing N N 40  
ASN N   H2   sing N N 41  
ASN CA  C    sing N N 42  
ASN CA  CB   sing N N 43  
ASN CA  HA   sing N N 44  
ASN C   O    doub N N 45  
ASN C   OXT  sing N N 46  
ASN CB  CG   sing N N 47  
ASN CB  HB2  sing N N 48  
ASN CB  HB3  sing N N 49  
ASN CG  OD1  doub N N 50  
ASN CG  ND2  sing N N 51  
ASN ND2 HD21 sing N N 52  
ASN ND2 HD22 sing N N 53  
ASN OXT HXT  sing N N 54  
ASP N   CA   sing N N 55  
ASP N   H    sing N N 56  
ASP N   H2   sing N N 57  
ASP CA  C    sing N N 58  
ASP CA  CB   sing N N 59  
ASP CA  HA   sing N N 60  
ASP C   O    doub N N 61  
ASP C   OXT  sing N N 62  
ASP CB  CG   sing N N 63  
ASP CB  HB2  sing N N 64  
ASP CB  HB3  sing N N 65  
ASP CG  OD1  doub N N 66  
ASP CG  OD2  sing N N 67  
ASP OD2 HD2  sing N N 68  
ASP OXT HXT  sing N N 69  
CYS N   CA   sing N N 70  
CYS N   H    sing N N 71  
CYS N   H2   sing N N 72  
CYS CA  C    sing N N 73  
CYS CA  CB   sing N N 74  
CYS CA  HA   sing N N 75  
CYS C   O    doub N N 76  
CYS C   OXT  sing N N 77  
CYS CB  SG   sing N N 78  
CYS CB  HB2  sing N N 79  
CYS CB  HB3  sing N N 80  
CYS SG  HG   sing N N 81  
CYS OXT HXT  sing N N 82  
GLU N   CA   sing N N 83  
GLU N   H    sing N N 84  
GLU N   H2   sing N N 85  
GLU CA  C    sing N N 86  
GLU CA  CB   sing N N 87  
GLU CA  HA   sing N N 88  
GLU C   O    doub N N 89  
GLU C   OXT  sing N N 90  
GLU CB  CG   sing N N 91  
GLU CB  HB2  sing N N 92  
GLU CB  HB3  sing N N 93  
GLU CG  CD   sing N N 94  
GLU CG  HG2  sing N N 95  
GLU CG  HG3  sing N N 96  
GLU CD  OE1  doub N N 97  
GLU CD  OE2  sing N N 98  
GLU OE2 HE2  sing N N 99  
GLU OXT HXT  sing N N 100 
GLY N   CA   sing N N 101 
GLY N   H    sing N N 102 
GLY N   H2   sing N N 103 
GLY CA  C    sing N N 104 
GLY CA  HA2  sing N N 105 
GLY CA  HA3  sing N N 106 
GLY C   O    doub N N 107 
GLY C   OXT  sing N N 108 
GLY OXT HXT  sing N N 109 
HIS N   CA   sing N N 110 
HIS N   H    sing N N 111 
HIS N   H2   sing N N 112 
HIS CA  C    sing N N 113 
HIS CA  CB   sing N N 114 
HIS CA  HA   sing N N 115 
HIS C   O    doub N N 116 
HIS C   OXT  sing N N 117 
HIS CB  CG   sing N N 118 
HIS CB  HB2  sing N N 119 
HIS CB  HB3  sing N N 120 
HIS CG  ND1  sing Y N 121 
HIS CG  CD2  doub Y N 122 
HIS ND1 CE1  doub Y N 123 
HIS ND1 HD1  sing N N 124 
HIS CD2 NE2  sing Y N 125 
HIS CD2 HD2  sing N N 126 
HIS CE1 NE2  sing Y N 127 
HIS CE1 HE1  sing N N 128 
HIS NE2 HE2  sing N N 129 
HIS OXT HXT  sing N N 130 
HOH O   H1   sing N N 131 
HOH O   H2   sing N N 132 
ILE N   CA   sing N N 133 
ILE N   H    sing N N 134 
ILE N   H2   sing N N 135 
ILE CA  C    sing N N 136 
ILE CA  CB   sing N N 137 
ILE CA  HA   sing N N 138 
ILE C   O    doub N N 139 
ILE C   OXT  sing N N 140 
ILE CB  CG1  sing N N 141 
ILE CB  CG2  sing N N 142 
ILE CB  HB   sing N N 143 
ILE CG1 CD1  sing N N 144 
ILE CG1 HG12 sing N N 145 
ILE CG1 HG13 sing N N 146 
ILE CG2 HG21 sing N N 147 
ILE CG2 HG22 sing N N 148 
ILE CG2 HG23 sing N N 149 
ILE CD1 HD11 sing N N 150 
ILE CD1 HD12 sing N N 151 
ILE CD1 HD13 sing N N 152 
ILE OXT HXT  sing N N 153 
LEU N   CA   sing N N 154 
LEU N   H    sing N N 155 
LEU N   H2   sing N N 156 
LEU CA  C    sing N N 157 
LEU CA  CB   sing N N 158 
LEU CA  HA   sing N N 159 
LEU C   O    doub N N 160 
LEU C   OXT  sing N N 161 
LEU CB  CG   sing N N 162 
LEU CB  HB2  sing N N 163 
LEU CB  HB3  sing N N 164 
LEU CG  CD1  sing N N 165 
LEU CG  CD2  sing N N 166 
LEU CG  HG   sing N N 167 
LEU CD1 HD11 sing N N 168 
LEU CD1 HD12 sing N N 169 
LEU CD1 HD13 sing N N 170 
LEU CD2 HD21 sing N N 171 
LEU CD2 HD22 sing N N 172 
LEU CD2 HD23 sing N N 173 
LEU OXT HXT  sing N N 174 
LYS N   CA   sing N N 175 
LYS N   H    sing N N 176 
LYS N   H2   sing N N 177 
LYS CA  C    sing N N 178 
LYS CA  CB   sing N N 179 
LYS CA  HA   sing N N 180 
LYS C   O    doub N N 181 
LYS C   OXT  sing N N 182 
LYS CB  CG   sing N N 183 
LYS CB  HB2  sing N N 184 
LYS CB  HB3  sing N N 185 
LYS CG  CD   sing N N 186 
LYS CG  HG2  sing N N 187 
LYS CG  HG3  sing N N 188 
LYS CD  CE   sing N N 189 
LYS CD  HD2  sing N N 190 
LYS CD  HD3  sing N N 191 
LYS CE  NZ   sing N N 192 
LYS CE  HE2  sing N N 193 
LYS CE  HE3  sing N N 194 
LYS NZ  HZ1  sing N N 195 
LYS NZ  HZ2  sing N N 196 
LYS NZ  HZ3  sing N N 197 
LYS OXT HXT  sing N N 198 
MET N   CA   sing N N 199 
MET N   H    sing N N 200 
MET N   H2   sing N N 201 
MET CA  C    sing N N 202 
MET CA  CB   sing N N 203 
MET CA  HA   sing N N 204 
MET C   O    doub N N 205 
MET C   OXT  sing N N 206 
MET CB  CG   sing N N 207 
MET CB  HB2  sing N N 208 
MET CB  HB3  sing N N 209 
MET CG  SD   sing N N 210 
MET CG  HG2  sing N N 211 
MET CG  HG3  sing N N 212 
MET SD  CE   sing N N 213 
MET CE  HE1  sing N N 214 
MET CE  HE2  sing N N 215 
MET CE  HE3  sing N N 216 
MET OXT HXT  sing N N 217 
PHE N   CA   sing N N 218 
PHE N   H    sing N N 219 
PHE N   H2   sing N N 220 
PHE CA  C    sing N N 221 
PHE CA  CB   sing N N 222 
PHE CA  HA   sing N N 223 
PHE C   O    doub N N 224 
PHE C   OXT  sing N N 225 
PHE CB  CG   sing N N 226 
PHE CB  HB2  sing N N 227 
PHE CB  HB3  sing N N 228 
PHE CG  CD1  doub Y N 229 
PHE CG  CD2  sing Y N 230 
PHE CD1 CE1  sing Y N 231 
PHE CD1 HD1  sing N N 232 
PHE CD2 CE2  doub Y N 233 
PHE CD2 HD2  sing N N 234 
PHE CE1 CZ   doub Y N 235 
PHE CE1 HE1  sing N N 236 
PHE CE2 CZ   sing Y N 237 
PHE CE2 HE2  sing N N 238 
PHE CZ  HZ   sing N N 239 
PHE OXT HXT  sing N N 240 
PRO N   CA   sing N N 241 
PRO N   CD   sing N N 242 
PRO N   H    sing N N 243 
PRO CA  C    sing N N 244 
PRO CA  CB   sing N N 245 
PRO CA  HA   sing N N 246 
PRO C   O    doub N N 247 
PRO C   OXT  sing N N 248 
PRO CB  CG   sing N N 249 
PRO CB  HB2  sing N N 250 
PRO CB  HB3  sing N N 251 
PRO CG  CD   sing N N 252 
PRO CG  HG2  sing N N 253 
PRO CG  HG3  sing N N 254 
PRO CD  HD2  sing N N 255 
PRO CD  HD3  sing N N 256 
PRO OXT HXT  sing N N 257 
SER N   CA   sing N N 258 
SER N   H    sing N N 259 
SER N   H2   sing N N 260 
SER CA  C    sing N N 261 
SER CA  CB   sing N N 262 
SER CA  HA   sing N N 263 
SER C   O    doub N N 264 
SER C   OXT  sing N N 265 
SER CB  OG   sing N N 266 
SER CB  HB2  sing N N 267 
SER CB  HB3  sing N N 268 
SER OG  HG   sing N N 269 
SER OXT HXT  sing N N 270 
THR N   CA   sing N N 271 
THR N   H    sing N N 272 
THR N   H2   sing N N 273 
THR CA  C    sing N N 274 
THR CA  CB   sing N N 275 
THR CA  HA   sing N N 276 
THR C   O    doub N N 277 
THR C   OXT  sing N N 278 
THR CB  OG1  sing N N 279 
THR CB  CG2  sing N N 280 
THR CB  HB   sing N N 281 
THR OG1 HG1  sing N N 282 
THR CG2 HG21 sing N N 283 
THR CG2 HG22 sing N N 284 
THR CG2 HG23 sing N N 285 
THR OXT HXT  sing N N 286 
TRP N   CA   sing N N 287 
TRP N   H    sing N N 288 
TRP N   H2   sing N N 289 
TRP CA  C    sing N N 290 
TRP CA  CB   sing N N 291 
TRP CA  HA   sing N N 292 
TRP C   O    doub N N 293 
TRP C   OXT  sing N N 294 
TRP CB  CG   sing N N 295 
TRP CB  HB2  sing N N 296 
TRP CB  HB3  sing N N 297 
TRP CG  CD1  doub Y N 298 
TRP CG  CD2  sing Y N 299 
TRP CD1 NE1  sing Y N 300 
TRP CD1 HD1  sing N N 301 
TRP CD2 CE2  doub Y N 302 
TRP CD2 CE3  sing Y N 303 
TRP NE1 CE2  sing Y N 304 
TRP NE1 HE1  sing N N 305 
TRP CE2 CZ2  sing Y N 306 
TRP CE3 CZ3  doub Y N 307 
TRP CE3 HE3  sing N N 308 
TRP CZ2 CH2  doub Y N 309 
TRP CZ2 HZ2  sing N N 310 
TRP CZ3 CH2  sing Y N 311 
TRP CZ3 HZ3  sing N N 312 
TRP CH2 HH2  sing N N 313 
TRP OXT HXT  sing N N 314 
TYR N   CA   sing N N 315 
TYR N   H    sing N N 316 
TYR N   H2   sing N N 317 
TYR CA  C    sing N N 318 
TYR CA  CB   sing N N 319 
TYR CA  HA   sing N N 320 
TYR C   O    doub N N 321 
TYR C   OXT  sing N N 322 
TYR CB  CG   sing N N 323 
TYR CB  HB2  sing N N 324 
TYR CB  HB3  sing N N 325 
TYR CG  CD1  doub Y N 326 
TYR CG  CD2  sing Y N 327 
TYR CD1 CE1  sing Y N 328 
TYR CD1 HD1  sing N N 329 
TYR CD2 CE2  doub Y N 330 
TYR CD2 HD2  sing N N 331 
TYR CE1 CZ   doub Y N 332 
TYR CE1 HE1  sing N N 333 
TYR CE2 CZ   sing Y N 334 
TYR CE2 HE2  sing N N 335 
TYR CZ  OH   sing N N 336 
TYR OH  HH   sing N N 337 
TYR OXT HXT  sing N N 338 
VAL N   CA   sing N N 339 
VAL N   H    sing N N 340 
VAL N   H2   sing N N 341 
VAL CA  C    sing N N 342 
VAL CA  CB   sing N N 343 
VAL CA  HA   sing N N 344 
VAL C   O    doub N N 345 
VAL C   OXT  sing N N 346 
VAL CB  CG1  sing N N 347 
VAL CB  CG2  sing N N 348 
VAL CB  HB   sing N N 349 
VAL CG1 HG11 sing N N 350 
VAL CG1 HG12 sing N N 351 
VAL CG1 HG13 sing N N 352 
VAL CG2 HG21 sing N N 353 
VAL CG2 HG22 sing N N 354 
VAL CG2 HG23 sing N N 355 
VAL OXT HXT  sing N N 356 
# 
_atom_sites.entry_id                    1CUO 
_atom_sites.fract_transf_matrix[1][1]   0.00032253 
_atom_sites.fract_transf_matrix[1][2]   0.01722320 
_atom_sites.fract_transf_matrix[1][3]   0.02570722 
_atom_sites.fract_transf_matrix[2][1]   -0.00975039 
_atom_sites.fract_transf_matrix[2][2]   -0.02324986 
_atom_sites.fract_transf_matrix[2][3]   0.01569917 
_atom_sites.fract_transf_matrix[3][1]   0.02000050 
_atom_sites.fract_transf_matrix[3][2]   -0.00351829 
_atom_sites.fract_transf_matrix[3][3]   0.00721140 
_atom_sites.fract_transf_vector[1]      0.252873 
_atom_sites.fract_transf_vector[2]      0.000577 
_atom_sites.fract_transf_vector[3]      0.266532 
# 
loop_
_atom_type.symbol 
C  
CU 
N  
O  
S  
# 
loop_
_atom_site.group_PDB 
_atom_site.id 
_atom_site.type_symbol 
_atom_site.label_atom_id 
_atom_site.label_alt_id 
_atom_site.label_comp_id 
_atom_site.label_asym_id 
_atom_site.label_entity_id 
_atom_site.label_seq_id 
_atom_site.pdbx_PDB_ins_code 
_atom_site.Cartn_x 
_atom_site.Cartn_y 
_atom_site.Cartn_z 
_atom_site.occupancy 
_atom_site.B_iso_or_equiv 
_atom_site.pdbx_formal_charge 
_atom_site.auth_seq_id 
_atom_site.auth_comp_id 
_atom_site.auth_asym_id 
_atom_site.auth_atom_id 
_atom_site.pdbx_PDB_model_num 
ATOM   1    N  N   . ALA A 1 1   ? -15.344 14.435  5.440   1.00 35.13 ? 1   ALA A N   1 
ATOM   2    C  CA  . ALA A 1 1   ? -14.175 15.265  5.051   1.00 33.15 ? 1   ALA A CA  1 
ATOM   3    C  C   . ALA A 1 1   ? -12.974 14.863  5.910   1.00 32.21 ? 1   ALA A C   1 
ATOM   4    O  O   . ALA A 1 1   ? -12.173 15.699  6.322   1.00 33.71 ? 1   ALA A O   1 
ATOM   5    C  CB  . ALA A 1 1   ? -14.399 16.761  5.154   1.00 33.63 ? 1   ALA A CB  1 
ATOM   6    N  N   . SER A 1 2   ? -12.923 13.562  6.172   1.00 29.45 ? 2   SER A N   1 
ATOM   7    C  CA  . SER A 1 2   ? -11.760 13.020  6.890   1.00 25.58 ? 2   SER A CA  1 
ATOM   8    C  C   . SER A 1 2   ? -10.722 12.711  5.815   1.00 23.36 ? 2   SER A C   1 
ATOM   9    O  O   . SER A 1 2   ? -11.007 12.078  4.786   1.00 25.39 ? 2   SER A O   1 
ATOM   10   C  CB  . SER A 1 2   ? -12.126 11.818  7.740   1.00 26.93 ? 2   SER A CB  1 
ATOM   11   O  OG  . SER A 1 2   ? -11.025 10.958  7.995   1.00 28.19 ? 2   SER A OG  1 
ATOM   12   N  N   . CYS A 1 3   ? -9.477  13.115  6.102   1.00 19.80 ? 3   CYS A N   1 
ATOM   13   C  CA  . CYS A 1 3   ? -8.403  12.901  5.127   1.00 17.19 ? 3   CYS A CA  1 
ATOM   14   C  C   . CYS A 1 3   ? -7.374  11.888  5.633   1.00 16.17 ? 3   CYS A C   1 
ATOM   15   O  O   . CYS A 1 3   ? -6.196  11.984  5.345   1.00 16.17 ? 3   CYS A O   1 
ATOM   16   C  CB  . CYS A 1 3   ? -7.756  14.254  4.841   1.00 17.90 ? 3   CYS A CB  1 
ATOM   17   S  SG  . CYS A 1 3   ? -8.884  15.478  4.121   1.00 18.62 ? 3   CYS A SG  1 
ATOM   18   N  N   . GLU A 1 4   ? -7.896  10.955  6.425   1.00 16.66 ? 4   GLU A N   1 
ATOM   19   C  CA  . GLU A 1 4   ? -7.036  9.898   6.998   1.00 17.73 ? 4   GLU A CA  1 
ATOM   20   C  C   . GLU A 1 4   ? -7.878  8.632   7.112   1.00 18.28 ? 4   GLU A C   1 
ATOM   21   O  O   . GLU A 1 4   ? -9.101  8.713   7.234   1.00 20.15 ? 4   GLU A O   1 
ATOM   22   C  CB  . GLU A 1 4   ? -6.563  10.334  8.376   1.00 20.81 ? 4   GLU A CB  1 
ATOM   23   C  CG  . GLU A 1 4   ? -5.590  9.465   9.142   1.00 28.76 ? 4   GLU A CG  1 
ATOM   24   C  CD  . GLU A 1 4   ? -5.315  10.024  10.531  1.00 30.99 ? 4   GLU A CD  1 
ATOM   25   O  OE1 . GLU A 1 4   ? -6.250  10.590  11.151  1.00 32.49 ? 4   GLU A OE1 1 
ATOM   26   O  OE2 . GLU A 1 4   ? -4.163  9.892   11.009  1.00 33.29 ? 4   GLU A OE2 1 
ATOM   27   N  N   . THR A 1 5   ? -7.206  7.493   6.985   1.00 15.98 ? 5   THR A N   1 
ATOM   28   C  CA  . THR A 1 5   ? -7.883  6.226   7.135   1.00 15.38 ? 5   THR A CA  1 
ATOM   29   C  C   . THR A 1 5   ? -6.873  5.235   7.736   1.00 15.44 ? 5   THR A C   1 
ATOM   30   O  O   . THR A 1 5   ? -5.694  5.527   7.690   1.00 15.23 ? 5   THR A O   1 
ATOM   31   C  CB  . THR A 1 5   ? -8.481  5.655   5.850   1.00 17.49 ? 5   THR A CB  1 
ATOM   32   O  OG1 . THR A 1 5   ? -9.393  4.612   6.259   1.00 20.60 ? 5   THR A OG1 1 
ATOM   33   C  CG2 . THR A 1 5   ? -7.467  5.092   4.881   1.00 16.90 ? 5   THR A CG2 1 
ATOM   34   N  N   . THR A 1 6   ? -7.402  4.197   8.360   1.00 14.91 ? 6   THR A N   1 
ATOM   35   C  CA  . THR A 1 6   ? -6.514  3.196   8.958   1.00 14.54 ? 6   THR A CA  1 
ATOM   36   C  C   . THR A 1 6   ? -6.814  1.840   8.333   1.00 15.08 ? 6   THR A C   1 
ATOM   37   O  O   . THR A 1 6   ? -7.995  1.431   8.235   1.00 16.07 ? 6   THR A O   1 
ATOM   38   C  CB  . THR A 1 6   ? -6.742  3.140   10.469  1.00 15.17 ? 6   THR A CB  1 
ATOM   39   O  OG1 . THR A 1 6   ? -6.356  4.391   11.043  1.00 15.93 ? 6   THR A OG1 1 
ATOM   40   C  CG2 . THR A 1 6   ? -5.928  2.009   11.098  1.00 15.73 ? 6   THR A CG2 1 
ATOM   41   N  N   . VAL A 1 7   ? -5.762  1.176   7.873   1.00 10.80 ? 7   VAL A N   1 
ATOM   42   C  CA  . VAL A 1 7   ? -5.855  -0.140  7.265   1.00 12.76 ? 7   VAL A CA  1 
ATOM   43   C  C   . VAL A 1 7   ? -5.048  -1.081  8.168   1.00 14.47 ? 7   VAL A C   1 
ATOM   44   O  O   . VAL A 1 7   ? -3.912  -0.749  8.515   1.00 15.75 ? 7   VAL A O   1 
ATOM   45   C  CB  . VAL A 1 7   ? -5.230  -0.165  5.854   1.00 13.83 ? 7   VAL A CB  1 
ATOM   46   C  CG1 . VAL A 1 7   ? -5.150  -1.563  5.271   1.00 14.94 ? 7   VAL A CG1 1 
ATOM   47   C  CG2 . VAL A 1 7   ? -5.945  0.820   4.922   1.00 15.80 ? 7   VAL A CG2 1 
ATOM   48   N  N   . THR A 1 8   ? -5.623  -2.198  8.569   1.00 13.34 ? 8   THR A N   1 
ATOM   49   C  CA  . THR A 1 8   ? -4.859  -3.158  9.380   1.00 14.54 ? 8   THR A CA  1 
ATOM   50   C  C   . THR A 1 8   ? -4.664  -4.445  8.621   1.00 14.74 ? 8   THR A C   1 
ATOM   51   O  O   . THR A 1 8   ? -5.291  -4.821  7.630   1.00 16.02 ? 8   THR A O   1 
ATOM   52   C  CB  . THR A 1 8   ? -5.499  -3.442  10.756  1.00 17.67 ? 8   THR A CB  1 
ATOM   53   O  OG1 . THR A 1 8   ? -6.693  -4.185  10.551  1.00 21.21 ? 8   THR A OG1 1 
ATOM   54   C  CG2 . THR A 1 8   ? -5.831  -2.153  11.479  1.00 18.97 ? 8   THR A CG2 1 
ATOM   55   N  N   . SER A 1 9   ? -3.662  -5.188  9.101   1.00 14.23 ? 9   SER A N   1 
ATOM   56   C  CA  . SER A 1 9   ? -3.237  -6.471  8.579   1.00 14.52 ? 9   SER A CA  1 
ATOM   57   C  C   . SER A 1 9   ? -2.843  -7.328  9.790   1.00 14.04 ? 9   SER A C   1 
ATOM   58   O  O   . SER A 1 9   ? -2.830  -6.848  10.915  1.00 14.89 ? 9   SER A O   1 
ATOM   59   C  CB  . SER A 1 9   ? -2.060  -6.352  7.619   1.00 17.41 ? 9   SER A CB  1 
ATOM   60   O  OG  . SER A 1 9   ? -0.895  -5.840  8.299   1.00 20.24 ? 9   SER A OG  1 
ATOM   61   N  N   . GLY A 1 10  ? -2.566  -8.597  9.550   1.00 16.41 ? 10  GLY A N   1 
ATOM   62   C  CA  . GLY A 1 10  ? -2.198  -9.436  10.718  1.00 14.88 ? 10  GLY A CA  1 
ATOM   63   C  C   . GLY A 1 10  ? -1.418  -10.590 10.154  1.00 15.33 ? 10  GLY A C   1 
ATOM   64   O  O   . GLY A 1 10  ? -0.680  -10.492 9.164   1.00 18.09 ? 10  GLY A O   1 
ATOM   65   N  N   . ASP A 1 11  ? -1.592  -11.775 10.769  1.00 15.03 ? 11  ASP A N   1 
ATOM   66   C  CA  . ASP A 1 11  ? -0.845  -12.934 10.344  1.00 16.83 ? 11  ASP A CA  1 
ATOM   67   C  C   . ASP A 1 11  ? -1.431  -13.708 9.180   1.00 20.72 ? 11  ASP A C   1 
ATOM   68   O  O   . ASP A 1 11  ? -1.070  -14.853 8.914   1.00 24.65 ? 11  ASP A O   1 
ATOM   69   C  CB  . ASP A 1 11  ? -0.585  -13.852 11.554  1.00 15.53 ? 11  ASP A CB  1 
ATOM   70   C  CG  . ASP A 1 11  ? 0.333   -13.248 12.603  1.00 14.96 ? 11  ASP A CG  1 
ATOM   71   O  OD1 . ASP A 1 11  ? 0.128   -13.563 13.807  1.00 14.07 ? 11  ASP A OD1 1 
ATOM   72   O  OD2 . ASP A 1 11  ? 1.231   -12.441 12.270  1.00 14.22 ? 11  ASP A OD2 1 
ATOM   73   N  N   . THR A 1 12  ? -2.285  -13.056 8.407   1.00 23.01 ? 12  THR A N   1 
ATOM   74   C  CA  . THR A 1 12  ? -2.912  -13.587 7.210   1.00 25.51 ? 12  THR A CA  1 
ATOM   75   C  C   . THR A 1 12  ? -2.504  -12.754 5.997   1.00 26.26 ? 12  THR A C   1 
ATOM   76   O  O   . THR A 1 12  ? -1.716  -11.809 6.124   1.00 25.91 ? 12  THR A O   1 
ATOM   77   C  CB  . THR A 1 12  ? -4.443  -13.488 7.321   1.00 25.84 ? 12  THR A CB  1 
ATOM   78   O  OG1 . THR A 1 12  ? -4.822  -12.107 7.289   1.00 28.97 ? 12  THR A OG1 1 
ATOM   79   C  CG2 . THR A 1 12  ? -4.966  -14.057 8.635   1.00 28.43 ? 12  THR A CG2 1 
ATOM   80   N  N   . MET A 1 13  ? -3.015  -13.101 4.814   1.00 26.63 ? 13  MET A N   1 
ATOM   81   C  CA  . MET A 1 13  ? -2.683  -12.291 3.638   1.00 27.29 ? 13  MET A CA  1 
ATOM   82   C  C   . MET A 1 13  ? -3.872  -11.482 3.150   1.00 26.32 ? 13  MET A C   1 
ATOM   83   O  O   . MET A 1 13  ? -4.158  -11.427 1.955   1.00 27.36 ? 13  MET A O   1 
ATOM   84   C  CB  . MET A 1 13  ? -2.087  -13.145 2.515   1.00 29.94 ? 13  MET A CB  1 
ATOM   85   C  CG  . MET A 1 13  ? -0.662  -13.595 2.819   1.00 33.35 ? 13  MET A CG  1 
ATOM   86   S  SD  . MET A 1 13  ? 0.042   -14.557 1.464   1.00 38.82 ? 13  MET A SD  1 
ATOM   87   C  CE  . MET A 1 13  ? 1.172   -15.597 2.398   1.00 37.63 ? 13  MET A CE  1 
ATOM   88   N  N   . THR A 1 14  ? -4.547  -10.792 4.046   1.00 25.14 ? 14  THR A N   1 
ATOM   89   C  CA  . THR A 1 14  ? -5.689  -9.943  3.805   1.00 24.31 ? 14  THR A CA  1 
ATOM   90   C  C   . THR A 1 14  ? -5.578  -8.580  4.495   1.00 22.91 ? 14  THR A C   1 
ATOM   91   O  O   . THR A 1 14  ? -5.128  -8.498  5.641   1.00 23.67 ? 14  THR A O   1 
ATOM   92   C  CB  . THR A 1 14  ? -6.980  -10.572 4.396   1.00 26.05 ? 14  THR A CB  1 
ATOM   93   O  OG1 . THR A 1 14  ? -6.831  -10.709 5.825   1.00 28.95 ? 14  THR A OG1 1 
ATOM   94   C  CG2 . THR A 1 14  ? -7.333  -11.913 3.803   1.00 28.10 ? 14  THR A CG2 1 
ATOM   95   N  N   . TYR A 1 15  ? -6.049  -7.504  3.875   1.00 18.39 ? 15  TYR A N   1 
ATOM   96   C  CA  . TYR A 1 15  ? -6.178  -6.208  4.504   1.00 17.02 ? 15  TYR A CA  1 
ATOM   97   C  C   . TYR A 1 15  ? -7.564  -6.151  5.157   1.00 16.91 ? 15  TYR A C   1 
ATOM   98   O  O   . TYR A 1 15  ? -8.496  -6.845  4.746   1.00 19.81 ? 15  TYR A O   1 
ATOM   99   C  CB  . TYR A 1 15  ? -6.093  -5.066  3.481   1.00 15.22 ? 15  TYR A CB  1 
ATOM   100  C  CG  . TYR A 1 15  ? -4.756  -4.800  2.837   1.00 13.37 ? 15  TYR A CG  1 
ATOM   101  C  CD1 . TYR A 1 15  ? -3.703  -4.316  3.625   1.00 15.49 ? 15  TYR A CD1 1 
ATOM   102  C  CD2 . TYR A 1 15  ? -4.558  -4.924  1.483   1.00 12.30 ? 15  TYR A CD2 1 
ATOM   103  C  CE1 . TYR A 1 15  ? -2.468  -4.001  3.052   1.00 14.35 ? 15  TYR A CE1 1 
ATOM   104  C  CE2 . TYR A 1 15  ? -3.334  -4.640  0.883   1.00 12.72 ? 15  TYR A CE2 1 
ATOM   105  C  CZ  . TYR A 1 15  ? -2.322  -4.152  1.689   1.00 14.01 ? 15  TYR A CZ  1 
ATOM   106  O  OH  . TYR A 1 15  ? -1.117  -3.839  1.084   1.00 14.11 ? 15  TYR A OH  1 
ATOM   107  N  N   . SER A 1 16  ? -7.752  -5.238  6.085   1.00 16.00 ? 16  SER A N   1 
ATOM   108  C  CA  . SER A 1 16  ? -9.007  -5.077  6.812   1.00 16.14 ? 16  SER A CA  1 
ATOM   109  C  C   . SER A 1 16  ? -10.090 -4.472  5.927   1.00 17.51 ? 16  SER A C   1 
ATOM   110  O  O   . SER A 1 16  ? -11.265 -4.579  6.255   1.00 19.48 ? 16  SER A O   1 
ATOM   111  C  CB  . SER A 1 16  ? -8.806  -4.224  8.059   1.00 15.40 ? 16  SER A CB  1 
ATOM   112  O  OG  . SER A 1 16  ? -8.308  -2.931  7.677   1.00 16.33 ? 16  SER A OG  1 
ATOM   113  N  N   . THR A 1 17  ? -9.721  -3.823  4.831   1.00 17.74 ? 17  THR A N   1 
ATOM   114  C  CA  . THR A 1 17  ? -10.684 -3.241  3.911   1.00 19.08 ? 17  THR A CA  1 
ATOM   115  C  C   . THR A 1 17  ? -10.115 -3.384  2.506   1.00 19.16 ? 17  THR A C   1 
ATOM   116  O  O   . THR A 1 17  ? -8.887  -3.334  2.347   1.00 19.54 ? 17  THR A O   1 
ATOM   117  C  CB  . THR A 1 17  ? -11.008 -1.775  4.208   1.00 19.63 ? 17  THR A CB  1 
ATOM   118  O  OG1 . THR A 1 17  ? -11.943 -1.332  3.193   1.00 22.11 ? 17  THR A OG1 1 
ATOM   119  C  CG2 . THR A 1 17  ? -9.803  -0.856  4.253   1.00 20.64 ? 17  THR A CG2 1 
ATOM   120  N  N   . ARG A 1 18  ? -10.976 -3.569  1.521   1.00 18.81 ? 18  ARG A N   1 
ATOM   121  C  CA  . ARG A 1 18  ? -10.533 -3.698  0.141   1.00 18.59 ? 18  ARG A CA  1 
ATOM   122  C  C   . ARG A 1 18  ? -10.937 -2.514  -0.752  1.00 16.20 ? 18  ARG A C   1 
ATOM   123  O  O   . ARG A 1 18  ? -10.667 -2.569  -1.946  1.00 14.82 ? 18  ARG A O   1 
ATOM   124  C  CB  . ARG A 1 18  ? -11.004 -5.040  -0.449  1.00 21.64 ? 18  ARG A CB  1 
ATOM   125  C  CG  . ARG A 1 18  ? -10.427 -6.191  0.394   1.00 25.15 ? 18  ARG A CG  1 
ATOM   126  C  CD  . ARG A 1 18  ? -10.539 -7.522  -0.302  1.00 29.00 ? 18  ARG A CD  1 
ATOM   127  N  NE  . ARG A 1 18  ? -9.692  -7.552  -1.499  1.00 31.27 ? 18  ARG A NE  1 
ATOM   128  C  CZ  . ARG A 1 18  ? -9.668  -8.597  -2.310  1.00 32.71 ? 18  ARG A CZ  1 
ATOM   129  N  NH1 . ARG A 1 18  ? -8.891  -8.571  -3.382  1.00 32.90 ? 18  ARG A NH1 1 
ATOM   130  N  NH2 . ARG A 1 18  ? -10.439 -9.643  -2.032  1.00 33.74 ? 18  ARG A NH2 1 
ATOM   131  N  N   . SER A 1 19  ? -11.410 -1.460  -0.124  1.00 15.98 ? 19  SER A N   1 
ATOM   132  C  CA  . SER A 1 19  ? -11.725 -0.244  -0.872  1.00 17.19 ? 19  SER A CA  1 
ATOM   133  C  C   . SER A 1 19  ? -11.494 0.958   0.023   1.00 18.69 ? 19  SER A C   1 
ATOM   134  O  O   . SER A 1 19  ? -11.761 1.012   1.234   1.00 20.56 ? 19  SER A O   1 
ATOM   135  C  CB  . SER A 1 19  ? -13.120 -0.309  -1.507  1.00 20.57 ? 19  SER A CB  1 
ATOM   136  O  OG  . SER A 1 19  ? -14.084 -0.065  -0.492  1.00 26.65 ? 19  SER A OG  1 
ATOM   137  N  N   . ILE A 1 20  ? -10.757 1.915   -0.528  1.00 16.58 ? 20  ILE A N   1 
ATOM   138  C  CA  . ILE A 1 20  ? -10.444 3.177   0.137   1.00 16.52 ? 20  ILE A CA  1 
ATOM   139  C  C   . ILE A 1 20  ? -10.937 4.314   -0.772  1.00 17.37 ? 20  ILE A C   1 
ATOM   140  O  O   . ILE A 1 20  ? -10.590 4.311   -1.952  1.00 17.75 ? 20  ILE A O   1 
ATOM   141  C  CB  . ILE A 1 20  ? -8.925  3.351   0.377   1.00 16.10 ? 20  ILE A CB  1 
ATOM   142  C  CG1 . ILE A 1 20  ? -8.457  2.233   1.323   1.00 16.24 ? 20  ILE A CG1 1 
ATOM   143  C  CG2 . ILE A 1 20  ? -8.611  4.721   0.951   1.00 18.09 ? 20  ILE A CG2 1 
ATOM   144  C  CD1 . ILE A 1 20  ? -6.947  2.183   1.517   1.00 16.91 ? 20  ILE A CD1 1 
ATOM   145  N  N   . SER A 1 21  ? -11.704 5.229   -0.203  1.00 20.40 ? 21  SER A N   1 
ATOM   146  C  CA  . SER A 1 21  ? -12.192 6.389   -0.953  1.00 22.18 ? 21  SER A CA  1 
ATOM   147  C  C   . SER A 1 21  ? -11.443 7.628   -0.474  1.00 20.96 ? 21  SER A C   1 
ATOM   148  O  O   . SER A 1 21  ? -11.393 7.897   0.712   1.00 23.00 ? 21  SER A O   1 
ATOM   149  C  CB  . SER A 1 21  ? -13.697 6.621   -0.775  1.00 24.26 ? 21  SER A CB  1 
ATOM   150  O  OG  . SER A 1 21  ? -14.414 5.474   -1.205  1.00 28.74 ? 21  SER A OG  1 
ATOM   151  N  N   . VAL A 1 22  ? -10.824 8.366   -1.388  1.00 20.92 ? 22  VAL A N   1 
ATOM   152  C  CA  . VAL A 1 22  ? -10.093 9.581   -1.049  1.00 20.00 ? 22  VAL A CA  1 
ATOM   153  C  C   . VAL A 1 22  ? -10.960 10.776  -1.472  1.00 21.59 ? 22  VAL A C   1 
ATOM   154  O  O   . VAL A 1 22  ? -11.228 10.887  -2.667  1.00 20.36 ? 22  VAL A O   1 
ATOM   155  C  CB  . VAL A 1 22  ? -8.744  9.600   -1.783  1.00 19.73 ? 22  VAL A CB  1 
ATOM   156  C  CG1 . VAL A 1 22  ? -7.917  10.855  -1.623  1.00 19.62 ? 22  VAL A CG1 1 
ATOM   157  C  CG2 . VAL A 1 22  ? -7.893  8.399   -1.319  1.00 21.01 ? 22  VAL A CG2 1 
ATOM   158  N  N   . PRO A 1 23  ? -11.350 11.601  -0.525  1.00 21.34 ? 23  PRO A N   1 
ATOM   159  C  CA  . PRO A 1 23  ? -12.131 12.790  -0.857  1.00 22.64 ? 23  PRO A CA  1 
ATOM   160  C  C   . PRO A 1 23  ? -11.298 13.732  -1.695  1.00 22.73 ? 23  PRO A C   1 
ATOM   161  O  O   . PRO A 1 23  ? -10.168 14.099  -1.352  1.00 23.70 ? 23  PRO A O   1 
ATOM   162  C  CB  . PRO A 1 23  ? -12.502 13.392  0.479   1.00 22.66 ? 23  PRO A CB  1 
ATOM   163  C  CG  . PRO A 1 23  ? -12.077 12.428  1.534   1.00 24.05 ? 23  PRO A CG  1 
ATOM   164  C  CD  . PRO A 1 23  ? -11.037 11.532  0.917   1.00 22.43 ? 23  PRO A CD  1 
ATOM   165  N  N   . ALA A 1 24  ? -11.826 14.200  -2.836  1.00 23.86 ? 24  ALA A N   1 
ATOM   166  C  CA  . ALA A 1 24  ? -11.096 15.142  -3.682  1.00 24.97 ? 24  ALA A CA  1 
ATOM   167  C  C   . ALA A 1 24  ? -10.933 16.499  -2.995  1.00 25.61 ? 24  ALA A C   1 
ATOM   168  O  O   . ALA A 1 24  ? -10.075 17.284  -3.395  1.00 26.79 ? 24  ALA A O   1 
ATOM   169  C  CB  . ALA A 1 24  ? -11.783 15.321  -5.036  1.00 25.34 ? 24  ALA A CB  1 
ATOM   170  N  N   . SER A 1 25  ? -11.660 16.766  -1.925  1.00 25.53 ? 25  SER A N   1 
ATOM   171  C  CA  . SER A 1 25  ? -11.559 17.983  -1.149  1.00 26.47 ? 25  SER A CA  1 
ATOM   172  C  C   . SER A 1 25  ? -10.335 17.968  -0.239  1.00 25.35 ? 25  SER A C   1 
ATOM   173  O  O   . SER A 1 25  ? -9.948  19.001  0.317   1.00 24.99 ? 25  SER A O   1 
ATOM   174  C  CB  . SER A 1 25  ? -12.830 18.167  -0.310  1.00 27.50 ? 25  SER A CB  1 
ATOM   175  O  OG  . SER A 1 25  ? -12.832 17.210  0.731   1.00 30.72 ? 25  SER A OG  1 
ATOM   176  N  N   . CYS A 1 26  ? -9.718  16.785  -0.075  1.00 22.97 ? 26  CYS A N   1 
ATOM   177  C  CA  . CYS A 1 26  ? -8.503  16.725  0.736   1.00 21.10 ? 26  CYS A CA  1 
ATOM   178  C  C   . CYS A 1 26  ? -7.295  17.215  -0.029  1.00 19.59 ? 26  CYS A C   1 
ATOM   179  O  O   . CYS A 1 26  ? -7.143  16.848  -1.197  1.00 22.03 ? 26  CYS A O   1 
ATOM   180  C  CB  . CYS A 1 26  ? -8.265  15.266  1.151   1.00 18.60 ? 26  CYS A CB  1 
ATOM   181  S  SG  . CYS A 1 26  ? -9.425  14.653  2.353   1.00 18.07 ? 26  CYS A SG  1 
ATOM   182  N  N   . ALA A 1 27  ? -6.414  17.990  0.576   1.00 21.12 ? 27  ALA A N   1 
ATOM   183  C  CA  . ALA A 1 27  ? -5.177  18.385  -0.088  1.00 21.91 ? 27  ALA A CA  1 
ATOM   184  C  C   . ALA A 1 27  ? -4.166  17.234  0.064   1.00 19.96 ? 27  ALA A C   1 
ATOM   185  O  O   . ALA A 1 27  ? -3.421  16.959  -0.855  1.00 19.68 ? 27  ALA A O   1 
ATOM   186  C  CB  . ALA A 1 27  ? -4.559  19.656  0.470   1.00 23.41 ? 27  ALA A CB  1 
ATOM   187  N  N   . GLU A 1 28  ? -4.187  16.577  1.225   1.00 20.03 ? 28  GLU A N   1 
ATOM   188  C  CA  . GLU A 1 28  ? -3.261  15.454  1.432   1.00 19.79 ? 28  GLU A CA  1 
ATOM   189  C  C   . GLU A 1 28  ? -4.067  14.335  2.096   1.00 17.46 ? 28  GLU A C   1 
ATOM   190  O  O   . GLU A 1 28  ? -5.059  14.636  2.759   1.00 17.53 ? 28  GLU A O   1 
ATOM   191  C  CB  . GLU A 1 28  ? -2.105  15.847  2.325   1.00 22.73 ? 28  GLU A CB  1 
ATOM   192  C  CG  . GLU A 1 28  ? -0.976  16.623  1.649   1.00 27.91 ? 28  GLU A CG  1 
ATOM   193  C  CD  . GLU A 1 28  ? 0.027   17.040  2.720   1.00 29.85 ? 28  GLU A CD  1 
ATOM   194  O  OE1 . GLU A 1 28  ? 1.230   16.944  2.470   1.00 32.81 ? 28  GLU A OE1 1 
ATOM   195  O  OE2 . GLU A 1 28  ? -0.407  17.432  3.825   1.00 32.17 ? 28  GLU A OE2 1 
ATOM   196  N  N   . PHE A 1 29  ? -3.616  13.100  1.889   1.00 14.12 ? 29  PHE A N   1 
ATOM   197  C  CA  . PHE A 1 29  ? -4.376  11.992  2.485   1.00 13.37 ? 29  PHE A CA  1 
ATOM   198  C  C   . PHE A 1 29  ? -3.359  11.063  3.186   1.00 13.50 ? 29  PHE A C   1 
ATOM   199  O  O   . PHE A 1 29  ? -2.292  10.854  2.629   1.00 14.74 ? 29  PHE A O   1 
ATOM   200  C  CB  . PHE A 1 29  ? -5.110  11.238  1.391   1.00 15.00 ? 29  PHE A CB  1 
ATOM   201  C  CG  . PHE A 1 29  ? -6.137  10.270  1.913   1.00 16.19 ? 29  PHE A CG  1 
ATOM   202  C  CD1 . PHE A 1 29  ? -5.829  8.923   2.036   1.00 17.19 ? 29  PHE A CD1 1 
ATOM   203  C  CD2 . PHE A 1 29  ? -7.395  10.707  2.286   1.00 16.74 ? 29  PHE A CD2 1 
ATOM   204  C  CE1 . PHE A 1 29  ? -6.760  8.029   2.526   1.00 17.62 ? 29  PHE A CE1 1 
ATOM   205  C  CE2 . PHE A 1 29  ? -8.332  9.823   2.778   1.00 17.51 ? 29  PHE A CE2 1 
ATOM   206  C  CZ  . PHE A 1 29  ? -8.025  8.478   2.895   1.00 17.98 ? 29  PHE A CZ  1 
ATOM   207  N  N   . THR A 1 30  ? -3.761  10.619  4.352   1.00 12.08 ? 30  THR A N   1 
ATOM   208  C  CA  . THR A 1 30  ? -2.875  9.775   5.149   1.00 12.61 ? 30  THR A CA  1 
ATOM   209  C  C   . THR A 1 30  ? -3.478  8.385   5.288   1.00 11.72 ? 30  THR A C   1 
ATOM   210  O  O   . THR A 1 30  ? -4.656  8.231   5.652   1.00 13.62 ? 30  THR A O   1 
ATOM   211  C  CB  . THR A 1 30  ? -2.677  10.354  6.560   1.00 12.98 ? 30  THR A CB  1 
ATOM   212  O  OG1 . THR A 1 30  ? -1.955  11.596  6.447   1.00 15.31 ? 30  THR A OG1 1 
ATOM   213  C  CG2 . THR A 1 30  ? -1.895  9.424   7.485   1.00 14.83 ? 30  THR A CG2 1 
ATOM   214  N  N   . VAL A 1 31  ? -2.629  7.402   5.026   1.00 11.38 ? 31  VAL A N   1 
ATOM   215  C  CA  . VAL A 1 31  ? -3.007  6.011   5.247   1.00 10.80 ? 31  VAL A CA  1 
ATOM   216  C  C   . VAL A 1 31  ? -2.188  5.491   6.447   1.00 12.04 ? 31  VAL A C   1 
ATOM   217  O  O   . VAL A 1 31  ? -0.966  5.433   6.308   1.00 13.22 ? 31  VAL A O   1 
ATOM   218  C  CB  . VAL A 1 31  ? -2.771  5.108   4.036   1.00 11.91 ? 31  VAL A CB  1 
ATOM   219  C  CG1 . VAL A 1 31  ? -3.023  3.655   4.388   1.00 14.10 ? 31  VAL A CG1 1 
ATOM   220  C  CG2 . VAL A 1 31  ? -3.706  5.592   2.899   1.00 13.98 ? 31  VAL A CG2 1 
ATOM   221  N  N   . ASN A 1 32  ? -2.834  5.172   7.554   1.00 10.12 ? 32  ASN A N   1 
ATOM   222  C  CA  . ASN A 1 32  ? -2.118  4.578   8.695   1.00 11.21 ? 32  ASN A CA  1 
ATOM   223  C  C   . ASN A 1 32  ? -2.200  3.063   8.512   1.00 12.75 ? 32  ASN A C   1 
ATOM   224  O  O   . ASN A 1 32  ? -3.249  2.599   8.125   1.00 12.97 ? 32  ASN A O   1 
ATOM   225  C  CB  . ASN A 1 32  ? -2.812  4.920   10.012  1.00 13.63 ? 32  ASN A CB  1 
ATOM   226  C  CG  . ASN A 1 32  ? -2.882  6.394   10.278  1.00 15.38 ? 32  ASN A CG  1 
ATOM   227  O  OD1 . ASN A 1 32  ? -3.976  7.006   10.258  1.00 20.33 ? 32  ASN A OD1 1 
ATOM   228  N  ND2 . ASN A 1 32  ? -1.767  7.027   10.511  1.00 16.38 ? 32  ASN A ND2 1 
ATOM   229  N  N   . PHE A 1 33  ? -1.083  2.360   8.766   1.00 10.02 ? 33  PHE A N   1 
ATOM   230  C  CA  . PHE A 1 33  ? -1.118  0.931   8.455   1.00 11.99 ? 33  PHE A CA  1 
ATOM   231  C  C   . PHE A 1 33  ? -0.541  0.202   9.656   1.00 11.18 ? 33  PHE A C   1 
ATOM   232  O  O   . PHE A 1 33  ? 0.503   0.583   10.128  1.00 14.10 ? 33  PHE A O   1 
ATOM   233  C  CB  . PHE A 1 33  ? -0.320  0.680   7.177   1.00 13.06 ? 33  PHE A CB  1 
ATOM   234  C  CG  . PHE A 1 33  ? -0.233  -0.766  6.783   1.00 14.12 ? 33  PHE A CG  1 
ATOM   235  C  CD1 . PHE A 1 33  ? 0.993   -1.388  6.645   1.00 14.87 ? 33  PHE A CD1 1 
ATOM   236  C  CD2 . PHE A 1 33  ? -1.393  -1.528  6.597   1.00 15.40 ? 33  PHE A CD2 1 
ATOM   237  C  CE1 . PHE A 1 33  ? 1.083   -2.725  6.287   1.00 16.68 ? 33  PHE A CE1 1 
ATOM   238  C  CE2 . PHE A 1 33  ? -1.290  -2.850  6.254   1.00 16.73 ? 33  PHE A CE2 1 
ATOM   239  C  CZ  . PHE A 1 33  ? -0.070  -3.476  6.101   1.00 15.84 ? 33  PHE A CZ  1 
ATOM   240  N  N   . GLU A 1 34  ? -1.294  -0.803  10.153  1.00 12.06 ? 34  GLU A N   1 
ATOM   241  C  CA  . GLU A 1 34  ? -0.856  -1.460  11.386  1.00 13.57 ? 34  GLU A CA  1 
ATOM   242  C  C   . GLU A 1 34  ? -0.841  -2.976  11.179  1.00 14.17 ? 34  GLU A C   1 
ATOM   243  O  O   . GLU A 1 34  ? -1.658  -3.495  10.418  1.00 14.88 ? 34  GLU A O   1 
ATOM   244  C  CB  . GLU A 1 34  ? -1.858  -1.175  12.526  1.00 17.63 ? 34  GLU A CB  1 
ATOM   245  C  CG  . GLU A 1 34  ? -2.050  0.309   12.817  1.00 22.55 ? 34  GLU A CG  1 
ATOM   246  C  CD  . GLU A 1 34  ? -2.913  0.615   14.032  1.00 26.54 ? 34  GLU A CD  1 
ATOM   247  O  OE1 . GLU A 1 34  ? -3.175  1.815   14.285  1.00 29.12 ? 34  GLU A OE1 1 
ATOM   248  O  OE2 . GLU A 1 34  ? -3.323  -0.334  14.722  1.00 29.33 ? 34  GLU A OE2 1 
ATOM   249  N  N   . HIS A 1 35  ? 0.094   -3.635  11.850  1.00 11.14 ? 35  HIS A N   1 
ATOM   250  C  CA  . HIS A 1 35  ? 0.166   -5.121  11.729  1.00 10.74 ? 35  HIS A CA  1 
ATOM   251  C  C   . HIS A 1 35  ? -0.132  -5.674  13.122  1.00 11.66 ? 35  HIS A C   1 
ATOM   252  O  O   . HIS A 1 35  ? 0.628   -5.435  14.041  1.00 12.80 ? 35  HIS A O   1 
ATOM   253  C  CB  . HIS A 1 35  ? 1.561   -5.497  11.257  1.00 10.21 ? 35  HIS A CB  1 
ATOM   254  C  CG  . HIS A 1 35  ? 1.773   -6.941  10.960  1.00 8.27  ? 35  HIS A CG  1 
ATOM   255  N  ND1 . HIS A 1 35  ? 1.217   -7.960  11.715  1.00 10.84 ? 35  HIS A ND1 1 
ATOM   256  C  CD2 . HIS A 1 35  ? 2.562   -7.520  10.019  1.00 10.00 ? 35  HIS A CD2 1 
ATOM   257  C  CE1 . HIS A 1 35  ? 1.676   -9.110  11.228  1.00 9.99  ? 35  HIS A CE1 1 
ATOM   258  N  NE2 . HIS A 1 35  ? 2.482   -8.892  10.189  1.00 11.73 ? 35  HIS A NE2 1 
ATOM   259  N  N   . LYS A 1 36  ? -1.315  -6.299  13.224  1.00 11.86 ? 36  LYS A N   1 
ATOM   260  C  CA  . LYS A 1 36  ? -1.779  -6.736  14.538  1.00 14.39 ? 36  LYS A CA  1 
ATOM   261  C  C   . LYS A 1 36  ? -1.448  -8.207  14.802  1.00 13.63 ? 36  LYS A C   1 
ATOM   262  O  O   . LYS A 1 36  ? -1.957  -8.712  15.816  1.00 15.23 ? 36  LYS A O   1 
ATOM   263  C  CB  . LYS A 1 36  ? -3.295  -6.503  14.671  1.00 18.21 ? 36  LYS A CB  1 
ATOM   264  C  CG  . LYS A 1 36  ? -3.683  -5.013  14.608  1.00 22.64 ? 36  LYS A CG  1 
ATOM   265  C  CD  . LYS A 1 36  ? -5.011  -4.765  15.321  1.00 26.98 ? 36  LYS A CD  1 
ATOM   266  C  CE  . LYS A 1 36  ? -5.731  -3.584  14.686  1.00 29.39 ? 36  LYS A CE  1 
ATOM   267  N  NZ  . LYS A 1 36  ? -7.045  -3.262  15.317  1.00 32.71 ? 36  LYS A NZ  1 
ATOM   268  N  N   . GLY A 1 37  ? -0.651  -8.836  13.958  1.00 10.99 ? 37  GLY A N   1 
ATOM   269  C  CA  . GLY A 1 37  ? -0.303  -10.254 14.232  1.00 10.39 ? 37  GLY A CA  1 
ATOM   270  C  C   . GLY A 1 37  ? 0.855   -10.368 15.239  1.00 11.80 ? 37  GLY A C   1 
ATOM   271  O  O   . GLY A 1 37  ? 1.350   -9.387  15.779  1.00 12.64 ? 37  GLY A O   1 
ATOM   272  N  N   . HIS A 1 38  ? 1.276   -11.628 15.424  1.00 11.99 ? 38  HIS A N   1 
ATOM   273  C  CA  . HIS A 1 38  ? 2.445   -11.816 16.309  1.00 11.90 ? 38  HIS A CA  1 
ATOM   274  C  C   . HIS A 1 38  ? 3.647   -12.295 15.537  1.00 13.01 ? 38  HIS A C   1 
ATOM   275  O  O   . HIS A 1 38  ? 4.656   -12.537 16.225  1.00 15.04 ? 38  HIS A O   1 
ATOM   276  C  CB  . HIS A 1 38  ? 2.139   -12.780 17.473  1.00 12.57 ? 38  HIS A CB  1 
ATOM   277  C  CG  . HIS A 1 38  ? 1.857   -14.175 17.023  1.00 13.22 ? 38  HIS A CG  1 
ATOM   278  N  ND1 . HIS A 1 38  ? 0.550   -14.581 16.816  1.00 13.25 ? 38  HIS A ND1 1 
ATOM   279  C  CD2 . HIS A 1 38  ? 2.648   -15.249 16.809  1.00 13.20 ? 38  HIS A CD2 1 
ATOM   280  C  CE1 . HIS A 1 38  ? 0.579   -15.848 16.432  1.00 12.71 ? 38  HIS A CE1 1 
ATOM   281  N  NE2 . HIS A 1 38  ? 1.820   -16.285 16.417  1.00 14.33 ? 38  HIS A NE2 1 
ATOM   282  N  N   . MET A 1 39  ? 3.623   -12.487 14.234  1.00 13.92 ? 39  MET A N   1 
ATOM   283  C  CA  . MET A 1 39  ? 4.793   -12.964 13.486  1.00 15.23 ? 39  MET A CA  1 
ATOM   284  C  C   . MET A 1 39  ? 5.591   -11.789 12.988  1.00 14.87 ? 39  MET A C   1 
ATOM   285  O  O   . MET A 1 39  ? 5.003   -10.726 12.698  1.00 12.95 ? 39  MET A O   1 
ATOM   286  C  CB  . MET A 1 39  ? 4.291   -13.881 12.363  1.00 17.53 ? 39  MET A CB  1 
ATOM   287  C  CG  . MET A 1 39  ? 3.365   -14.985 12.903  1.00 22.21 ? 39  MET A CG  1 
ATOM   288  S  SD  . MET A 1 39  ? 2.712   -16.038 11.607  1.00 27.62 ? 39  MET A SD  1 
ATOM   289  C  CE  . MET A 1 39  ? 1.451   -16.979 12.468  1.00 27.28 ? 39  MET A CE  1 
ATOM   290  N  N   . PRO A 1 40  ? 6.908   -11.873 12.952  1.00 14.92 ? 40  PRO A N   1 
ATOM   291  C  CA  . PRO A 1 40  ? 7.737   -10.729 12.586  1.00 14.45 ? 40  PRO A CA  1 
ATOM   292  C  C   . PRO A 1 40  ? 7.823   -10.529 11.097  1.00 13.81 ? 40  PRO A C   1 
ATOM   293  O  O   . PRO A 1 40  ? 7.338   -11.330 10.289  1.00 15.31 ? 40  PRO A O   1 
ATOM   294  C  CB  . PRO A 1 40  ? 9.072   -11.132 13.241  1.00 15.20 ? 40  PRO A CB  1 
ATOM   295  C  CG  . PRO A 1 40  ? 9.090   -12.610 13.036  1.00 17.25 ? 40  PRO A CG  1 
ATOM   296  C  CD  . PRO A 1 40  ? 7.685   -13.062 13.406  1.00 16.94 ? 40  PRO A CD  1 
ATOM   297  N  N   . LYS A 1 41  ? 8.497   -9.463  10.640  1.00 13.85 ? 41  LYS A N   1 
ATOM   298  C  CA  . LYS A 1 41  ? 8.601   -9.156  9.216   1.00 14.64 ? 41  LYS A CA  1 
ATOM   299  C  C   . LYS A 1 41  ? 9.419   -10.166 8.426   1.00 16.13 ? 41  LYS A C   1 
ATOM   300  O  O   . LYS A 1 41  ? 9.282   -10.220 7.201   1.00 17.02 ? 41  LYS A O   1 
ATOM   301  C  CB  . LYS A 1 41  ? 9.116   -7.727  9.027   1.00 16.39 ? 41  LYS A CB  1 
ATOM   302  C  CG  . LYS A 1 41  ? 10.536  -7.503  9.548   1.00 17.43 ? 41  LYS A CG  1 
ATOM   303  C  CD  . LYS A 1 41  ? 10.802  -6.002  9.305   1.00 20.42 ? 41  LYS A CD  1 
ATOM   304  C  CE  . LYS A 1 41  ? 12.180  -5.576  9.775   1.00 22.34 ? 41  LYS A CE  1 
ATOM   305  N  NZ  . LYS A 1 41  ? 12.248  -4.075  9.784   1.00 20.85 ? 41  LYS A NZ  1 
ATOM   306  N  N   . THR A 1 42  ? 10.280  -10.956 9.080   1.00 16.11 ? 42  THR A N   1 
ATOM   307  C  CA  . THR A 1 42  ? 10.983  -12.042 8.427   1.00 17.38 ? 42  THR A CA  1 
ATOM   308  C  C   . THR A 1 42  ? 10.041  -13.245 8.443   1.00 19.39 ? 42  THR A C   1 
ATOM   309  O  O   . THR A 1 42  ? 9.937   -14.031 9.401   1.00 21.01 ? 42  THR A O   1 
ATOM   310  C  CB  . THR A 1 42  ? 12.280  -12.422 9.194   1.00 19.43 ? 42  THR A CB  1 
ATOM   311  O  OG1 . THR A 1 42  ? 11.844  -12.817 10.499  1.00 24.63 ? 42  THR A OG1 1 
ATOM   312  C  CG2 . THR A 1 42  ? 13.177  -11.217 9.247   1.00 19.03 ? 42  THR A CG2 1 
ATOM   313  N  N   . GLY A 1 43  ? 9.191   -13.292 7.416   1.00 18.84 ? 43  GLY A N   1 
ATOM   314  C  CA  . GLY A 1 43  ? 8.215   -14.327 7.213   1.00 19.80 ? 43  GLY A CA  1 
ATOM   315  C  C   . GLY A 1 43  ? 6.791   -13.796 7.099   1.00 18.34 ? 43  GLY A C   1 
ATOM   316  O  O   . GLY A 1 43  ? 5.990   -14.402 6.391   1.00 21.10 ? 43  GLY A O   1 
ATOM   317  N  N   . MET A 1 44  ? 6.471   -12.685 7.773   1.00 15.68 ? 44  MET A N   1 
ATOM   318  C  CA  . MET A 1 44  ? 5.080   -12.216 7.702   1.00 16.96 ? 44  MET A CA  1 
ATOM   319  C  C   . MET A 1 44  ? 5.033   -10.694 7.616   1.00 14.96 ? 44  MET A C   1 
ATOM   320  O  O   . MET A 1 44  ? 4.202   -10.052 8.243   1.00 15.83 ? 44  MET A O   1 
ATOM   321  C  CB  . MET A 1 44  ? 4.272   -12.743 8.871   1.00 18.75 ? 44  MET A CB  1 
ATOM   322  C  CG  . MET A 1 44  ? 2.769   -12.539 8.747   1.00 22.09 ? 44  MET A CG  1 
ATOM   323  S  SD  . MET A 1 44  ? 2.106   -13.125 7.173   1.00 26.86 ? 44  MET A SD  1 
ATOM   324  C  CE  . MET A 1 44  ? 2.622   -14.843 7.240   1.00 27.04 ? 44  MET A CE  1 
ATOM   325  N  N   . GLY A 1 45  ? 5.964   -10.143 6.870   1.00 12.98 ? 45  GLY A N   1 
ATOM   326  C  CA  . GLY A 1 45  ? 5.980   -8.680  6.735   1.00 12.12 ? 45  GLY A CA  1 
ATOM   327  C  C   . GLY A 1 45  ? 4.877   -8.247  5.765   1.00 11.67 ? 45  GLY A C   1 
ATOM   328  O  O   . GLY A 1 45  ? 4.555   -8.943  4.809   1.00 14.59 ? 45  GLY A O   1 
ATOM   329  N  N   . HIS A 1 46  ? 4.413   -7.020  5.954   1.00 10.44 ? 46  HIS A N   1 
ATOM   330  C  CA  . HIS A 1 46  ? 3.428   -6.451  5.030   1.00 11.70 ? 46  HIS A CA  1 
ATOM   331  C  C   . HIS A 1 46  ? 3.763   -4.968  4.834   1.00 11.65 ? 46  HIS A C   1 
ATOM   332  O  O   . HIS A 1 46  ? 4.264   -4.298  5.734   1.00 10.86 ? 46  HIS A O   1 
ATOM   333  C  CB  . HIS A 1 46  ? 1.985   -6.447  5.531   1.00 12.58 ? 46  HIS A CB  1 
ATOM   334  C  CG  . HIS A 1 46  ? 1.422   -7.796  5.901   1.00 13.04 ? 46  HIS A CG  1 
ATOM   335  N  ND1 . HIS A 1 46  ? 1.316   -8.793  4.990   1.00 13.02 ? 46  HIS A ND1 1 
ATOM   336  C  CD2 . HIS A 1 46  ? 0.915   -8.255  7.069   1.00 13.52 ? 46  HIS A CD2 1 
ATOM   337  C  CE1 . HIS A 1 46  ? 0.743   -9.847  5.567   1.00 14.58 ? 46  HIS A CE1 1 
ATOM   338  N  NE2 . HIS A 1 46  ? 0.488   -9.546  6.835   1.00 13.64 ? 46  HIS A NE2 1 
ATOM   339  N  N   . ASN A 1 47  ? 3.353   -4.492  3.651   1.00 11.67 ? 47  ASN A N   1 
ATOM   340  C  CA  . ASN A 1 47  ? 3.452   -3.043  3.404   1.00 12.54 ? 47  ASN A CA  1 
ATOM   341  C  C   . ASN A 1 47  ? 2.192   -2.641  2.608   1.00 12.62 ? 47  ASN A C   1 
ATOM   342  O  O   . ASN A 1 47  ? 1.330   -3.506  2.448   1.00 11.73 ? 47  ASN A O   1 
ATOM   343  C  CB  . ASN A 1 47  ? 4.697   -2.580  2.664   1.00 13.33 ? 47  ASN A CB  1 
ATOM   344  C  CG  . ASN A 1 47  ? 4.891   -3.245  1.332   1.00 14.61 ? 47  ASN A CG  1 
ATOM   345  O  OD1 . ASN A 1 47  ? 4.028   -3.995  0.826   1.00 13.51 ? 47  ASN A OD1 1 
ATOM   346  N  ND2 . ASN A 1 47  ? 6.020   -3.055  0.621   1.00 16.10 ? 47  ASN A ND2 1 
ATOM   347  N  N   . TRP A 1 48  ? 2.120   -1.373  2.233   1.00 11.05 ? 48  TRP A N   1 
ATOM   348  C  CA  . TRP A 1 48  ? 0.945   -0.837  1.518   1.00 10.81 ? 48  TRP A CA  1 
ATOM   349  C  C   . TRP A 1 48  ? 1.573   -0.001  0.387   1.00 10.97 ? 48  TRP A C   1 
ATOM   350  O  O   . TRP A 1 48  ? 2.349   0.906   0.709   1.00 12.65 ? 48  TRP A O   1 
ATOM   351  C  CB  . TRP A 1 48  ? 0.116   0.002   2.460   1.00 11.36 ? 48  TRP A CB  1 
ATOM   352  C  CG  . TRP A 1 48  ? -1.157  0.541   1.842   1.00 12.00 ? 48  TRP A CG  1 
ATOM   353  C  CD1 . TRP A 1 48  ? -2.390  -0.034  1.927   1.00 13.13 ? 48  TRP A CD1 1 
ATOM   354  C  CD2 . TRP A 1 48  ? -1.298  1.781   1.153   1.00 13.25 ? 48  TRP A CD2 1 
ATOM   355  N  NE1 . TRP A 1 48  ? -3.315  0.794   1.306   1.00 11.98 ? 48  TRP A NE1 1 
ATOM   356  C  CE2 . TRP A 1 48  ? -2.651  1.877   0.780   1.00 13.25 ? 48  TRP A CE2 1 
ATOM   357  C  CE3 . TRP A 1 48  ? -0.425  2.805   0.769   1.00 13.02 ? 48  TRP A CE3 1 
ATOM   358  C  CZ2 . TRP A 1 48  ? -3.178  2.954   0.064   1.00 13.26 ? 48  TRP A CZ2 1 
ATOM   359  C  CZ3 . TRP A 1 48  ? -0.952  3.880   0.048   1.00 12.69 ? 48  TRP A CZ3 1 
ATOM   360  C  CH2 . TRP A 1 48  ? -2.294  3.954   -0.288  1.00 13.96 ? 48  TRP A CH2 1 
ATOM   361  N  N   . VAL A 1 49  ? 1.388   -0.456  -0.825  1.00 9.81  ? 49  VAL A N   1 
ATOM   362  C  CA  . VAL A 1 49  ? 1.971   0.217   -2.008  1.00 8.62  ? 49  VAL A CA  1 
ATOM   363  C  C   . VAL A 1 49  ? 0.852   0.661   -2.959  1.00 11.46 ? 49  VAL A C   1 
ATOM   364  O  O   . VAL A 1 49  ? -0.056  -0.131  -3.194  1.00 12.64 ? 49  VAL A O   1 
ATOM   365  C  CB  . VAL A 1 49  ? 2.826   -0.767  -2.766  1.00 10.29 ? 49  VAL A CB  1 
ATOM   366  C  CG1 . VAL A 1 49  ? 3.506   -0.112  -3.960  1.00 9.55  ? 49  VAL A CG1 1 
ATOM   367  C  CG2 . VAL A 1 49  ? 3.976   -1.343  -1.890  1.00 10.75 ? 49  VAL A CG2 1 
ATOM   368  N  N   . LEU A 1 50  ? 0.934   1.913   -3.454  1.00 10.66 ? 50  LEU A N   1 
ATOM   369  C  CA  . LEU A 1 50  ? -0.138  2.376   -4.347  1.00 11.20 ? 50  LEU A CA  1 
ATOM   370  C  C   . LEU A 1 50  ? 0.369   2.604   -5.760  1.00 11.39 ? 50  LEU A C   1 
ATOM   371  O  O   . LEU A 1 50  ? 1.410   3.249   -5.942  1.00 11.28 ? 50  LEU A O   1 
ATOM   372  C  CB  . LEU A 1 50  ? -0.702  3.667   -3.707  1.00 10.99 ? 50  LEU A CB  1 
ATOM   373  C  CG  . LEU A 1 50  ? -1.760  4.412   -4.556  1.00 12.30 ? 50  LEU A CG  1 
ATOM   374  C  CD1 . LEU A 1 50  ? -3.014  3.542   -4.622  1.00 15.52 ? 50  LEU A CD1 1 
ATOM   375  C  CD2 . LEU A 1 50  ? -2.053  5.787   -3.984  1.00 14.40 ? 50  LEU A CD2 1 
ATOM   376  N  N   . ALA A 1 51  ? -0.330  2.066   -6.753  1.00 9.55  ? 51  ALA A N   1 
ATOM   377  C  CA  . ALA A 1 51  ? 0.105   2.216   -8.152  1.00 10.07 ? 51  ALA A CA  1 
ATOM   378  C  C   . ALA A 1 51  ? -1.134  2.280   -9.049  1.00 10.39 ? 51  ALA A C   1 
ATOM   379  O  O   . ALA A 1 51  ? -2.189  1.914   -8.555  1.00 13.56 ? 51  ALA A O   1 
ATOM   380  C  CB  . ALA A 1 51  ? 0.981   1.079   -8.637  1.00 11.96 ? 51  ALA A CB  1 
ATOM   381  N  N   . LYS A 1 52  ? -0.963  2.756   -10.288 1.00 11.62 ? 52  LYS A N   1 
ATOM   382  C  CA  . LYS A 1 52  ? -2.152  2.600   -11.183 1.00 13.61 ? 52  LYS A CA  1 
ATOM   383  C  C   . LYS A 1 52  ? -2.346  1.102   -11.340 1.00 13.23 ? 52  LYS A C   1 
ATOM   384  O  O   . LYS A 1 52  ? -1.396  0.301   -11.284 1.00 13.18 ? 52  LYS A O   1 
ATOM   385  C  CB  . LYS A 1 52  ? -1.798  3.164   -12.552 1.00 16.26 ? 52  LYS A CB  1 
ATOM   386  C  CG  . LYS A 1 52  ? -1.612  4.672   -12.636 1.00 21.12 ? 52  LYS A CG  1 
ATOM   387  C  CD  . LYS A 1 52  ? -1.084  4.974   -14.040 1.00 24.59 ? 52  LYS A CD  1 
ATOM   388  C  CE  . LYS A 1 52  ? -0.203  6.221   -14.046 1.00 27.50 ? 52  LYS A CE  1 
ATOM   389  N  NZ  . LYS A 1 52  ? -0.064  6.720   -15.460 1.00 30.53 ? 52  LYS A NZ  1 
ATOM   390  N  N   . SER A 1 53  ? -3.594  0.658   -11.506 1.00 12.38 ? 53  SER A N   1 
ATOM   391  C  CA  . SER A 1 53  ? -3.906  -0.766  -11.606 1.00 13.95 ? 53  SER A CA  1 
ATOM   392  C  C   . SER A 1 53  ? -3.158  -1.476  -12.732 1.00 14.31 ? 53  SER A C   1 
ATOM   393  O  O   . SER A 1 53  ? -2.728  -2.628  -12.541 1.00 17.19 ? 53  SER A O   1 
ATOM   394  C  CB  . SER A 1 53  ? -5.423  -0.938  -11.779 1.00 15.04 ? 53  SER A CB  1 
ATOM   395  O  OG  . SER A 1 53  ? -6.147  -0.437  -10.678 1.00 15.90 ? 53  SER A OG  1 
ATOM   396  N  N   . ALA A 1 54  ? -2.888  -0.800  -13.834 1.00 15.00 ? 54  ALA A N   1 
ATOM   397  C  CA  . ALA A 1 54  ? -2.187  -1.422  -14.953 1.00 17.77 ? 54  ALA A CA  1 
ATOM   398  C  C   . ALA A 1 54  ? -0.716  -1.681  -14.648 1.00 19.19 ? 54  ALA A C   1 
ATOM   399  O  O   . ALA A 1 54  ? -0.088  -2.452  -15.376 1.00 19.89 ? 54  ALA A O   1 
ATOM   400  C  CB  . ALA A 1 54  ? -2.266  -0.566  -16.212 1.00 19.39 ? 54  ALA A CB  1 
ATOM   401  N  N   . ASP A 1 55  ? -0.175  -1.014  -13.632 1.00 16.79 ? 55  ASP A N   1 
ATOM   402  C  CA  . ASP A 1 55  ? 1.224   -1.140  -13.293 1.00 18.21 ? 55  ASP A CA  1 
ATOM   403  C  C   . ASP A 1 55  ? 1.496   -2.122  -12.180 1.00 16.75 ? 55  ASP A C   1 
ATOM   404  O  O   . ASP A 1 55  ? 2.685   -2.381  -11.887 1.00 17.83 ? 55  ASP A O   1 
ATOM   405  C  CB  . ASP A 1 55  ? 1.784   0.234   -12.893 1.00 17.00 ? 55  ASP A CB  1 
ATOM   406  C  CG  . ASP A 1 55  ? 1.916   1.225   -14.030 1.00 18.24 ? 55  ASP A CG  1 
ATOM   407  O  OD1 . ASP A 1 55  ? 2.021   0.762   -15.196 1.00 22.50 ? 55  ASP A OD1 1 
ATOM   408  O  OD2 . ASP A 1 55  ? 1.936   2.439   -13.758 1.00 18.88 ? 55  ASP A OD2 1 
ATOM   409  N  N   . VAL A 1 56  ? 0.508   -2.647  -11.478 1.00 16.75 ? 56  VAL A N   1 
ATOM   410  C  CA  . VAL A 1 56  ? 0.745   -3.507  -10.326 1.00 16.43 ? 56  VAL A CA  1 
ATOM   411  C  C   . VAL A 1 56  ? 1.637   -4.696  -10.620 1.00 17.91 ? 56  VAL A C   1 
ATOM   412  O  O   . VAL A 1 56  ? 2.586   -4.942  -9.864  1.00 16.66 ? 56  VAL A O   1 
ATOM   413  C  CB  . VAL A 1 56  ? -0.603  -3.999  -9.730  1.00 17.60 ? 56  VAL A CB  1 
ATOM   414  C  CG1 . VAL A 1 56  ? -0.400  -5.100  -8.700  1.00 18.88 ? 56  VAL A CG1 1 
ATOM   415  C  CG2 . VAL A 1 56  ? -1.286  -2.788  -9.132  1.00 18.04 ? 56  VAL A CG2 1 
ATOM   416  N  N   . GLY A 1 57  ? 1.325   -5.421  -11.694 1.00 16.69 ? 57  GLY A N   1 
ATOM   417  C  CA  . GLY A 1 57  ? 2.121   -6.589  -12.043 1.00 17.39 ? 57  GLY A CA  1 
ATOM   418  C  C   . GLY A 1 57  ? 3.614   -6.310  -12.143 1.00 16.69 ? 57  GLY A C   1 
ATOM   419  O  O   . GLY A 1 57  ? 4.415   -7.062  -11.560 1.00 19.28 ? 57  GLY A O   1 
ATOM   420  N  N   . ASP A 1 58  ? 3.979   -5.279  -12.898 1.00 16.28 ? 58  ASP A N   1 
ATOM   421  C  CA  . ASP A 1 58  ? 5.418   -4.977  -13.058 1.00 18.24 ? 58  ASP A CA  1 
ATOM   422  C  C   . ASP A 1 58  ? 6.014   -4.459  -11.767 1.00 17.65 ? 58  ASP A C   1 
ATOM   423  O  O   . ASP A 1 58  ? 7.175   -4.797  -11.484 1.00 17.16 ? 58  ASP A O   1 
ATOM   424  C  CB  . ASP A 1 58  ? 5.631   -3.990  -14.203 1.00 21.16 ? 58  ASP A CB  1 
ATOM   425  C  CG  . ASP A 1 58  ? 5.555   -4.651  -15.576 1.00 24.47 ? 58  ASP A CG  1 
ATOM   426  O  OD1 . ASP A 1 58  ? 5.408   -5.873  -15.657 1.00 24.54 ? 58  ASP A OD1 1 
ATOM   427  O  OD2 . ASP A 1 58  ? 5.659   -3.911  -16.582 1.00 27.43 ? 58  ASP A OD2 1 
ATOM   428  N  N   . VAL A 1 59  ? 5.284   -3.625  -11.005 1.00 15.41 ? 59  VAL A N   1 
ATOM   429  C  CA  . VAL A 1 59  ? 5.842   -3.133  -9.740  1.00 15.95 ? 59  VAL A CA  1 
ATOM   430  C  C   . VAL A 1 59  ? 6.110   -4.295  -8.789  1.00 16.18 ? 59  VAL A C   1 
ATOM   431  O  O   . VAL A 1 59  ? 7.161   -4.348  -8.128  1.00 16.05 ? 59  VAL A O   1 
ATOM   432  C  CB  . VAL A 1 59  ? 4.933   -2.093  -9.069  1.00 15.08 ? 59  VAL A CB  1 
ATOM   433  C  CG1 . VAL A 1 59  ? 5.358   -1.725  -7.654  1.00 16.05 ? 59  VAL A CG1 1 
ATOM   434  C  CG2 . VAL A 1 59  ? 4.910   -0.840  -9.945  1.00 15.90 ? 59  VAL A CG2 1 
ATOM   435  N  N   . ALA A 1 60  ? 5.184   -5.232  -8.703  1.00 17.65 ? 60  ALA A N   1 
ATOM   436  C  CA  . ALA A 1 60  ? 5.328   -6.424  -7.876  1.00 18.61 ? 60  ALA A CA  1 
ATOM   437  C  C   . ALA A 1 60  ? 6.463   -7.296  -8.373  1.00 18.87 ? 60  ALA A C   1 
ATOM   438  O  O   . ALA A 1 60  ? 7.251   -7.749  -7.522  1.00 18.73 ? 60  ALA A O   1 
ATOM   439  C  CB  . ALA A 1 60  ? 4.021   -7.215  -7.899  1.00 17.71 ? 60  ALA A CB  1 
ATOM   440  N  N   . LYS A 1 61  ? 6.598   -7.530  -9.673  1.00 20.13 ? 61  LYS A N   1 
ATOM   441  C  CA  . LYS A 1 61  ? 7.701   -8.339  -10.191 1.00 22.12 ? 61  LYS A CA  1 
ATOM   442  C  C   . LYS A 1 61  ? 9.069   -7.763  -9.849  1.00 22.20 ? 61  LYS A C   1 
ATOM   443  O  O   . LYS A 1 61  ? 9.969   -8.519  -9.452  1.00 24.15 ? 61  LYS A O   1 
ATOM   444  C  CB  . LYS A 1 61  ? 7.714   -8.461  -11.722 1.00 23.10 ? 61  LYS A CB  1 
ATOM   445  C  CG  . LYS A 1 61  ? 6.727   -9.409  -12.350 1.00 23.23 ? 61  LYS A CG  1 
ATOM   446  C  CD  . LYS A 1 61  ? 6.896   -9.429  -13.870 1.00 23.00 ? 61  LYS A CD  1 
ATOM   447  C  CE  . LYS A 1 61  ? 6.083   -10.571 -14.474 1.00 22.20 ? 61  LYS A CE  1 
ATOM   448  N  NZ  . LYS A 1 61  ? 4.674   -10.535 -13.985 1.00 25.36 ? 61  LYS A NZ  1 
ATOM   449  N  N   . GLU A 1 62  ? 9.299   -6.494  -10.104 1.00 20.53 ? 62  GLU A N   1 
ATOM   450  C  CA  . GLU A 1 62  ? 10.588  -5.873  -9.845  1.00 21.83 ? 62  GLU A CA  1 
ATOM   451  C  C   . GLU A 1 62  ? 10.835  -5.703  -8.365  1.00 21.21 ? 62  GLU A C   1 
ATOM   452  O  O   . GLU A 1 62  ? 11.934  -5.902  -7.836  1.00 20.63 ? 62  GLU A O   1 
ATOM   453  C  CB  . GLU A 1 62  ? 10.661  -4.531  -10.599 1.00 24.82 ? 62  GLU A CB  1 
ATOM   454  C  CG  . GLU A 1 62  ? 10.504  -4.809  -12.100 1.00 27.53 ? 62  GLU A CG  1 
ATOM   455  C  CD  . GLU A 1 62  ? 11.164  -3.749  -12.949 1.00 30.36 ? 62  GLU A CD  1 
ATOM   456  O  OE1 . GLU A 1 62  ? 10.568  -2.667  -13.088 1.00 30.80 ? 62  GLU A OE1 1 
ATOM   457  O  OE2 . GLU A 1 62  ? 12.278  -4.019  -13.471 1.00 30.72 ? 62  GLU A OE2 1 
ATOM   458  N  N   . GLY A 1 63  ? 9.760   -5.326  -7.659  1.00 18.34 ? 63  GLY A N   1 
ATOM   459  C  CA  . GLY A 1 63  ? 9.863   -5.144  -6.214  1.00 18.73 ? 63  GLY A CA  1 
ATOM   460  C  C   . GLY A 1 63  ? 10.272  -6.432  -5.507  1.00 18.51 ? 63  GLY A C   1 
ATOM   461  O  O   . GLY A 1 63  ? 11.054  -6.352  -4.543  1.00 18.70 ? 63  GLY A O   1 
ATOM   462  N  N   . ALA A 1 64  ? 9.822   -7.606  -5.945  1.00 20.44 ? 64  ALA A N   1 
ATOM   463  C  CA  . ALA A 1 64  ? 10.174  -8.839  -5.228  1.00 21.84 ? 64  ALA A CA  1 
ATOM   464  C  C   . ALA A 1 64  ? 11.672  -9.063  -5.243  1.00 22.08 ? 64  ALA A C   1 
ATOM   465  O  O   . ALA A 1 64  ? 12.244  -9.579  -4.270  1.00 23.51 ? 64  ALA A O   1 
ATOM   466  C  CB  . ALA A 1 64  ? 9.377   -9.994  -5.837  1.00 22.42 ? 64  ALA A CB  1 
ATOM   467  N  N   . HIS A 1 65  ? 12.368  -8.607  -6.283  1.00 23.38 ? 65  HIS A N   1 
ATOM   468  C  CA  . HIS A 1 65  ? 13.816  -8.692  -6.364  1.00 26.35 ? 65  HIS A CA  1 
ATOM   469  C  C   . HIS A 1 65  ? 14.588  -7.533  -5.783  1.00 26.71 ? 65  HIS A C   1 
ATOM   470  O  O   . HIS A 1 65  ? 15.830  -7.547  -5.768  1.00 28.67 ? 65  HIS A O   1 
ATOM   471  C  CB  . HIS A 1 65  ? 14.224  -8.842  -7.844  1.00 28.14 ? 65  HIS A CB  1 
ATOM   472  C  CG  . HIS A 1 65  ? 13.670  -10.114 -8.406  1.00 30.21 ? 65  HIS A CG  1 
ATOM   473  N  ND1 . HIS A 1 65  ? 12.533  -10.159 -9.174  1.00 31.05 ? 65  HIS A ND1 1 
ATOM   474  C  CD2 . HIS A 1 65  ? 14.103  -11.393 -8.271  1.00 31.62 ? 65  HIS A CD2 1 
ATOM   475  C  CE1 . HIS A 1 65  ? 12.289  -11.416 -9.510  1.00 32.62 ? 65  HIS A CE1 1 
ATOM   476  N  NE2 . HIS A 1 65  ? 13.226  -12.181 -8.975  1.00 33.06 ? 65  HIS A NE2 1 
ATOM   477  N  N   . ALA A 1 66  ? 13.928  -6.500  -5.258  1.00 24.51 ? 66  ALA A N   1 
ATOM   478  C  CA  . ALA A 1 66  ? 14.615  -5.352  -4.692  1.00 22.95 ? 66  ALA A CA  1 
ATOM   479  C  C   . ALA A 1 66  ? 15.141  -5.638  -3.289  1.00 22.18 ? 66  ALA A C   1 
ATOM   480  O  O   . ALA A 1 66  ? 16.001  -4.920  -2.787  1.00 22.30 ? 66  ALA A O   1 
ATOM   481  C  CB  . ALA A 1 66  ? 13.716  -4.127  -4.673  1.00 20.89 ? 66  ALA A CB  1 
ATOM   482  N  N   . GLY A 1 67  ? 14.622  -6.676  -2.638  1.00 23.06 ? 67  GLY A N   1 
ATOM   483  C  CA  . GLY A 1 67  ? 15.132  -7.008  -1.323  1.00 22.30 ? 67  GLY A CA  1 
ATOM   484  C  C   . GLY A 1 67  ? 14.383  -6.313  -0.198  1.00 22.45 ? 67  GLY A C   1 
ATOM   485  O  O   . GLY A 1 67  ? 13.825  -5.219  -0.312  1.00 19.39 ? 67  GLY A O   1 
ATOM   486  N  N   . ALA A 1 68  ? 14.512  -6.980  0.966   1.00 22.39 ? 68  ALA A N   1 
ATOM   487  C  CA  . ALA A 1 68  ? 13.890  -6.501  2.176   1.00 23.59 ? 68  ALA A CA  1 
ATOM   488  C  C   . ALA A 1 68  ? 14.436  -5.155  2.592   1.00 22.53 ? 68  ALA A C   1 
ATOM   489  O  O   . ALA A 1 68  ? 13.678  -4.352  3.128   1.00 22.02 ? 68  ALA A O   1 
ATOM   490  C  CB  . ALA A 1 68  ? 14.025  -7.486  3.336   1.00 24.63 ? 68  ALA A CB  1 
ATOM   491  N  N   . ASP A 1 69  ? 15.724  -4.870  2.326   1.00 24.05 ? 69  ASP A N   1 
ATOM   492  C  CA  . ASP A 1 69  ? 16.263  -3.570  2.695   1.00 25.79 ? 69  ASP A CA  1 
ATOM   493  C  C   . ASP A 1 69  ? 15.677  -2.434  1.861   1.00 24.17 ? 69  ASP A C   1 
ATOM   494  O  O   . ASP A 1 69  ? 15.729  -1.287  2.304   1.00 24.20 ? 69  ASP A O   1 
ATOM   495  C  CB  . ASP A 1 69  ? 17.795  -3.536  2.619   1.00 30.31 ? 69  ASP A CB  1 
ATOM   496  C  CG  . ASP A 1 69  ? 18.435  -3.964  3.924   1.00 34.64 ? 69  ASP A CG  1 
ATOM   497  O  OD1 . ASP A 1 69  ? 19.060  -5.049  3.983   1.00 37.20 ? 69  ASP A OD1 1 
ATOM   498  O  OD2 . ASP A 1 69  ? 18.337  -3.209  4.920   1.00 37.13 ? 69  ASP A OD2 1 
ATOM   499  N  N   . ASN A 1 70  ? 15.087  -2.725  0.705   1.00 20.79 ? 70  ASN A N   1 
ATOM   500  C  CA  . ASN A 1 70  ? 14.411  -1.734  -0.108  1.00 18.29 ? 70  ASN A CA  1 
ATOM   501  C  C   . ASN A 1 70  ? 12.885  -1.878  0.032   1.00 15.37 ? 70  ASN A C   1 
ATOM   502  O  O   . ASN A 1 70  ? 12.128  -1.354  -0.806  1.00 15.07 ? 70  ASN A O   1 
ATOM   503  C  CB  . ASN A 1 70  ? 14.749  -1.843  -1.603  1.00 19.46 ? 70  ASN A CB  1 
ATOM   504  C  CG  . ASN A 1 70  ? 16.169  -1.356  -1.876  1.00 21.42 ? 70  ASN A CG  1 
ATOM   505  O  OD1 . ASN A 1 70  ? 16.485  -0.250  -1.464  1.00 22.04 ? 70  ASN A OD1 1 
ATOM   506  N  ND2 . ASN A 1 70  ? 16.935  -2.188  -2.545  1.00 25.25 ? 70  ASN A ND2 1 
ATOM   507  N  N   . ASN A 1 71  ? 12.436  -2.541  1.085   1.00 14.68 ? 71  ASN A N   1 
ATOM   508  C  CA  . ASN A 1 71  ? 10.990  -2.714  1.344   1.00 13.34 ? 71  ASN A CA  1 
ATOM   509  C  C   . ASN A 1 71  ? 10.255  -3.363  0.212   1.00 13.16 ? 71  ASN A C   1 
ATOM   510  O  O   . ASN A 1 71  ? 9.038   -3.138  0.040   1.00 12.38 ? 71  ASN A O   1 
ATOM   511  C  CB  . ASN A 1 71  ? 10.348  -1.382  1.753   1.00 13.57 ? 71  ASN A CB  1 
ATOM   512  C  CG  . ASN A 1 71  ? 10.959  -0.916  3.067   1.00 13.88 ? 71  ASN A CG  1 
ATOM   513  O  OD1 . ASN A 1 71  ? 11.682  0.096   3.093   1.00 16.23 ? 71  ASN A OD1 1 
ATOM   514  N  ND2 . ASN A 1 71  ? 10.693  -1.599  4.130   1.00 11.07 ? 71  ASN A ND2 1 
ATOM   515  N  N   . PHE A 1 72  ? 10.918  -4.178  -0.603  1.00 11.51 ? 72  PHE A N   1 
ATOM   516  C  CA  . PHE A 1 72  ? 10.373  -4.865  -1.752  1.00 12.81 ? 72  PHE A CA  1 
ATOM   517  C  C   . PHE A 1 72  ? 9.733   -3.881  -2.724  1.00 12.77 ? 72  PHE A C   1 
ATOM   518  O  O   . PHE A 1 72  ? 8.733   -4.178  -3.370  1.00 13.53 ? 72  PHE A O   1 
ATOM   519  C  CB  . PHE A 1 72  ? 9.454   -6.000  -1.344  1.00 13.96 ? 72  PHE A CB  1 
ATOM   520  C  CG  . PHE A 1 72  ? 10.165  -7.044  -0.527  1.00 15.62 ? 72  PHE A CG  1 
ATOM   521  C  CD1 . PHE A 1 72  ? 11.051  -7.930  -1.133  1.00 16.45 ? 72  PHE A CD1 1 
ATOM   522  C  CD2 . PHE A 1 72  ? 9.937   -7.139  0.829   1.00 16.64 ? 72  PHE A CD2 1 
ATOM   523  C  CE1 . PHE A 1 72  ? 11.707  -8.869  -0.330  1.00 17.34 ? 72  PHE A CE1 1 
ATOM   524  C  CE2 . PHE A 1 72  ? 10.578  -8.087  1.603   1.00 19.43 ? 72  PHE A CE2 1 
ATOM   525  C  CZ  . PHE A 1 72  ? 11.468  -8.967  1.020   1.00 17.44 ? 72  PHE A CZ  1 
ATOM   526  N  N   . VAL A 1 73  ? 10.388  -2.726  -2.889  1.00 12.34 ? 73  VAL A N   1 
ATOM   527  C  CA  . VAL A 1 73  ? 9.976   -1.728  -3.875  1.00 14.34 ? 73  VAL A CA  1 
ATOM   528  C  C   . VAL A 1 73  ? 11.267  -1.274  -4.589  1.00 15.76 ? 73  VAL A C   1 
ATOM   529  O  O   . VAL A 1 73  ? 12.239  -0.956  -3.910  1.00 15.85 ? 73  VAL A O   1 
ATOM   530  C  CB  . VAL A 1 73  ? 9.252   -0.528  -3.273  1.00 13.78 ? 73  VAL A CB  1 
ATOM   531  C  CG1 . VAL A 1 73  ? 8.972   0.508   -4.365  1.00 15.96 ? 73  VAL A CG1 1 
ATOM   532  C  CG2 . VAL A 1 73  ? 7.914   -0.917  -2.624  1.00 16.41 ? 73  VAL A CG2 1 
ATOM   533  N  N   . THR A 1 74  ? 11.247  -1.300  -5.914  1.00 17.37 ? 74  THR A N   1 
ATOM   534  C  CA  . THR A 1 74  ? 12.470  -0.867  -6.633  1.00 17.75 ? 74  THR A CA  1 
ATOM   535  C  C   . THR A 1 74  ? 12.801  0.557   -6.287  1.00 19.19 ? 74  THR A C   1 
ATOM   536  O  O   . THR A 1 74  ? 11.971  1.448   -6.433  1.00 16.79 ? 74  THR A O   1 
ATOM   537  C  CB  . THR A 1 74  ? 12.265  -1.037  -8.149  1.00 18.15 ? 74  THR A CB  1 
ATOM   538  O  OG1 . THR A 1 74  ? 11.939  -2.393  -8.423  1.00 21.31 ? 74  THR A OG1 1 
ATOM   539  C  CG2 . THR A 1 74  ? 13.535  -0.644  -8.902  1.00 19.49 ? 74  THR A CG2 1 
ATOM   540  N  N   . PRO A 1 75  ? 14.050  0.865   -5.921  1.00 20.72 ? 75  PRO A N   1 
ATOM   541  C  CA  . PRO A 1 75  ? 14.424  2.231   -5.594  1.00 23.53 ? 75  PRO A CA  1 
ATOM   542  C  C   . PRO A 1 75  ? 14.137  3.178   -6.753  1.00 26.10 ? 75  PRO A C   1 
ATOM   543  O  O   . PRO A 1 75  ? 14.433  2.857   -7.904  1.00 28.47 ? 75  PRO A O   1 
ATOM   544  C  CB  . PRO A 1 75  ? 15.895  2.155   -5.236  1.00 24.55 ? 75  PRO A CB  1 
ATOM   545  C  CG  . PRO A 1 75  ? 16.232  0.716   -5.114  1.00 23.47 ? 75  PRO A CG  1 
ATOM   546  C  CD  . PRO A 1 75  ? 15.140  -0.110  -5.710  1.00 23.11 ? 75  PRO A CD  1 
ATOM   547  N  N   . GLY A 1 76  ? 13.415  4.256   -6.483  1.00 27.98 ? 76  GLY A N   1 
ATOM   548  C  CA  . GLY A 1 76  ? 13.034  5.252   -7.461  1.00 27.58 ? 76  GLY A CA  1 
ATOM   549  C  C   . GLY A 1 76  ? 11.989  4.831   -8.474  1.00 28.37 ? 76  GLY A C   1 
ATOM   550  O  O   . GLY A 1 76  ? 11.922  5.343   -9.607  1.00 29.00 ? 76  GLY A O   1 
ATOM   551  N  N   . ASP A 1 77  ? 11.199  3.807   -8.139  1.00 25.53 ? 77  ASP A N   1 
ATOM   552  C  CA  . ASP A 1 77  ? 10.191  3.311   -9.066  1.00 23.92 ? 77  ASP A CA  1 
ATOM   553  C  C   . ASP A 1 77  ? 9.187   4.434   -9.310  1.00 22.70 ? 77  ASP A C   1 
ATOM   554  O  O   . ASP A 1 77  ? 8.392   4.759   -8.443  1.00 21.81 ? 77  ASP A O   1 
ATOM   555  C  CB  . ASP A 1 77  ? 9.462   2.089   -8.483  1.00 23.10 ? 77  ASP A CB  1 
ATOM   556  C  CG  . ASP A 1 77  ? 8.654   1.355   -9.536  1.00 23.05 ? 77  ASP A CG  1 
ATOM   557  O  OD1 . ASP A 1 77  ? 8.072   2.021   -10.407 1.00 22.10 ? 77  ASP A OD1 1 
ATOM   558  O  OD2 . ASP A 1 77  ? 8.605   0.101   -9.526  1.00 23.55 ? 77  ASP A OD2 1 
ATOM   559  N  N   . LYS A 1 78  ? 9.185   4.981   -10.528 1.00 22.07 ? 78  LYS A N   1 
ATOM   560  C  CA  . LYS A 1 78  ? 8.267   6.055   -10.849 1.00 23.32 ? 78  LYS A CA  1 
ATOM   561  C  C   . LYS A 1 78  ? 6.815   5.592   -10.931 1.00 21.19 ? 78  LYS A C   1 
ATOM   562  O  O   . LYS A 1 78  ? 5.950   6.490   -10.923 1.00 22.62 ? 78  LYS A O   1 
ATOM   563  C  CB  . LYS A 1 78  ? 8.618   6.740   -12.181 1.00 25.93 ? 78  LYS A CB  1 
ATOM   564  C  CG  . LYS A 1 78  ? 8.288   5.910   -13.401 1.00 29.93 ? 78  LYS A CG  1 
ATOM   565  C  CD  . LYS A 1 78  ? 9.391   4.931   -13.772 1.00 32.41 ? 78  LYS A CD  1 
ATOM   566  C  CE  . LYS A 1 78  ? 10.399  5.573   -14.722 1.00 34.80 ? 78  LYS A CE  1 
ATOM   567  N  NZ  . LYS A 1 78  ? 9.815   5.835   -16.067 1.00 35.96 ? 78  LYS A NZ  1 
ATOM   568  N  N   . ARG A 1 79  ? 6.570   4.291   -10.964 1.00 18.08 ? 79  ARG A N   1 
ATOM   569  C  CA  . ARG A 1 79  ? 5.166   3.839   -11.032 1.00 16.02 ? 79  ARG A CA  1 
ATOM   570  C  C   . ARG A 1 79  ? 4.518   3.785   -9.655  1.00 16.76 ? 79  ARG A C   1 
ATOM   571  O  O   . ARG A 1 79  ? 3.318   3.568   -9.509  1.00 16.24 ? 79  ARG A O   1 
ATOM   572  C  CB  . ARG A 1 79  ? 5.063   2.481   -11.711 1.00 17.31 ? 79  ARG A CB  1 
ATOM   573  C  CG  . ARG A 1 79  ? 5.732   2.364   -13.065 1.00 19.65 ? 79  ARG A CG  1 
ATOM   574  C  CD  . ARG A 1 79  ? 6.026   0.915   -13.401 1.00 21.41 ? 79  ARG A CD  1 
ATOM   575  N  NE  . ARG A 1 79  ? 7.111   0.384   -12.580 1.00 22.88 ? 79  ARG A NE  1 
ATOM   576  C  CZ  . ARG A 1 79  ? 7.855   -0.686  -12.830 1.00 24.39 ? 79  ARG A CZ  1 
ATOM   577  N  NH1 . ARG A 1 79  ? 7.667   -1.365  -13.950 1.00 24.31 ? 79  ARG A NH1 1 
ATOM   578  N  NH2 . ARG A 1 79  ? 8.798   -1.041  -11.956 1.00 25.24 ? 79  ARG A NH2 1 
ATOM   579  N  N   . VAL A 1 80  ? 5.319   3.862   -8.606  1.00 14.73 ? 80  VAL A N   1 
ATOM   580  C  CA  . VAL A 1 80  ? 4.797   3.840   -7.242  1.00 14.34 ? 80  VAL A CA  1 
ATOM   581  C  C   . VAL A 1 80  ? 4.437   5.231   -6.803  1.00 13.77 ? 80  VAL A C   1 
ATOM   582  O  O   . VAL A 1 80  ? 5.288   6.132   -6.661  1.00 17.67 ? 80  VAL A O   1 
ATOM   583  C  CB  . VAL A 1 80  ? 5.802   3.152   -6.291  1.00 14.24 ? 80  VAL A CB  1 
ATOM   584  C  CG1 . VAL A 1 80  ? 5.325   3.263   -4.851  1.00 16.47 ? 80  VAL A CG1 1 
ATOM   585  C  CG2 . VAL A 1 80  ? 5.939   1.682   -6.677  1.00 16.46 ? 80  VAL A CG2 1 
ATOM   586  N  N   . ILE A 1 81  ? 3.148   5.480   -6.544  1.00 13.29 ? 81  ILE A N   1 
ATOM   587  C  CA  . ILE A 1 81  ? 2.706   6.809   -6.125  1.00 14.79 ? 81  ILE A CA  1 
ATOM   588  C  C   . ILE A 1 81  ? 3.032   7.064   -4.656  1.00 15.16 ? 81  ILE A C   1 
ATOM   589  O  O   . ILE A 1 81  ? 3.380   8.177   -4.297  1.00 15.53 ? 81  ILE A O   1 
ATOM   590  C  CB  . ILE A 1 81  ? 1.188   6.952   -6.363  1.00 16.37 ? 81  ILE A CB  1 
ATOM   591  C  CG1 . ILE A 1 81  ? 0.894   6.750   -7.853  1.00 19.60 ? 81  ILE A CG1 1 
ATOM   592  C  CG2 . ILE A 1 81  ? 0.629   8.256   -5.798  1.00 16.73 ? 81  ILE A CG2 1 
ATOM   593  C  CD1 . ILE A 1 81  ? 1.505   7.778   -8.781  1.00 24.55 ? 81  ILE A CD1 1 
ATOM   594  N  N   . ALA A 1 82  ? 2.817   6.051   -3.809  1.00 12.73 ? 82  ALA A N   1 
ATOM   595  C  CA  . ALA A 1 82  ? 3.120   6.198   -2.393  1.00 13.26 ? 82  ALA A CA  1 
ATOM   596  C  C   . ALA A 1 82  ? 3.279   4.785   -1.827  1.00 12.72 ? 82  ALA A C   1 
ATOM   597  O  O   . ALA A 1 82  ? 2.752   3.840   -2.420  1.00 13.00 ? 82  ALA A O   1 
ATOM   598  C  CB  . ALA A 1 82  ? 1.994   6.907   -1.676  1.00 15.08 ? 82  ALA A CB  1 
ATOM   599  N  N   . PHE A 1 83  ? 4.131   4.658   -0.791  1.00 10.28 ? 83  PHE A N   1 
ATOM   600  C  CA  . PHE A 1 83  ? 4.245   3.329   -0.208  1.00 9.92  ? 83  PHE A CA  1 
ATOM   601  C  C   . PHE A 1 83  ? 4.665   3.457   1.252   1.00 9.98  ? 83  PHE A C   1 
ATOM   602  O  O   . PHE A 1 83  ? 5.088   4.525   1.681   1.00 11.07 ? 83  PHE A O   1 
ATOM   603  C  CB  . PHE A 1 83  ? 5.251   2.452   -0.928  1.00 11.38 ? 83  PHE A CB  1 
ATOM   604  C  CG  . PHE A 1 83  ? 6.698   2.819   -0.823  1.00 13.30 ? 83  PHE A CG  1 
ATOM   605  C  CD1 . PHE A 1 83  ? 7.537   2.056   -0.038  1.00 16.76 ? 83  PHE A CD1 1 
ATOM   606  C  CD2 . PHE A 1 83  ? 7.227   3.852   -1.576  1.00 16.57 ? 83  PHE A CD2 1 
ATOM   607  C  CE1 . PHE A 1 83  ? 8.880   2.343   0.062   1.00 18.75 ? 83  PHE A CE1 1 
ATOM   608  C  CE2 . PHE A 1 83  ? 8.583   4.146   -1.487  1.00 18.23 ? 83  PHE A CE2 1 
ATOM   609  C  CZ  . PHE A 1 83  ? 9.408   3.381   -0.687  1.00 19.55 ? 83  PHE A CZ  1 
ATOM   610  N  N   . THR A 1 84  ? 4.488   2.393   2.008   1.00 10.41 ? 84  THR A N   1 
ATOM   611  C  CA  . THR A 1 84  ? 5.036   2.325   3.368   1.00 11.30 ? 84  THR A CA  1 
ATOM   612  C  C   . THR A 1 84  ? 6.142   1.254   3.346   1.00 8.91  ? 84  THR A C   1 
ATOM   613  O  O   . THR A 1 84  ? 6.128   0.313   2.558   1.00 9.93  ? 84  THR A O   1 
ATOM   614  C  CB  . THR A 1 84  ? 3.975   1.864   4.406   1.00 11.05 ? 84  THR A CB  1 
ATOM   615  O  OG1 . THR A 1 84  ? 3.666   0.471   4.277   1.00 12.72 ? 84  THR A OG1 1 
ATOM   616  C  CG2 . THR A 1 84  ? 2.648   2.629   4.304   1.00 12.33 ? 84  THR A CG2 1 
ATOM   617  N  N   . PRO A 1 85  ? 7.048   1.374   4.332   1.00 11.52 ? 85  PRO A N   1 
ATOM   618  C  CA  . PRO A 1 85  ? 7.980   0.319   4.588   1.00 12.00 ? 85  PRO A CA  1 
ATOM   619  C  C   . PRO A 1 85  ? 7.229   -0.943  5.056   1.00 11.72 ? 85  PRO A C   1 
ATOM   620  O  O   . PRO A 1 85  ? 6.072   -0.913  5.498   1.00 11.75 ? 85  PRO A O   1 
ATOM   621  C  CB  . PRO A 1 85  ? 8.762   0.852   5.809   1.00 11.53 ? 85  PRO A CB  1 
ATOM   622  C  CG  . PRO A 1 85  ? 8.630   2.341   5.694   1.00 13.95 ? 85  PRO A CG  1 
ATOM   623  C  CD  . PRO A 1 85  ? 7.184   2.556   5.215   1.00 13.16 ? 85  PRO A CD  1 
ATOM   624  N  N   . ILE A 1 86  ? 7.934   -2.051  4.944   1.00 10.78 ? 86  ILE A N   1 
ATOM   625  C  CA  . ILE A 1 86  ? 7.470   -3.324  5.485   1.00 10.77 ? 86  ILE A CA  1 
ATOM   626  C  C   . ILE A 1 86  ? 7.460   -3.254  7.010   1.00 12.20 ? 86  ILE A C   1 
ATOM   627  O  O   . ILE A 1 86  ? 8.395   -2.798  7.727   1.00 12.53 ? 86  ILE A O   1 
ATOM   628  C  CB  . ILE A 1 86  ? 8.441   -4.432  5.021   1.00 13.01 ? 86  ILE A CB  1 
ATOM   629  C  CG1 . ILE A 1 86  ? 8.372   -4.617  3.512   1.00 13.06 ? 86  ILE A CG1 1 
ATOM   630  C  CG2 . ILE A 1 86  ? 8.179   -5.754  5.742   1.00 15.30 ? 86  ILE A CG2 1 
ATOM   631  C  CD1 . ILE A 1 86  ? 7.168   -5.410  2.989   1.00 15.16 ? 86  ILE A CD1 1 
ATOM   632  N  N   . ILE A 1 87  ? 6.426   -3.789  7.626   1.00 9.82  ? 87  ILE A N   1 
ATOM   633  C  CA  . ILE A 1 87  ? 6.221   -3.893  9.054   1.00 10.21 ? 87  ILE A CA  1 
ATOM   634  C  C   . ILE A 1 87  ? 5.828   -5.333  9.398   1.00 10.80 ? 87  ILE A C   1 
ATOM   635  O  O   . ILE A 1 87  ? 5.282   -6.034  8.581   1.00 11.76 ? 87  ILE A O   1 
ATOM   636  C  CB  . ILE A 1 87  ? 5.200   -2.927  9.673   1.00 12.08 ? 87  ILE A CB  1 
ATOM   637  C  CG1 . ILE A 1 87  ? 3.847   -3.008  8.960   1.00 12.94 ? 87  ILE A CG1 1 
ATOM   638  C  CG2 . ILE A 1 87  ? 5.717   -1.477  9.584   1.00 13.49 ? 87  ILE A CG2 1 
ATOM   639  C  CD1 . ILE A 1 87  ? 2.776   -2.135  9.583   1.00 13.62 ? 87  ILE A CD1 1 
ATOM   640  N  N   . GLY A 1 88  ? 6.287   -5.692  10.584  1.00 9.53  ? 88  GLY A N   1 
ATOM   641  C  CA  . GLY A 1 88  ? 5.944   -7.000  11.160  1.00 9.20  ? 88  GLY A CA  1 
ATOM   642  C  C   . GLY A 1 88  ? 5.019   -6.811  12.349  1.00 9.73  ? 88  GLY A C   1 
ATOM   643  O  O   . GLY A 1 88  ? 4.513   -5.739  12.713  1.00 10.59 ? 88  GLY A O   1 
ATOM   644  N  N   . GLY A 1 89  ? 4.635   -7.929  12.967  1.00 7.84  ? 89  GLY A N   1 
ATOM   645  C  CA  . GLY A 1 89  ? 3.697   -7.900  14.107  1.00 9.60  ? 89  GLY A CA  1 
ATOM   646  C  C   . GLY A 1 89  ? 3.987   -6.904  15.185  1.00 11.34 ? 89  GLY A C   1 
ATOM   647  O  O   . GLY A 1 89  ? 5.124   -6.759  15.665  1.00 11.09 ? 89  GLY A O   1 
ATOM   648  N  N   . GLY A 1 90  ? 2.979   -6.128  15.594  1.00 10.87 ? 90  GLY A N   1 
ATOM   649  C  CA  . GLY A 1 90  ? 3.145   -5.147  16.660  1.00 11.41 ? 90  GLY A CA  1 
ATOM   650  C  C   . GLY A 1 90  ? 3.759   -3.821  16.191  1.00 13.79 ? 90  GLY A C   1 
ATOM   651  O  O   . GLY A 1 90  ? 3.938   -2.954  17.047  1.00 16.02 ? 90  GLY A O   1 
ATOM   652  N  N   . GLU A 1 91  ? 3.975   -3.708  14.890  1.00 12.59 ? 91  GLU A N   1 
ATOM   653  C  CA  . GLU A 1 91  ? 4.500   -2.456  14.341  1.00 12.08 ? 91  GLU A CA  1 
ATOM   654  C  C   . GLU A 1 91  ? 3.435   -1.660  13.599  1.00 12.26 ? 91  GLU A C   1 
ATOM   655  O  O   . GLU A 1 91  ? 2.380   -2.147  13.245  1.00 12.33 ? 91  GLU A O   1 
ATOM   656  C  CB  . GLU A 1 91  ? 5.675   -2.682  13.404  1.00 9.89  ? 91  GLU A CB  1 
ATOM   657  C  CG  . GLU A 1 91  ? 6.847   -3.357  14.125  1.00 12.15 ? 91  GLU A CG  1 
ATOM   658  C  CD  . GLU A 1 91  ? 8.031   -3.554  13.211  1.00 13.71 ? 91  GLU A CD  1 
ATOM   659  O  OE1 . GLU A 1 91  ? 9.185   -3.526  13.773  1.00 17.16 ? 91  GLU A OE1 1 
ATOM   660  O  OE2 . GLU A 1 91  ? 7.978   -3.865  12.017  1.00 13.86 ? 91  GLU A OE2 1 
ATOM   661  N  N   . LYS A 1 92  ? 3.683   -0.353  13.516  1.00 12.00 ? 92  LYS A N   1 
ATOM   662  C  CA  . LYS A 1 92  ? 2.756   0.573   12.862  1.00 12.58 ? 92  LYS A CA  1 
ATOM   663  C  C   . LYS A 1 92  ? 3.541   1.519   11.951  1.00 12.30 ? 92  LYS A C   1 
ATOM   664  O  O   . LYS A 1 92  ? 4.707   1.800   12.232  1.00 12.95 ? 92  LYS A O   1 
ATOM   665  C  CB  . LYS A 1 92  ? 2.002   1.408   13.908  1.00 14.65 ? 92  LYS A CB  1 
ATOM   666  C  CG  . LYS A 1 92  ? 1.169   0.590   14.901  1.00 18.41 ? 92  LYS A CG  1 
ATOM   667  C  CD  . LYS A 1 92  ? 0.591   1.468   16.005  1.00 23.49 ? 92  LYS A CD  1 
ATOM   668  C  CE  . LYS A 1 92  ? 0.039   0.629   17.145  1.00 26.20 ? 92  LYS A CE  1 
ATOM   669  N  NZ  . LYS A 1 92  ? -0.289  1.457   18.347  1.00 30.55 ? 92  LYS A NZ  1 
ATOM   670  N  N   . THR A 1 93  ? 2.902   2.001   10.881  1.00 11.06 ? 93  THR A N   1 
ATOM   671  C  CA  . THR A 1 93  ? 3.598   2.976   10.022  1.00 9.52  ? 93  THR A CA  1 
ATOM   672  C  C   . THR A 1 93  ? 2.514   3.811   9.326   1.00 11.70 ? 93  THR A C   1 
ATOM   673  O  O   . THR A 1 93  ? 1.339   3.628   9.628   1.00 10.88 ? 93  THR A O   1 
ATOM   674  C  CB  . THR A 1 93  ? 4.517   2.276   9.026   1.00 12.40 ? 93  THR A CB  1 
ATOM   675  O  OG1 . THR A 1 93  ? 5.312   3.299   8.349   1.00 12.86 ? 93  THR A OG1 1 
ATOM   676  C  CG2 . THR A 1 93  ? 3.839   1.420   7.983   1.00 13.08 ? 93  THR A CG2 1 
ATOM   677  N  N   . SER A 1 94  ? 2.908   4.721   8.443   1.00 9.99  ? 94  SER A N   1 
ATOM   678  C  CA  . SER A 1 94  ? 1.831   5.471   7.746   1.00 9.55  ? 94  SER A CA  1 
ATOM   679  C  C   . SER A 1 94  ? 2.498   6.089   6.527   1.00 11.11 ? 94  SER A C   1 
ATOM   680  O  O   . SER A 1 94  ? 3.709   6.069   6.400   1.00 11.99 ? 94  SER A O   1 
ATOM   681  C  CB  . SER A 1 94  ? 1.159   6.519   8.613   1.00 12.68 ? 94  SER A CB  1 
ATOM   682  O  OG  . SER A 1 94  ? 2.108   7.479   9.040   1.00 15.10 ? 94  SER A OG  1 
ATOM   683  N  N   . VAL A 1 95  ? 1.657   6.659   5.664   1.00 10.19 ? 95  VAL A N   1 
ATOM   684  C  CA  . VAL A 1 95  ? 2.222   7.370   4.500   1.00 10.30 ? 95  VAL A CA  1 
ATOM   685  C  C   . VAL A 1 95  ? 1.190   8.466   4.196   1.00 12.19 ? 95  VAL A C   1 
ATOM   686  O  O   . VAL A 1 95  ? -0.014  8.258   4.328   1.00 14.54 ? 95  VAL A O   1 
ATOM   687  C  CB  . VAL A 1 95  ? 2.444   6.473   3.276   1.00 12.47 ? 95  VAL A CB  1 
ATOM   688  C  CG1 . VAL A 1 95  ? 1.175   5.750   2.856   1.00 13.35 ? 95  VAL A CG1 1 
ATOM   689  C  CG2 . VAL A 1 95  ? 3.069   7.229   2.096   1.00 14.64 ? 95  VAL A CG2 1 
ATOM   690  N  N   . LYS A 1 96  ? 1.730   9.619   3.838   1.00 13.05 ? 96  LYS A N   1 
ATOM   691  C  CA  . LYS A 1 96  ? 0.853   10.746  3.477   1.00 13.59 ? 96  LYS A CA  1 
ATOM   692  C  C   . LYS A 1 96  ? 1.190   11.146  2.061   1.00 15.56 ? 96  LYS A C   1 
ATOM   693  O  O   . LYS A 1 96  ? 2.371   11.231  1.725   1.00 18.12 ? 96  LYS A O   1 
ATOM   694  C  CB  . LYS A 1 96  ? 1.038   11.916  4.459   1.00 16.75 ? 96  LYS A CB  1 
ATOM   695  C  CG  . LYS A 1 96  ? 0.235   13.159  4.038   1.00 21.18 ? 96  LYS A CG  1 
ATOM   696  C  CD  . LYS A 1 96  ? 0.098   14.131  5.200   1.00 24.50 ? 96  LYS A CD  1 
ATOM   697  C  CE  . LYS A 1 96  ? 1.431   14.578  5.765   1.00 27.59 ? 96  LYS A CE  1 
ATOM   698  N  NZ  . LYS A 1 96  ? 1.285   15.713  6.732   1.00 30.12 ? 96  LYS A NZ  1 
ATOM   699  N  N   . PHE A 1 97  ? 0.202   11.385  1.217   1.00 14.53 ? 97  PHE A N   1 
ATOM   700  C  CA  . PHE A 1 97  ? 0.511   11.757  -0.178  1.00 15.89 ? 97  PHE A CA  1 
ATOM   701  C  C   . PHE A 1 97  ? -0.415  12.885  -0.625  1.00 16.57 ? 97  PHE A C   1 
ATOM   702  O  O   . PHE A 1 97  ? -1.450  13.114  -0.007  1.00 16.46 ? 97  PHE A O   1 
ATOM   703  C  CB  . PHE A 1 97  ? 0.371   10.576  -1.126  1.00 16.90 ? 97  PHE A CB  1 
ATOM   704  C  CG  . PHE A 1 97  ? -0.906  9.818   -1.082  1.00 19.85 ? 97  PHE A CG  1 
ATOM   705  C  CD1 . PHE A 1 97  ? -1.052  8.739   -0.209  1.00 18.85 ? 97  PHE A CD1 1 
ATOM   706  C  CD2 . PHE A 1 97  ? -1.972  10.166  -1.898  1.00 19.15 ? 97  PHE A CD2 1 
ATOM   707  C  CE1 . PHE A 1 97  ? -2.258  8.051   -0.164  1.00 19.96 ? 97  PHE A CE1 1 
ATOM   708  C  CE2 . PHE A 1 97  ? -3.158  9.465   -1.864  1.00 21.96 ? 97  PHE A CE2 1 
ATOM   709  C  CZ  . PHE A 1 97  ? -3.297  8.396   -0.993  1.00 20.94 ? 97  PHE A CZ  1 
ATOM   710  N  N   . LYS A 1 98  ? 0.036   13.576  -1.665  1.00 16.74 ? 98  LYS A N   1 
ATOM   711  C  CA  . LYS A 1 98  ? -0.791  14.685  -2.162  1.00 18.45 ? 98  LYS A CA  1 
ATOM   712  C  C   . LYS A 1 98  ? -1.864  14.138  -3.078  1.00 16.58 ? 98  LYS A C   1 
ATOM   713  O  O   . LYS A 1 98  ? -1.582  13.342  -3.966  1.00 18.82 ? 98  LYS A O   1 
ATOM   714  C  CB  . LYS A 1 98  ? 0.123   15.667  -2.904  1.00 21.62 ? 98  LYS A CB  1 
ATOM   715  C  CG  . LYS A 1 98  ? 0.783   16.648  -1.926  1.00 24.91 ? 98  LYS A CG  1 
ATOM   716  C  CD  . LYS A 1 98  ? 1.748   17.543  -2.697  1.00 29.11 ? 98  LYS A CD  1 
ATOM   717  C  CE  . LYS A 1 98  ? 3.016   17.729  -1.862  1.00 31.37 ? 98  LYS A CE  1 
ATOM   718  N  NZ  . LYS A 1 98  ? 3.577   16.386  -1.512  1.00 33.27 ? 98  LYS A NZ  1 
ATOM   719  N  N   . VAL A 1 99  ? -3.094  14.590  -2.846  1.00 16.99 ? 99  VAL A N   1 
ATOM   720  C  CA  . VAL A 1 99  ? -4.269  14.182  -3.599  1.00 18.52 ? 99  VAL A CA  1 
ATOM   721  C  C   . VAL A 1 99  ? -4.184  14.653  -5.051  1.00 20.01 ? 99  VAL A C   1 
ATOM   722  O  O   . VAL A 1 99  ? -4.641  13.929  -5.945  1.00 19.39 ? 99  VAL A O   1 
ATOM   723  C  CB  . VAL A 1 99  ? -5.562  14.640  -2.921  1.00 19.66 ? 99  VAL A CB  1 
ATOM   724  C  CG1 . VAL A 1 99  ? -6.816  14.377  -3.763  1.00 22.94 ? 99  VAL A CG1 1 
ATOM   725  C  CG2 . VAL A 1 99  ? -5.795  13.939  -1.578  1.00 21.22 ? 99  VAL A CG2 1 
ATOM   726  N  N   . SER A 1 100 ? -3.388  15.679  -5.325  1.00 21.41 ? 100 SER A N   1 
ATOM   727  C  CA  . SER A 1 100 ? -3.139  16.129  -6.700  1.00 22.72 ? 100 SER A CA  1 
ATOM   728  C  C   . SER A 1 100 ? -2.325  15.164  -7.526  1.00 22.84 ? 100 SER A C   1 
ATOM   729  O  O   . SER A 1 100 ? -2.264  15.220  -8.776  1.00 23.80 ? 100 SER A O   1 
ATOM   730  C  CB  . SER A 1 100 ? -2.467  17.513  -6.641  1.00 24.08 ? 100 SER A CB  1 
ATOM   731  O  OG  . SER A 1 100 ? -1.135  17.377  -6.152  1.00 23.58 ? 100 SER A OG  1 
ATOM   732  N  N   . ALA A 1 101 ? -1.659  14.174  -6.919  1.00 21.21 ? 101 ALA A N   1 
ATOM   733  C  CA  . ALA A 1 101 ? -0.940  13.150  -7.654  1.00 21.76 ? 101 ALA A CA  1 
ATOM   734  C  C   . ALA A 1 101 ? -1.899  12.147  -8.284  1.00 22.18 ? 101 ALA A C   1 
ATOM   735  O  O   . ALA A 1 101 ? -1.473  11.394  -9.167  1.00 25.85 ? 101 ALA A O   1 
ATOM   736  C  CB  . ALA A 1 101 ? 0.049   12.438  -6.721  1.00 21.74 ? 101 ALA A CB  1 
ATOM   737  N  N   . LEU A 1 102 ? -3.165  12.127  -7.899  1.00 19.45 ? 102 LEU A N   1 
ATOM   738  C  CA  . LEU A 1 102 ? -4.135  11.207  -8.433  1.00 21.28 ? 102 LEU A CA  1 
ATOM   739  C  C   . LEU A 1 102 ? -4.988  11.895  -9.512  1.00 22.14 ? 102 LEU A C   1 
ATOM   740  O  O   . LEU A 1 102 ? -5.286  13.076  -9.442  1.00 22.73 ? 102 LEU A O   1 
ATOM   741  C  CB  . LEU A 1 102 ? -5.080  10.690  -7.358  1.00 20.16 ? 102 LEU A CB  1 
ATOM   742  C  CG  . LEU A 1 102 ? -4.386  10.080  -6.119  1.00 22.00 ? 102 LEU A CG  1 
ATOM   743  C  CD1 . LEU A 1 102 ? -5.438  9.603   -5.138  1.00 21.38 ? 102 LEU A CD1 1 
ATOM   744  C  CD2 . LEU A 1 102 ? -3.478  8.936   -6.561  1.00 22.21 ? 102 LEU A CD2 1 
ATOM   745  N  N   . SER A 1 103 ? -5.420  11.053  -10.428 1.00 22.98 ? 103 SER A N   1 
ATOM   746  C  CA  . SER A 1 103 ? -6.274  11.552  -11.509 1.00 23.48 ? 103 SER A CA  1 
ATOM   747  C  C   . SER A 1 103 ? -7.632  10.881  -11.415 1.00 23.94 ? 103 SER A C   1 
ATOM   748  O  O   . SER A 1 103 ? -7.767  9.713   -11.049 1.00 21.84 ? 103 SER A O   1 
ATOM   749  C  CB  . SER A 1 103 ? -5.611  11.226  -12.843 1.00 25.13 ? 103 SER A CB  1 
ATOM   750  O  OG  . SER A 1 103 ? -6.559  11.551  -13.867 1.00 25.21 ? 103 SER A OG  1 
ATOM   751  N  N   . LYS A 1 104 ? -8.649  11.590  -11.909 1.00 23.55 ? 104 LYS A N   1 
ATOM   752  C  CA  . LYS A 1 104 ? -9.979  11.023  -12.032 1.00 24.14 ? 104 LYS A CA  1 
ATOM   753  C  C   . LYS A 1 104 ? -10.076 10.130  -13.269 1.00 22.73 ? 104 LYS A C   1 
ATOM   754  O  O   . LYS A 1 104 ? -11.043 9.377   -13.415 1.00 22.68 ? 104 LYS A O   1 
ATOM   755  C  CB  . LYS A 1 104 ? -10.994 12.172  -12.157 1.00 26.62 ? 104 LYS A CB  1 
ATOM   756  C  CG  . LYS A 1 104 ? -11.109 13.000  -10.877 1.00 29.72 ? 104 LYS A CG  1 
ATOM   757  C  CD  . LYS A 1 104 ? -12.231 14.023  -10.983 1.00 33.53 ? 104 LYS A CD  1 
ATOM   758  C  CE  . LYS A 1 104 ? -12.588 14.575  -9.607  1.00 35.12 ? 104 LYS A CE  1 
ATOM   759  N  NZ  . LYS A 1 104 ? -13.734 15.533  -9.697  1.00 36.54 ? 104 LYS A NZ  1 
ATOM   760  N  N   . ASP A 1 105 ? -9.082  10.135  -14.164 1.00 19.44 ? 105 ASP A N   1 
ATOM   761  C  CA  . ASP A 1 105 ? -9.142  9.320   -15.359 1.00 20.46 ? 105 ASP A CA  1 
ATOM   762  C  C   . ASP A 1 105 ? -8.582  7.915   -15.234 1.00 21.65 ? 105 ASP A C   1 
ATOM   763  O  O   . ASP A 1 105 ? -8.773  7.091   -16.127 1.00 22.45 ? 105 ASP A O   1 
ATOM   764  C  CB  . ASP A 1 105 ? -8.364  10.098  -16.448 1.00 21.56 ? 105 ASP A CB  1 
ATOM   765  C  CG  . ASP A 1 105 ? -9.031  11.437  -16.726 1.00 21.96 ? 105 ASP A CG  1 
ATOM   766  O  OD1 . ASP A 1 105 ? -10.245 11.582  -16.464 1.00 21.93 ? 105 ASP A OD1 1 
ATOM   767  O  OD2 . ASP A 1 105 ? -8.361  12.367  -17.229 1.00 23.33 ? 105 ASP A OD2 1 
ATOM   768  N  N   . GLU A 1 106 ? -7.922  7.624   -14.096 1.00 19.64 ? 106 GLU A N   1 
ATOM   769  C  CA  . GLU A 1 106 ? -7.213  6.382   -13.913 1.00 22.04 ? 106 GLU A CA  1 
ATOM   770  C  C   . GLU A 1 106 ? -7.746  5.471   -12.820 1.00 18.43 ? 106 GLU A C   1 
ATOM   771  O  O   . GLU A 1 106 ? -8.468  5.999   -11.997 1.00 19.41 ? 106 GLU A O   1 
ATOM   772  C  CB  . GLU A 1 106 ? -5.771  6.794   -13.469 1.00 24.77 ? 106 GLU A CB  1 
ATOM   773  C  CG  . GLU A 1 106 ? -4.967  7.228   -14.691 1.00 30.29 ? 106 GLU A CG  1 
ATOM   774  C  CD  . GLU A 1 106 ? -4.597  6.020   -15.536 1.00 32.65 ? 106 GLU A CD  1 
ATOM   775  O  OE1 . GLU A 1 106 ? -5.056  4.899   -15.206 1.00 35.04 ? 106 GLU A OE1 1 
ATOM   776  O  OE2 . GLU A 1 106 ? -3.842  6.178   -16.524 1.00 35.00 ? 106 GLU A OE2 1 
ATOM   777  N  N   . ALA A 1 107 ? -7.393  4.184   -12.874 1.00 17.18 ? 107 ALA A N   1 
ATOM   778  C  CA  . ALA A 1 107 ? -7.819  3.296   -11.805 1.00 14.74 ? 107 ALA A CA  1 
ATOM   779  C  C   . ALA A 1 107 ? -6.585  2.969   -10.929 1.00 12.97 ? 107 ALA A C   1 
ATOM   780  O  O   . ALA A 1 107 ? -5.539  2.842   -11.546 1.00 13.73 ? 107 ALA A O   1 
ATOM   781  C  CB  . ALA A 1 107 ? -8.354  2.000   -12.378 1.00 17.08 ? 107 ALA A CB  1 
ATOM   782  N  N   . TYR A 1 108 ? -6.812  2.864   -9.637  1.00 12.88 ? 108 TYR A N   1 
ATOM   783  C  CA  . TYR A 1 108 ? -5.644  2.646   -8.746  1.00 11.41 ? 108 TYR A CA  1 
ATOM   784  C  C   . TYR A 1 108 ? -5.842  1.399   -7.888  1.00 12.68 ? 108 TYR A C   1 
ATOM   785  O  O   . TYR A 1 108 ? -6.962  1.033   -7.551  1.00 14.53 ? 108 TYR A O   1 
ATOM   786  C  CB  . TYR A 1 108 ? -5.442  3.829   -7.789  1.00 12.23 ? 108 TYR A CB  1 
ATOM   787  C  CG  . TYR A 1 108 ? -5.111  5.118   -8.524  1.00 14.98 ? 108 TYR A CG  1 
ATOM   788  C  CD1 . TYR A 1 108 ? -3.832  5.333   -9.005  1.00 14.94 ? 108 TYR A CD1 1 
ATOM   789  C  CD2 . TYR A 1 108 ? -6.105  6.052   -8.771  1.00 16.28 ? 108 TYR A CD2 1 
ATOM   790  C  CE1 . TYR A 1 108 ? -3.530  6.504   -9.707  1.00 16.56 ? 108 TYR A CE1 1 
ATOM   791  C  CE2 . TYR A 1 108 ? -5.812  7.210   -9.469  1.00 17.79 ? 108 TYR A CE2 1 
ATOM   792  C  CZ  . TYR A 1 108 ? -4.531  7.405   -9.929  1.00 18.92 ? 108 TYR A CZ  1 
ATOM   793  O  OH  . TYR A 1 108 ? -4.280  8.588   -10.608 1.00 21.88 ? 108 TYR A OH  1 
ATOM   794  N  N   . THR A 1 109 ? -4.714  0.776   -7.526  1.00 10.73 ? 109 THR A N   1 
ATOM   795  C  CA  . THR A 1 109 ? -4.772  -0.425  -6.714  1.00 11.50 ? 109 THR A CA  1 
ATOM   796  C  C   . THR A 1 109 ? -3.703  -0.303  -5.601  1.00 11.20 ? 109 THR A C   1 
ATOM   797  O  O   . THR A 1 109 ? -2.663  0.200   -5.982  1.00 12.77 ? 109 THR A O   1 
ATOM   798  C  CB  . THR A 1 109 ? -4.389  -1.651  -7.542  1.00 12.58 ? 109 THR A CB  1 
ATOM   799  O  OG1 . THR A 1 109 ? -5.355  -1.862  -8.615  1.00 14.77 ? 109 THR A OG1 1 
ATOM   800  C  CG2 . THR A 1 109 ? -4.310  -2.944  -6.710  1.00 12.61 ? 109 THR A CG2 1 
ATOM   801  N  N   . TYR A 1 110 ? -4.097  -0.724  -4.412  1.00 9.85  ? 110 TYR A N   1 
ATOM   802  C  CA  . TYR A 1 110 ? -3.057  -0.725  -3.348  1.00 9.78  ? 110 TYR A CA  1 
ATOM   803  C  C   . TYR A 1 110 ? -2.811  -2.202  -3.087  1.00 10.39 ? 110 TYR A C   1 
ATOM   804  O  O   . TYR A 1 110 ? -3.666  -3.068  -3.255  1.00 9.96  ? 110 TYR A O   1 
ATOM   805  C  CB  . TYR A 1 110 ? -3.405  0.023   -2.098  1.00 10.28 ? 110 TYR A CB  1 
ATOM   806  C  CG  . TYR A 1 110 ? -4.652  -0.413  -1.380  1.00 9.86  ? 110 TYR A CG  1 
ATOM   807  C  CD1 . TYR A 1 110 ? -5.846  0.270   -1.671  1.00 13.31 ? 110 TYR A CD1 1 
ATOM   808  C  CD2 . TYR A 1 110 ? -4.694  -1.456  -0.479  1.00 10.44 ? 110 TYR A CD2 1 
ATOM   809  C  CE1 . TYR A 1 110 ? -7.025  -0.089  -1.038  1.00 14.58 ? 110 TYR A CE1 1 
ATOM   810  C  CE2 . TYR A 1 110 ? -5.881  -1.810  0.155   1.00 12.53 ? 110 TYR A CE2 1 
ATOM   811  C  CZ  . TYR A 1 110 ? -7.034  -1.109  -0.133  1.00 15.09 ? 110 TYR A CZ  1 
ATOM   812  O  OH  . TYR A 1 110 ? -8.204  -1.454  0.509   1.00 17.08 ? 110 TYR A OH  1 
ATOM   813  N  N   . PHE A 1 111 ? -1.553  -2.574  -2.738  1.00 9.77  ? 111 PHE A N   1 
ATOM   814  C  CA  . PHE A 1 111 ? -1.254  -3.991  -2.600  1.00 10.18 ? 111 PHE A CA  1 
ATOM   815  C  C   . PHE A 1 111 ? 0.036   -4.127  -1.765  1.00 11.16 ? 111 PHE A C   1 
ATOM   816  O  O   . PHE A 1 111 ? 0.666   -3.124  -1.481  1.00 9.83  ? 111 PHE A O   1 
ATOM   817  C  CB  . PHE A 1 111 ? -0.983  -4.666  -3.958  1.00 11.58 ? 111 PHE A CB  1 
ATOM   818  C  CG  . PHE A 1 111 ? 0.187   -4.028  -4.711  1.00 14.15 ? 111 PHE A CG  1 
ATOM   819  C  CD1 . PHE A 1 111 ? -0.035  -2.821  -5.384  1.00 16.77 ? 111 PHE A CD1 1 
ATOM   820  C  CD2 . PHE A 1 111 ? 1.432   -4.608  -4.716  1.00 16.80 ? 111 PHE A CD2 1 
ATOM   821  C  CE1 . PHE A 1 111 ? 1.004   -2.205  -6.064  1.00 18.80 ? 111 PHE A CE1 1 
ATOM   822  C  CE2 . PHE A 1 111 ? 2.472   -3.999  -5.422  1.00 18.49 ? 111 PHE A CE2 1 
ATOM   823  C  CZ  . PHE A 1 111 ? 2.249   -2.799  -6.064  1.00 17.33 ? 111 PHE A CZ  1 
ATOM   824  N  N   . CYS A 1 112 ? 0.234   -5.353  -1.304  1.00 10.01 ? 112 CYS A N   1 
ATOM   825  C  CA  . CYS A 1 112 ? 1.447   -5.651  -0.502  1.00 11.24 ? 112 CYS A CA  1 
ATOM   826  C  C   . CYS A 1 112 ? 2.497   -6.248  -1.405  1.00 11.16 ? 112 CYS A C   1 
ATOM   827  O  O   . CYS A 1 112 ? 2.221   -7.195  -2.161  1.00 12.93 ? 112 CYS A O   1 
ATOM   828  C  CB  . CYS A 1 112 ? 0.974   -6.641  0.569   1.00 10.13 ? 112 CYS A CB  1 
ATOM   829  S  SG  . CYS A 1 112 ? 2.337   -7.191  1.668   1.00 11.67 ? 112 CYS A SG  1 
ATOM   830  N  N   . SER A 1 113 ? 3.792   -5.778  -1.376  1.00 12.41 ? 113 SER A N   1 
ATOM   831  C  CA  . SER A 1 113 ? 4.770   -6.292  -2.278  1.00 13.00 ? 113 SER A CA  1 
ATOM   832  C  C   . SER A 1 113 ? 5.749   -7.333  -1.671  1.00 13.37 ? 113 SER A C   1 
ATOM   833  O  O   . SER A 1 113 ? 6.641   -7.700  -2.411  1.00 14.60 ? 113 SER A O   1 
ATOM   834  C  CB  . SER A 1 113 ? 5.624   -5.191  -2.956  1.00 13.27 ? 113 SER A CB  1 
ATOM   835  O  OG  . SER A 1 113 ? 6.241   -4.409  -1.972  1.00 13.97 ? 113 SER A OG  1 
ATOM   836  N  N   . TYR A 1 114 ? 5.471   -7.708  -0.427  1.00 16.85 ? 114 TYR A N   1 
ATOM   837  C  CA  . TYR A 1 114 ? 6.309   -8.791  0.150   1.00 18.01 ? 114 TYR A CA  1 
ATOM   838  C  C   . TYR A 1 114 ? 6.118   -9.982  -0.768  1.00 19.75 ? 114 TYR A C   1 
ATOM   839  O  O   . TYR A 1 114 ? 4.968   -10.302 -1.130  1.00 20.07 ? 114 TYR A O   1 
ATOM   840  C  CB  . TYR A 1 114 ? 5.737   -9.081  1.544   1.00 17.40 ? 114 TYR A CB  1 
ATOM   841  C  CG  . TYR A 1 114 ? 6.540   -10.118 2.309   1.00 20.29 ? 114 TYR A CG  1 
ATOM   842  C  CD1 . TYR A 1 114 ? 6.241   -11.470 2.135   1.00 21.10 ? 114 TYR A CD1 1 
ATOM   843  C  CD2 . TYR A 1 114 ? 7.544   -9.740  3.169   1.00 20.53 ? 114 TYR A CD2 1 
ATOM   844  C  CE1 . TYR A 1 114 ? 6.969   -12.426 2.821   1.00 23.08 ? 114 TYR A CE1 1 
ATOM   845  C  CE2 . TYR A 1 114 ? 8.293   -10.703 3.843   1.00 22.58 ? 114 TYR A CE2 1 
ATOM   846  C  CZ  . TYR A 1 114 ? 7.973   -12.025 3.669   1.00 24.84 ? 114 TYR A CZ  1 
ATOM   847  O  OH  . TYR A 1 114 ? 8.711   -12.990 4.352   1.00 26.70 ? 114 TYR A OH  1 
ATOM   848  N  N   . PRO A 1 115 ? 7.170   -10.688 -1.130  1.00 20.79 ? 115 PRO A N   1 
ATOM   849  C  CA  . PRO A 1 115 ? 7.093   -11.825 -2.031  1.00 22.44 ? 115 PRO A CA  1 
ATOM   850  C  C   . PRO A 1 115 ? 5.944   -12.764 -1.729  1.00 23.75 ? 115 PRO A C   1 
ATOM   851  O  O   . PRO A 1 115 ? 5.717   -13.202 -0.600  1.00 24.90 ? 115 PRO A O   1 
ATOM   852  C  CB  . PRO A 1 115 ? 8.450   -12.513 -1.859  1.00 23.17 ? 115 PRO A CB  1 
ATOM   853  C  CG  . PRO A 1 115 ? 9.371   -11.379 -1.579  1.00 22.42 ? 115 PRO A CG  1 
ATOM   854  C  CD  . PRO A 1 115 ? 8.581   -10.402 -0.757  1.00 22.08 ? 115 PRO A CD  1 
ATOM   855  N  N   . GLY A 1 116 ? 5.100   -12.938 -2.747  1.00 24.61 ? 116 GLY A N   1 
ATOM   856  C  CA  . GLY A 1 116 ? 3.965   -13.839 -2.668  1.00 25.22 ? 116 GLY A CA  1 
ATOM   857  C  C   . GLY A 1 116 ? 2.685   -13.317 -2.083  1.00 25.56 ? 116 GLY A C   1 
ATOM   858  O  O   . GLY A 1 116 ? 1.738   -14.116 -1.966  1.00 28.26 ? 116 GLY A O   1 
ATOM   859  N  N   . HIS A 1 117 ? 2.580   -12.064 -1.662  1.00 23.11 ? 117 HIS A N   1 
ATOM   860  C  CA  . HIS A 1 117 ? 1.386   -11.519 -1.048  1.00 22.10 ? 117 HIS A CA  1 
ATOM   861  C  C   . HIS A 1 117 ? 0.484   -10.755 -2.011  1.00 22.96 ? 117 HIS A C   1 
ATOM   862  O  O   . HIS A 1 117 ? -0.714  -10.600 -1.750  1.00 22.51 ? 117 HIS A O   1 
ATOM   863  C  CB  . HIS A 1 117 ? 1.800   -10.543 0.066   1.00 20.75 ? 117 HIS A CB  1 
ATOM   864  C  CG  . HIS A 1 117 ? 2.360   -11.199 1.305   1.00 20.61 ? 117 HIS A CG  1 
ATOM   865  N  ND1 . HIS A 1 117 ? 2.395   -10.545 2.506   1.00 20.88 ? 117 HIS A ND1 1 
ATOM   866  C  CD2 . HIS A 1 117 ? 2.889   -12.418 1.529   1.00 20.83 ? 117 HIS A CD2 1 
ATOM   867  C  CE1 . HIS A 1 117 ? 2.952   -11.313 3.420   1.00 21.69 ? 117 HIS A CE1 1 
ATOM   868  N  NE2 . HIS A 1 117 ? 3.259   -12.475 2.858   1.00 20.91 ? 117 HIS A NE2 1 
ATOM   869  N  N   . PHE A 1 118 ? 1.038   -10.254 -3.130  1.00 24.25 ? 118 PHE A N   1 
ATOM   870  C  CA  . PHE A 1 118 ? 0.222   -9.373  -3.961  1.00 27.29 ? 118 PHE A CA  1 
ATOM   871  C  C   . PHE A 1 118 ? -1.041  -9.983  -4.527  1.00 28.31 ? 118 PHE A C   1 
ATOM   872  O  O   . PHE A 1 118 ? -2.025  -9.223  -4.601  1.00 29.07 ? 118 PHE A O   1 
ATOM   873  C  CB  . PHE A 1 118 ? 1.037   -8.637  -5.021  1.00 28.75 ? 118 PHE A CB  1 
ATOM   874  C  CG  . PHE A 1 118 ? 1.069   -9.185  -6.409  1.00 29.85 ? 118 PHE A CG  1 
ATOM   875  C  CD1 . PHE A 1 118 ? 1.804   -10.300 -6.742  1.00 31.47 ? 118 PHE A CD1 1 
ATOM   876  C  CD2 . PHE A 1 118 ? 0.351   -8.546  -7.408  1.00 31.34 ? 118 PHE A CD2 1 
ATOM   877  C  CE1 . PHE A 1 118 ? 1.818   -10.780 -8.043  1.00 32.95 ? 118 PHE A CE1 1 
ATOM   878  C  CE2 . PHE A 1 118 ? 0.369   -9.001  -8.707  1.00 31.72 ? 118 PHE A CE2 1 
ATOM   879  C  CZ  . PHE A 1 118 ? 1.100   -10.127 -9.023  1.00 31.99 ? 118 PHE A CZ  1 
ATOM   880  N  N   . SER A 1 119 ? -1.078  -11.261 -4.858  1.00 29.23 ? 119 SER A N   1 
ATOM   881  C  CA  . SER A 1 119 ? -2.301  -11.817 -5.435  1.00 30.88 ? 119 SER A CA  1 
ATOM   882  C  C   . SER A 1 119 ? -3.529  -11.754 -4.557  1.00 30.88 ? 119 SER A C   1 
ATOM   883  O  O   . SER A 1 119 ? -4.640  -11.670 -5.112  1.00 31.19 ? 119 SER A O   1 
ATOM   884  C  CB  . SER A 1 119 ? -2.057  -13.259 -5.899  1.00 32.98 ? 119 SER A CB  1 
ATOM   885  O  OG  . SER A 1 119 ? -1.808  -14.102 -4.796  1.00 35.62 ? 119 SER A OG  1 
ATOM   886  N  N   . MET A 1 120 ? -3.431  -11.811 -3.233  1.00 28.57 ? 120 MET A N   1 
ATOM   887  C  CA  . MET A 1 120 ? -4.575  -11.784 -2.341  1.00 27.93 ? 120 MET A CA  1 
ATOM   888  C  C   . MET A 1 120 ? -4.719  -10.479 -1.566  1.00 24.99 ? 120 MET A C   1 
ATOM   889  O  O   . MET A 1 120 ? -5.792  -10.009 -1.162  1.00 23.96 ? 120 MET A O   1 
ATOM   890  C  CB  . MET A 1 120 ? -4.455  -12.941 -1.318  1.00 31.47 ? 120 MET A CB  1 
ATOM   891  C  CG  . MET A 1 120 ? -5.343  -14.137 -1.615  1.00 35.08 ? 120 MET A CG  1 
ATOM   892  S  SD  . MET A 1 120 ? -4.972  -15.524 -0.500  1.00 39.17 ? 120 MET A SD  1 
ATOM   893  C  CE  . MET A 1 120 ? -3.916  -16.470 -1.606  1.00 37.63 ? 120 MET A CE  1 
ATOM   894  N  N   . MET A 1 121 ? -3.560  -9.883  -1.299  1.00 20.37 ? 121 MET A N   1 
ATOM   895  C  CA  . MET A 1 121 ? -3.501  -8.665  -0.507  1.00 17.01 ? 121 MET A CA  1 
ATOM   896  C  C   . MET A 1 121 ? -3.478  -7.452  -1.418  1.00 15.63 ? 121 MET A C   1 
ATOM   897  O  O   . MET A 1 121 ? -2.448  -6.907  -1.811  1.00 15.27 ? 121 MET A O   1 
ATOM   898  C  CB  . MET A 1 121 ? -2.267  -8.799  0.379   1.00 20.71 ? 121 MET A CB  1 
ATOM   899  C  CG  . MET A 1 121 ? -2.287  -7.880  1.578   1.00 22.68 ? 121 MET A CG  1 
ATOM   900  S  SD  . MET A 1 121 ? -1.210  -8.647  2.853   1.00 23.80 ? 121 MET A SD  1 
ATOM   901  C  CE  . MET A 1 121 ? -1.612  -7.465  4.140   1.00 23.19 ? 121 MET A CE  1 
ATOM   902  N  N   . ARG A 1 122 ? -4.688  -7.032  -1.770  1.00 15.14 ? 122 ARG A N   1 
ATOM   903  C  CA  . ARG A 1 122 ? -4.850  -5.905  -2.675  1.00 14.73 ? 122 ARG A CA  1 
ATOM   904  C  C   . ARG A 1 122 ? -6.245  -5.311  -2.527  1.00 17.40 ? 122 ARG A C   1 
ATOM   905  O  O   . ARG A 1 122 ? -7.115  -5.998  -2.003  1.00 19.77 ? 122 ARG A O   1 
ATOM   906  C  CB  . ARG A 1 122 ? -4.632  -6.339  -4.119  1.00 16.48 ? 122 ARG A CB  1 
ATOM   907  C  CG  . ARG A 1 122 ? -5.511  -7.510  -4.576  1.00 20.17 ? 122 ARG A CG  1 
ATOM   908  C  CD  . ARG A 1 122 ? -4.955  -8.080  -5.872  1.00 21.65 ? 122 ARG A CD  1 
ATOM   909  N  NE  . ARG A 1 122 ? -5.014  -7.093  -6.946  1.00 23.62 ? 122 ARG A NE  1 
ATOM   910  C  CZ  . ARG A 1 122 ? -4.305  -7.122  -8.057  1.00 25.78 ? 122 ARG A CZ  1 
ATOM   911  N  NH1 . ARG A 1 122 ? -3.440  -8.118  -8.243  1.00 28.58 ? 122 ARG A NH1 1 
ATOM   912  N  NH2 . ARG A 1 122 ? -4.442  -6.183  -8.974  1.00 25.86 ? 122 ARG A NH2 1 
ATOM   913  N  N   . GLY A 1 123 ? -6.362  -4.061  -2.959  1.00 13.78 ? 123 GLY A N   1 
ATOM   914  C  CA  . GLY A 1 123 ? -7.658  -3.383  -2.811  1.00 13.95 ? 123 GLY A CA  1 
ATOM   915  C  C   . GLY A 1 123 ? -7.731  -2.282  -3.863  1.00 14.17 ? 123 GLY A C   1 
ATOM   916  O  O   . GLY A 1 123 ? -6.752  -2.073  -4.587  1.00 13.83 ? 123 GLY A O   1 
ATOM   917  N  N   . THR A 1 124 ? -8.883  -1.617  -3.909  1.00 14.29 ? 124 THR A N   1 
ATOM   918  C  CA  . THR A 1 124 ? -9.031  -0.528  -4.874  1.00 15.64 ? 124 THR A CA  1 
ATOM   919  C  C   . THR A 1 124 ? -9.083  0.801   -4.137  1.00 12.50 ? 124 THR A C   1 
ATOM   920  O  O   . THR A 1 124 ? -9.580  0.933   -3.027  1.00 12.38 ? 124 THR A O   1 
ATOM   921  C  CB  . THR A 1 124 ? -10.329 -0.704  -5.704  1.00 19.24 ? 124 THR A CB  1 
ATOM   922  O  OG1 . THR A 1 124 ? -10.409 0.419   -6.604  1.00 22.78 ? 124 THR A OG1 1 
ATOM   923  C  CG2 . THR A 1 124 ? -11.540 -0.694  -4.789  1.00 20.40 ? 124 THR A CG2 1 
ATOM   924  N  N   . LEU A 1 125 ? -8.461  1.826   -4.735  1.00 14.01 ? 125 LEU A N   1 
ATOM   925  C  CA  . LEU A 1 125 ? -8.490  3.176   -4.180  1.00 15.21 ? 125 LEU A CA  1 
ATOM   926  C  C   . LEU A 1 125 ? -9.105  4.081   -5.257  1.00 15.48 ? 125 LEU A C   1 
ATOM   927  O  O   . LEU A 1 125 ? -8.711  3.988   -6.422  1.00 16.82 ? 125 LEU A O   1 
ATOM   928  C  CB  . LEU A 1 125 ? -7.099  3.708   -3.801  1.00 15.38 ? 125 LEU A CB  1 
ATOM   929  C  CG  . LEU A 1 125 ? -7.014  5.097   -3.175  1.00 15.93 ? 125 LEU A CG  1 
ATOM   930  C  CD1 . LEU A 1 125 ? -5.976  5.153   -2.051  1.00 15.81 ? 125 LEU A CD1 1 
ATOM   931  C  CD2 . LEU A 1 125 ? -6.641  6.165   -4.206  1.00 17.83 ? 125 LEU A CD2 1 
ATOM   932  N  N   . LYS A 1 126 ? -10.029 4.947   -4.853  1.00 19.21 ? 126 LYS A N   1 
ATOM   933  C  CA  . LYS A 1 126 ? -10.589 5.844   -5.867  1.00 22.81 ? 126 LYS A CA  1 
ATOM   934  C  C   . LYS A 1 126 ? -10.797 7.212   -5.216  1.00 21.90 ? 126 LYS A C   1 
ATOM   935  O  O   . LYS A 1 126 ? -11.032 7.313   -4.025  1.00 18.68 ? 126 LYS A O   1 
ATOM   936  C  CB  . LYS A 1 126 ? -11.907 5.363   -6.449  1.00 26.28 ? 126 LYS A CB  1 
ATOM   937  C  CG  . LYS A 1 126 ? -12.802 4.665   -5.430  1.00 29.02 ? 126 LYS A CG  1 
ATOM   938  C  CD  . LYS A 1 126 ? -12.606 3.149   -5.520  1.00 31.88 ? 126 LYS A CD  1 
ATOM   939  C  CE  . LYS A 1 126 ? -13.289 2.590   -6.760  1.00 33.97 ? 126 LYS A CE  1 
ATOM   940  N  NZ  . LYS A 1 126 ? -13.106 1.116   -6.903  1.00 35.28 ? 126 LYS A NZ  1 
ATOM   941  N  N   . LEU A 1 127 ? -10.700 8.194   -6.088  1.00 24.74 ? 127 LEU A N   1 
ATOM   942  C  CA  . LEU A 1 127 ? -10.892 9.596   -5.767  1.00 27.64 ? 127 LEU A CA  1 
ATOM   943  C  C   . LEU A 1 127 ? -12.399 9.820   -5.798  1.00 30.28 ? 127 LEU A C   1 
ATOM   944  O  O   . LEU A 1 127 ? -13.036 9.449   -6.794  1.00 29.81 ? 127 LEU A O   1 
ATOM   945  C  CB  . LEU A 1 127 ? -10.198 10.439  -6.837  1.00 28.01 ? 127 LEU A CB  1 
ATOM   946  C  CG  . LEU A 1 127 ? -9.711  11.838  -6.495  1.00 29.35 ? 127 LEU A CG  1 
ATOM   947  C  CD1 . LEU A 1 127 ? -8.750  11.806  -5.316  1.00 28.52 ? 127 LEU A CD1 1 
ATOM   948  C  CD2 . LEU A 1 127 ? -9.034  12.461  -7.710  1.00 29.45 ? 127 LEU A CD2 1 
ATOM   949  N  N   . GLU A 1 128 ? -12.941 10.290  -4.694  1.00 33.22 ? 128 GLU A N   1 
ATOM   950  C  CA  . GLU A 1 128 ? -14.368 10.570  -4.578  1.00 37.76 ? 128 GLU A CA  1 
ATOM   951  C  C   . GLU A 1 128 ? -14.557 12.073  -4.823  1.00 40.18 ? 128 GLU A C   1 
ATOM   952  O  O   . GLU A 1 128 ? -13.978 12.898  -4.127  1.00 39.38 ? 128 GLU A O   1 
ATOM   953  C  CB  . GLU A 1 128 ? -14.922 10.212  -3.212  1.00 39.58 ? 128 GLU A CB  1 
ATOM   954  C  CG  . GLU A 1 128 ? -15.658 8.888   -3.124  1.00 42.62 ? 128 GLU A CG  1 
ATOM   955  C  CD  . GLU A 1 128 ? -16.420 8.795   -1.809  1.00 44.25 ? 128 GLU A CD  1 
ATOM   956  O  OE1 . GLU A 1 128 ? -15.901 9.275   -0.776  1.00 45.49 ? 128 GLU A OE1 1 
ATOM   957  O  OE2 . GLU A 1 128 ? -17.539 8.247   -1.837  1.00 45.69 ? 128 GLU A OE2 1 
ATOM   958  N  N   . GLU A 1 129 ? -15.349 12.374  -5.824  1.00 43.37 ? 129 GLU A N   1 
ATOM   959  C  CA  . GLU A 1 129 ? -15.615 13.690  -6.339  1.00 46.84 ? 129 GLU A CA  1 
ATOM   960  C  C   . GLU A 1 129 ? -15.944 14.791  -5.353  1.00 47.68 ? 129 GLU A C   1 
ATOM   961  O  O   . GLU A 1 129 ? -16.095 14.597  -4.135  1.00 48.31 ? 129 GLU A O   1 
ATOM   962  C  CB  . GLU A 1 129 ? -16.754 13.596  -7.381  1.00 47.91 ? 129 GLU A CB  1 
ATOM   963  C  CG  . GLU A 1 129 ? -16.366 12.847  -8.646  1.00 49.36 ? 129 GLU A CG  1 
ATOM   964  C  CD  . GLU A 1 129 ? -16.423 11.340  -8.527  1.00 49.95 ? 129 GLU A CD  1 
ATOM   965  O  OE1 . GLU A 1 129 ? -15.904 10.639  -9.431  1.00 50.86 ? 129 GLU A OE1 1 
ATOM   966  O  OE2 . GLU A 1 129 ? -16.995 10.834  -7.536  1.00 50.19 ? 129 GLU A OE2 1 
ATOM   967  O  OXT . GLU A 1 129 ? -16.058 15.935  -5.873  1.00 49.17 ? 129 GLU A OXT 1 
HETATM 968  CU CU  . CU  B 2 .   ? 1.778   -8.645  2.973   1.00 23.71 ? 130 CU  A CU  1 
HETATM 969  O  O   . HOH C 3 .   ? -2.932  -9.307  6.880   1.00 30.68 ? 131 HOH A O   1 
HETATM 970  O  O   . HOH C 3 .   ? -10.538 17.553  7.508   1.00 45.57 ? 132 HOH A O   1 
HETATM 971  O  O   . HOH C 3 .   ? -8.533  14.503  8.499   1.00 36.25 ? 133 HOH A O   1 
HETATM 972  O  O   . HOH C 3 .   ? -3.762  13.718  6.003   1.00 25.41 ? 134 HOH A O   1 
HETATM 973  O  O   . HOH C 3 .   ? -6.684  -8.221  8.265   1.00 48.23 ? 135 HOH A O   1 
HETATM 974  O  O   . HOH C 3 .   ? -3.502  -12.030 12.912  1.00 27.76 ? 136 HOH A O   1 
HETATM 975  O  O   . HOH C 3 .   ? -6.801  -7.810  1.061   1.00 28.91 ? 137 HOH A O   1 
HETATM 976  O  O   . HOH C 3 .   ? -11.467 -7.183  3.965   1.00 39.26 ? 138 HOH A O   1 
HETATM 977  O  O   . HOH C 3 .   ? -13.600 -4.297  2.308   1.00 32.16 ? 139 HOH A O   1 
HETATM 978  O  O   . HOH C 3 .   ? -12.321 4.851   2.521   1.00 36.68 ? 140 HOH A O   1 
HETATM 979  O  O   . HOH C 3 .   ? -5.692  17.542  3.578   1.00 37.56 ? 141 HOH A O   1 
HETATM 980  O  O   . HOH C 3 .   ? 9.136   -7.508  12.742  1.00 23.91 ? 142 HOH A O   1 
HETATM 981  O  O   . HOH C 3 .   ? 12.144  -10.196 11.791  1.00 20.47 ? 143 HOH A O   1 
HETATM 982  O  O   . HOH C 3 .   ? 7.564   -8.003  14.879  1.00 22.85 ? 144 HOH A O   1 
HETATM 983  O  O   . HOH C 3 .   ? 9.691   -2.805  10.212  1.00 16.90 ? 145 HOH A O   1 
HETATM 984  O  O   . HOH C 3 .   ? 13.059  -12.597 12.904  1.00 23.62 ? 146 HOH A O   1 
HETATM 985  O  O   . HOH C 3 .   ? 4.449   -14.718 3.977   1.00 25.36 ? 147 HOH A O   1 
HETATM 986  O  O   . HOH C 3 .   ? 1.460   3.684   -11.409 1.00 16.69 ? 148 HOH A O   1 
HETATM 987  O  O   . HOH C 3 .   ? 9.046   -2.015  -7.790  1.00 17.20 ? 149 HOH A O   1 
HETATM 988  O  O   . HOH C 3 .   ? 15.857  -9.563  0.623   1.00 39.03 ? 150 HOH A O   1 
HETATM 989  O  O   . HOH C 3 .   ? 12.350  1.513   0.716   1.00 17.55 ? 151 HOH A O   1 
HETATM 990  O  O   . HOH C 3 .   ? 12.513  1.548   -2.232  1.00 20.43 ? 152 HOH A O   1 
HETATM 991  O  O   . HOH C 3 .   ? 11.600  3.685   -3.725  1.00 33.98 ? 153 HOH A O   1 
HETATM 992  O  O   . HOH C 3 .   ? 11.004  -1.879  7.077   1.00 18.61 ? 154 HOH A O   1 
HETATM 993  O  O   . HOH C 3 .   ? 13.052  0.836   5.672   1.00 16.59 ? 155 HOH A O   1 
HETATM 994  O  O   . HOH C 3 .   ? 5.654   7.237   -0.299  1.00 18.86 ? 156 HOH A O   1 
HETATM 995  O  O   . HOH C 3 .   ? 6.022   0.617   15.208  1.00 19.51 ? 157 HOH A O   1 
HETATM 996  O  O   . HOH C 3 .   ? 0.801   8.921   -11.725 1.00 51.68 ? 158 HOH A O   1 
HETATM 997  O  O   . HOH C 3 .   ? -9.561  3.498   -8.867  1.00 25.52 ? 159 HOH A O   1 
HETATM 998  O  O   . HOH C 3 .   ? 6.041   -15.195 0.968   1.00 45.00 ? 160 HOH A O   1 
HETATM 999  O  O   . HOH C 3 .   ? 3.740   -9.491  -3.424  1.00 34.14 ? 161 HOH A O   1 
HETATM 1000 O  O   . HOH C 3 .   ? -9.325  7.793   -9.577  1.00 40.78 ? 162 HOH A O   1 
HETATM 1001 O  O   . HOH C 3 .   ? -7.296  6.760   10.711  1.00 35.29 ? 163 HOH A O   1 
HETATM 1002 O  O   . HOH C 3 .   ? -1.693  -13.039 17.034  1.00 20.76 ? 164 HOH A O   1 
HETATM 1003 O  O   . HOH C 3 .   ? -1.324  -10.547 18.145  1.00 20.10 ? 165 HOH A O   1 
HETATM 1004 O  O   . HOH C 3 .   ? -3.381  18.045  -3.398  1.00 31.68 ? 166 HOH A O   1 
HETATM 1005 O  O   . HOH C 3 .   ? 6.320   -8.639  -4.952  1.00 30.05 ? 167 HOH A O   1 
HETATM 1006 O  O   . HOH C 3 .   ? -0.043  3.832   12.345  1.00 34.86 ? 168 HOH A O   1 
HETATM 1007 O  O   . HOH C 3 .   ? -15.385 16.143  0.350   1.00 42.99 ? 169 HOH A O   1 
HETATM 1008 O  O   . HOH C 3 .   ? 14.386  -5.408  -9.003  1.00 35.73 ? 170 HOH A O   1 
HETATM 1009 O  O   . HOH C 3 .   ? 15.152  -3.850  9.323   1.00 42.16 ? 171 HOH A O   1 
HETATM 1010 O  O   . HOH C 3 .   ? 9.370   -2.126  16.330  1.00 39.56 ? 172 HOH A O   1 
HETATM 1011 O  O   . HOH C 3 .   ? 0.523   -2.800  15.559  1.00 26.50 ? 173 HOH A O   1 
HETATM 1012 O  O   . HOH C 3 .   ? 10.929  -8.508  5.447   1.00 35.14 ? 174 HOH A O   1 
HETATM 1013 O  O   . HOH C 3 .   ? 12.714  -10.648 4.298   1.00 41.17 ? 175 HOH A O   1 
HETATM 1014 O  O   . HOH C 3 .   ? 9.417   -16.189 13.949  1.00 26.24 ? 176 HOH A O   1 
HETATM 1015 O  O   . HOH C 3 .   ? 6.381   -15.225 10.550  1.00 48.92 ? 177 HOH A O   1 
HETATM 1016 O  O   . HOH C 3 .   ? -4.572  1.679   -14.476 1.00 25.01 ? 178 HOH A O   1 
HETATM 1017 O  O   . HOH C 3 .   ? 2.088   -4.376  -14.880 1.00 27.52 ? 179 HOH A O   1 
HETATM 1018 O  O   . HOH C 3 .   ? -1.204  -4.987  -13.493 1.00 26.94 ? 180 HOH A O   1 
HETATM 1019 O  O   . HOH C 3 .   ? 3.809   -9.812  -11.202 1.00 32.84 ? 181 HOH A O   1 
HETATM 1020 O  O   . HOH C 3 .   ? 3.511   -8.009  -15.161 1.00 29.28 ? 182 HOH A O   1 
HETATM 1021 O  O   . HOH C 3 .   ? 14.297  -10.101 -2.684  1.00 39.50 ? 183 HOH A O   1 
HETATM 1022 O  O   . HOH C 3 .   ? 12.715  7.790   -11.050 1.00 35.88 ? 184 HOH A O   1 
HETATM 1023 O  O   . HOH C 3 .   ? 3.062   4.445   -15.230 1.00 31.74 ? 185 HOH A O   1 
HETATM 1024 O  O   . HOH C 3 .   ? 7.658   6.866   1.469   1.00 38.89 ? 186 HOH A O   1 
HETATM 1025 O  O   . HOH C 3 .   ? 3.793   10.406  -2.849  1.00 35.49 ? 187 HOH A O   1 
HETATM 1026 O  O   . HOH C 3 .   ? 4.325   9.963   0.112   1.00 31.97 ? 188 HOH A O   1 
HETATM 1027 O  O   . HOH C 3 .   ? 2.558   12.812  -3.052  1.00 35.35 ? 189 HOH A O   1 
HETATM 1028 O  O   . HOH C 3 .   ? -1.427  -13.792 -2.219  1.00 38.16 ? 190 HOH A O   1 
HETATM 1029 O  O   . HOH C 3 .   ? 9.571   -8.773  16.636  1.00 21.74 ? 191 HOH A O   1 
HETATM 1030 O  O   . HOH C 3 .   ? 12.487  -8.325  13.580  1.00 33.86 ? 192 HOH A O   1 
HETATM 1031 O  O   . HOH C 3 .   ? 7.194   -5.962  17.524  1.00 43.21 ? 193 HOH A O   1 
HETATM 1032 O  O   . HOH C 3 .   ? 12.802  -4.238  6.154   1.00 43.99 ? 194 HOH A O   1 
HETATM 1033 O  O   . HOH C 3 .   ? -10.191 4.079   9.423   1.00 38.30 ? 195 HOH A O   1 
HETATM 1034 O  O   . HOH C 3 .   ? -7.476  19.496  3.113   1.00 47.59 ? 196 HOH A O   1 
HETATM 1035 O  O   . HOH C 3 .   ? -9.766  2.033   5.717   1.00 44.42 ? 197 HOH A O   1 
HETATM 1036 O  O   . HOH C 3 .   ? 8.871   -16.008 11.068  1.00 29.76 ? 198 HOH A O   1 
HETATM 1037 O  O   . HOH C 3 .   ? 1.889   6.412   -11.770 1.00 34.17 ? 199 HOH A O   1 
HETATM 1038 O  O   . HOH C 3 .   ? -8.731  -1.602  -11.563 1.00 39.64 ? 200 HOH A O   1 
HETATM 1039 O  O   . HOH C 3 .   ? -7.533  18.208  6.263   1.00 46.31 ? 201 HOH A O   1 
HETATM 1040 O  O   . HOH C 3 .   ? -4.121  -4.853  -11.599 1.00 34.27 ? 202 HOH A O   1 
HETATM 1041 O  O   . HOH C 3 .   ? 6.010   -7.802  -17.478 1.00 26.65 ? 203 HOH A O   1 
HETATM 1042 O  O   . HOH C 3 .   ? 14.738  -11.470 2.328   1.00 44.03 ? 204 HOH A O   1 
HETATM 1043 O  O   . HOH C 3 .   ? 15.469  1.204   3.960   1.00 40.38 ? 205 HOH A O   1 
HETATM 1044 O  O   . HOH C 3 .   ? 13.825  2.080   -11.183 1.00 39.97 ? 206 HOH A O   1 
HETATM 1045 O  O   . HOH C 3 .   ? 8.871   4.583   -5.506  1.00 39.82 ? 207 HOH A O   1 
HETATM 1046 O  O   . HOH C 3 .   ? 14.822  -10.434 6.542   1.00 57.67 ? 208 HOH A O   1 
HETATM 1047 O  O   . HOH C 3 .   ? 2.857   10.437  -8.727  1.00 41.30 ? 209 HOH A O   1 
HETATM 1048 O  O   . HOH C 3 .   ? 7.173   7.959   -2.561  1.00 31.59 ? 210 HOH A O   1 
HETATM 1049 O  O   . HOH C 3 .   ? 4.277   12.929  2.705   1.00 45.41 ? 211 HOH A O   1 
HETATM 1050 O  O   . HOH C 3 .   ? 0.919   -14.388 -4.803  1.00 66.80 ? 212 HOH A O   1 
# 
